data_4M01
#
_entry.id   4M01
#
_cell.length_a   135.704
_cell.length_b   179.644
_cell.length_c   71.510
_cell.angle_alpha   90.00
_cell.angle_beta   89.77
_cell.angle_gamma   90.00
#
_symmetry.space_group_name_H-M   'C 1 2 1'
#
loop_
_entity.id
_entity.type
_entity.pdbx_description
1 polymer 'Serine-rich adhesin for platelets'
2 non-polymer 'CALCIUM ION'
3 non-polymer GLYCEROL
4 water water
#
_entity_poly.entity_id   1
_entity_poly.type   'polypeptide(L)'
_entity_poly.pdbx_seq_one_letter_code
;(MSE)GSSHHHHHHSSGLVPRGSH(MSE)AS(MSE)TGGQQ(MSE)GRGSFASAATTTAVTANTITVNKDNLKQY(MSE)
TTSGNATYDQSTGIVTLTQDAYSQKGAITLGTRIDSNKSFHFSGKVNLGNKYEGHGNGGDGIGFAFSPGVLGETGLNGAA
VGIGGLSNAFGFKLDTYHNTSKPNSAAKANADPSNVAGGGAFGAFVTTDSYGVATTYTSSSTADNAAKLNVQPTNNTFQD
FDINYNGDTKV(MSE)TVKYAGQTWTRNISDWIAKSGTTNFSLS(MSE)TASTGGATNLQQVQFGTFEYTESAVTQVRYV
DVTTGKDIIPPKTYSGNVDQVVTIDNQQSALTAKGYNYTSVDSSYASTYNDTNKTVK(MSE)TNAGQSVTYYFTDVK
;
_entity_poly.pdbx_strand_id   A,B,C,D
#
loop_
_chem_comp.id
_chem_comp.type
_chem_comp.name
_chem_comp.formula
CA non-polymer 'CALCIUM ION' 'Ca 2'
GOL non-polymer GLYCEROL 'C3 H8 O3'
#
# COMPACT_ATOMS: atom_id res chain seq x y z
N ALA A 43 20.14 27.58 30.70
CA ALA A 43 21.56 27.63 30.34
C ALA A 43 22.08 26.28 29.87
N VAL A 44 21.66 25.20 30.50
CA VAL A 44 22.09 23.87 30.04
C VAL A 44 21.07 23.29 29.06
N THR A 45 21.49 23.06 27.83
CA THR A 45 20.62 22.54 26.76
C THR A 45 21.02 21.15 26.34
N ALA A 46 22.31 20.95 26.10
CA ALA A 46 22.84 19.63 25.72
C ALA A 46 23.94 19.16 26.69
N ASN A 47 23.71 18.06 27.41
CA ASN A 47 24.70 17.57 28.36
C ASN A 47 25.79 16.78 27.67
N THR A 48 26.98 16.79 28.27
CA THR A 48 28.04 15.87 27.90
C THR A 48 27.93 14.66 28.84
N ILE A 49 27.56 13.52 28.29
CA ILE A 49 27.24 12.36 29.13
C ILE A 49 28.44 11.39 29.15
N THR A 50 28.67 10.74 30.28
CA THR A 50 29.57 9.59 30.29
C THR A 50 28.78 8.36 30.69
N VAL A 51 28.56 7.46 29.72
CA VAL A 51 27.97 6.17 30.00
C VAL A 51 29.05 5.28 30.59
N ASN A 52 28.72 4.56 31.66
CA ASN A 52 29.64 3.63 32.29
C ASN A 52 28.85 2.39 32.68
N LYS A 53 29.49 1.41 33.28
CA LYS A 53 28.80 0.14 33.49
C LYS A 53 27.57 0.29 34.40
N ASP A 54 27.60 1.22 35.33
CA ASP A 54 26.48 1.40 36.25
C ASP A 54 25.28 2.18 35.70
N ASN A 55 25.52 3.12 34.80
CA ASN A 55 24.38 3.84 34.19
C ASN A 55 24.02 3.35 32.78
N LEU A 56 24.69 2.30 32.31
CA LEU A 56 24.45 1.84 30.94
C LEU A 56 22.98 1.67 30.56
N LYS A 57 22.18 1.04 31.42
CA LYS A 57 20.79 0.74 31.04
C LYS A 57 19.95 2.03 30.95
N GLN A 58 20.40 3.07 31.62
CA GLN A 58 19.73 4.36 31.54
C GLN A 58 19.92 5.01 30.18
N TYR A 59 21.08 4.82 29.55
CA TYR A 59 21.35 5.49 28.28
C TYR A 59 21.26 4.61 27.03
N MSE A 60 21.17 3.30 27.21
CA MSE A 60 21.35 2.39 26.08
C MSE A 60 20.39 1.24 26.18
O MSE A 60 19.94 0.90 27.28
CB MSE A 60 22.78 1.84 26.03
CG MSE A 60 23.86 2.92 25.97
SE MSE A 60 25.67 2.17 25.54
CE MSE A 60 25.30 1.78 23.66
N THR A 61 20.10 0.62 25.04
CA THR A 61 19.19 -0.51 25.00
C THR A 61 19.73 -1.70 24.24
N THR A 62 19.72 -2.87 24.89
CA THR A 62 20.11 -4.10 24.25
C THR A 62 18.93 -4.68 23.46
N SER A 63 19.23 -5.39 22.39
CA SER A 63 18.16 -6.07 21.66
C SER A 63 18.61 -7.44 21.15
N GLY A 64 17.65 -8.26 20.70
CA GLY A 64 17.95 -9.53 20.10
C GLY A 64 18.59 -10.46 21.12
N ASN A 65 19.68 -11.11 20.75
CA ASN A 65 20.34 -12.04 21.66
C ASN A 65 21.23 -11.38 22.71
N ALA A 66 21.40 -10.05 22.64
CA ALA A 66 22.34 -9.36 23.52
C ALA A 66 21.93 -9.42 24.97
N THR A 67 22.89 -9.59 25.87
CA THR A 67 22.58 -9.55 27.29
C THR A 67 23.63 -8.70 27.96
N TYR A 68 23.34 -8.23 29.16
CA TYR A 68 24.26 -7.34 29.84
C TYR A 68 24.52 -7.75 31.28
N ASP A 69 25.80 -7.76 31.66
CA ASP A 69 26.17 -8.00 33.06
C ASP A 69 26.66 -6.70 33.71
N GLN A 70 25.81 -6.12 34.55
CA GLN A 70 26.12 -4.83 35.13
C GLN A 70 27.31 -4.85 36.10
N SER A 71 27.54 -5.99 36.75
CA SER A 71 28.68 -6.08 37.65
C SER A 71 30.00 -5.99 36.90
N THR A 72 30.04 -6.53 35.68
CA THR A 72 31.28 -6.44 34.89
C THR A 72 31.33 -5.41 33.75
N GLY A 73 30.18 -4.79 33.46
CA GLY A 73 30.07 -3.96 32.28
C GLY A 73 30.13 -4.72 30.95
N ILE A 74 30.02 -6.05 30.99
CA ILE A 74 30.11 -6.83 29.75
C ILE A 74 28.78 -6.99 29.02
N VAL A 75 28.75 -6.50 27.79
CA VAL A 75 27.62 -6.72 26.91
C VAL A 75 27.97 -7.91 26.05
N THR A 76 27.24 -9.01 26.22
CA THR A 76 27.38 -10.13 25.32
C THR A 76 26.41 -9.95 24.14
N LEU A 77 26.95 -9.70 22.95
CA LEU A 77 26.11 -9.48 21.76
C LEU A 77 25.65 -10.81 21.18
N THR A 78 26.56 -11.79 21.09
CA THR A 78 26.20 -13.16 20.73
C THR A 78 27.04 -14.13 21.57
N GLN A 79 26.43 -15.23 21.95
CA GLN A 79 27.19 -16.38 22.45
C GLN A 79 27.78 -17.15 21.27
N ASP A 80 28.59 -18.18 21.54
CA ASP A 80 29.22 -18.87 20.43
C ASP A 80 28.26 -20.03 20.06
N ALA A 81 27.37 -19.69 19.15
CA ALA A 81 26.24 -20.53 18.72
C ALA A 81 25.74 -20.03 17.39
N TYR A 82 24.97 -20.87 16.70
CA TYR A 82 24.40 -20.54 15.40
C TYR A 82 23.41 -19.39 15.42
N SER A 83 23.40 -18.62 14.33
CA SER A 83 22.25 -17.79 14.00
C SER A 83 21.84 -16.89 15.13
N GLN A 84 22.80 -16.17 15.70
CA GLN A 84 22.53 -15.20 16.73
C GLN A 84 22.63 -13.80 16.15
N LYS A 85 21.89 -12.87 16.73
CA LYS A 85 22.12 -11.47 16.42
C LYS A 85 21.81 -10.67 17.66
N GLY A 86 22.68 -9.73 18.01
CA GLY A 86 22.47 -8.96 19.21
C GLY A 86 23.08 -7.59 19.00
N ALA A 87 22.51 -6.60 19.68
CA ALA A 87 22.92 -5.23 19.49
C ALA A 87 22.74 -4.44 20.74
N ILE A 88 23.51 -3.38 20.86
CA ILE A 88 23.18 -2.37 21.85
C ILE A 88 23.14 -1.01 21.11
N THR A 89 22.16 -0.17 21.44
CA THR A 89 22.03 1.13 20.78
C THR A 89 21.94 2.23 21.82
N LEU A 90 22.45 3.41 21.48
CA LEU A 90 22.48 4.54 22.39
C LEU A 90 21.22 5.36 22.12
N GLY A 91 20.48 5.69 23.18
CA GLY A 91 19.13 6.26 23.02
C GLY A 91 19.11 7.77 22.82
N THR A 92 20.25 8.36 22.52
CA THR A 92 20.29 9.79 22.27
C THR A 92 21.24 10.02 21.12
N ARG A 93 20.94 11.02 20.29
CA ARG A 93 21.80 11.30 19.16
C ARG A 93 23.11 11.91 19.64
N ILE A 94 24.18 11.58 18.93
CA ILE A 94 25.51 12.09 19.26
C ILE A 94 25.82 13.30 18.40
N ASP A 95 26.29 14.39 18.99
CA ASP A 95 26.62 15.57 18.20
C ASP A 95 28.08 15.49 17.70
N SER A 96 28.26 15.32 16.41
CA SER A 96 29.61 15.21 15.81
C SER A 96 30.32 16.54 15.68
N ASN A 97 29.62 17.63 16.02
CA ASN A 97 30.32 18.90 16.20
C ASN A 97 31.08 18.93 17.51
N LYS A 98 30.89 17.89 18.35
CA LYS A 98 31.62 17.78 19.61
C LYS A 98 32.37 16.45 19.58
N SER A 99 33.35 16.30 20.46
CA SER A 99 34.11 15.06 20.50
C SER A 99 33.29 13.94 21.11
N PHE A 100 33.72 12.70 20.86
CA PHE A 100 33.15 11.58 21.59
C PHE A 100 34.17 10.46 21.65
N HIS A 101 34.01 9.59 22.66
CA HIS A 101 35.06 8.62 22.96
C HIS A 101 34.50 7.34 23.55
N PHE A 102 34.79 6.22 22.91
CA PHE A 102 34.53 4.94 23.55
C PHE A 102 35.84 4.39 23.99
N SER A 103 35.88 3.93 25.23
CA SER A 103 37.08 3.33 25.78
C SER A 103 36.64 2.09 26.56
N GLY A 104 37.14 0.91 26.16
CA GLY A 104 36.64 -0.34 26.71
C GLY A 104 37.41 -1.52 26.18
N LYS A 105 36.77 -2.68 26.17
CA LYS A 105 37.41 -3.89 25.63
C LYS A 105 36.41 -4.66 24.76
N VAL A 106 36.94 -5.48 23.86
CA VAL A 106 36.14 -6.30 22.94
C VAL A 106 36.67 -7.72 22.93
N ASN A 107 35.77 -8.68 23.04
CA ASN A 107 36.12 -10.05 22.75
C ASN A 107 35.49 -10.44 21.41
N LEU A 108 36.33 -10.77 20.43
CA LEU A 108 35.90 -11.09 19.09
C LEU A 108 35.65 -12.57 18.92
N GLY A 109 36.00 -13.35 19.93
CA GLY A 109 35.82 -14.77 19.89
C GLY A 109 37.08 -15.60 19.78
N ASN A 110 36.89 -16.86 19.46
CA ASN A 110 38.03 -17.78 19.33
C ASN A 110 38.30 -18.38 17.95
N LYS A 111 37.53 -17.99 16.94
CA LYS A 111 37.64 -18.59 15.62
C LYS A 111 37.60 -17.48 14.58
N TYR A 112 38.22 -17.71 13.43
CA TYR A 112 38.27 -16.70 12.39
C TYR A 112 38.77 -17.35 11.10
N GLU A 113 38.80 -16.56 10.03
CA GLU A 113 39.13 -17.04 8.70
C GLU A 113 40.43 -17.85 8.71
N GLY A 114 40.36 -19.10 8.26
CA GLY A 114 41.50 -19.98 8.25
C GLY A 114 41.76 -20.66 9.60
N HIS A 115 41.06 -20.24 10.66
CA HIS A 115 41.25 -20.88 11.94
C HIS A 115 39.90 -21.19 12.55
N GLY A 116 39.34 -22.36 12.24
CA GLY A 116 38.00 -22.69 12.66
C GLY A 116 36.89 -21.89 11.98
N ASN A 117 35.63 -22.21 12.28
CA ASN A 117 34.61 -21.53 11.52
C ASN A 117 34.03 -20.40 12.37
N GLY A 118 34.69 -19.25 12.27
CA GLY A 118 34.31 -18.12 13.10
C GLY A 118 33.59 -17.06 12.33
N GLY A 119 32.69 -16.32 12.98
CA GLY A 119 32.01 -15.19 12.36
C GLY A 119 30.94 -14.71 13.33
N ASP A 120 30.20 -13.64 12.98
CA ASP A 120 30.43 -12.86 11.76
C ASP A 120 31.33 -11.65 11.94
N GLY A 121 31.56 -11.26 13.20
CA GLY A 121 32.24 -10.00 13.49
C GLY A 121 31.33 -8.97 14.15
N ILE A 122 31.94 -7.87 14.62
CA ILE A 122 31.21 -6.86 15.38
C ILE A 122 31.33 -5.54 14.63
N GLY A 123 30.20 -4.86 14.43
CA GLY A 123 30.20 -3.54 13.81
C GLY A 123 29.89 -2.42 14.78
N PHE A 124 30.53 -1.27 14.56
CA PHE A 124 30.24 -0.09 15.35
C PHE A 124 29.80 0.95 14.33
N ALA A 125 28.53 1.31 14.39
CA ALA A 125 27.91 2.10 13.34
C ALA A 125 27.42 3.43 13.82
N PHE A 126 27.61 4.44 12.96
CA PHE A 126 27.07 5.78 13.17
C PHE A 126 26.14 6.11 12.02
N SER A 127 24.85 6.32 12.33
CA SER A 127 23.84 6.39 11.31
C SER A 127 23.10 7.73 11.34
N PRO A 128 22.87 8.32 10.16
CA PRO A 128 22.05 9.54 10.08
C PRO A 128 20.55 9.22 10.26
N GLY A 129 20.20 7.93 10.16
CA GLY A 129 18.84 7.45 10.33
C GLY A 129 18.36 7.54 11.77
N VAL A 130 17.17 6.99 12.05
CA VAL A 130 16.54 7.19 13.37
C VAL A 130 17.21 6.39 14.49
N LEU A 131 17.06 6.86 15.73
CA LEU A 131 17.56 6.14 16.90
C LEU A 131 16.98 4.73 16.97
N GLY A 132 17.79 3.79 17.46
CA GLY A 132 17.33 2.46 17.75
C GLY A 132 17.46 1.47 16.61
N GLU A 133 17.70 1.97 15.40
CA GLU A 133 17.89 1.10 14.23
C GLU A 133 19.26 0.36 14.33
N THR A 134 19.34 -0.86 13.83
CA THR A 134 20.64 -1.55 13.74
C THR A 134 20.85 -2.13 12.35
N GLY A 135 22.10 -2.39 11.98
CA GLY A 135 22.39 -3.03 10.71
C GLY A 135 22.05 -4.50 10.71
N LEU A 136 22.40 -5.19 9.62
CA LEU A 136 21.95 -6.57 9.44
C LEU A 136 23.00 -7.54 9.93
N ASN A 137 22.66 -8.82 9.96
CA ASN A 137 23.57 -9.89 10.29
C ASN A 137 24.44 -10.24 9.09
N GLY A 138 25.37 -11.18 9.27
CA GLY A 138 26.18 -11.67 8.18
C GLY A 138 27.20 -10.67 7.65
N ALA A 139 27.39 -10.66 6.33
CA ALA A 139 28.45 -9.84 5.71
C ALA A 139 28.26 -8.35 5.94
N ALA A 140 27.07 -7.94 6.34
CA ALA A 140 26.82 -6.53 6.61
C ALA A 140 27.56 -6.13 7.89
N VAL A 141 27.89 -7.13 8.72
CA VAL A 141 28.55 -6.95 10.03
C VAL A 141 27.94 -5.80 10.84
N GLY A 142 26.61 -5.75 10.93
CA GLY A 142 25.93 -4.79 11.77
C GLY A 142 25.92 -3.36 11.26
N ILE A 143 26.49 -3.15 10.08
CA ILE A 143 26.58 -1.81 9.47
C ILE A 143 25.74 -1.75 8.17
N GLY A 144 26.03 -2.66 7.25
CA GLY A 144 25.15 -2.83 6.10
C GLY A 144 23.68 -2.90 6.54
N GLY A 145 22.83 -2.17 5.81
CA GLY A 145 21.42 -2.11 6.11
C GLY A 145 21.01 -0.77 6.67
N LEU A 146 21.99 -0.02 7.18
CA LEU A 146 21.75 1.35 7.57
C LEU A 146 22.15 2.22 6.37
N SER A 147 21.40 3.29 6.13
CA SER A 147 21.68 4.17 4.99
C SER A 147 22.65 5.28 5.25
N ASN A 148 23.56 5.48 4.29
CA ASN A 148 24.53 6.57 4.36
C ASN A 148 25.20 6.63 5.71
N ALA A 149 25.54 5.46 6.24
CA ALA A 149 26.14 5.37 7.56
C ALA A 149 27.66 5.17 7.42
N PHE A 150 28.36 5.26 8.53
CA PHE A 150 29.79 4.96 8.53
C PHE A 150 30.12 4.36 9.88
N GLY A 151 31.29 3.74 9.97
CA GLY A 151 31.64 3.05 11.19
C GLY A 151 32.88 2.23 11.01
N PHE A 152 33.01 1.25 11.88
CA PHE A 152 34.20 0.45 11.90
C PHE A 152 33.77 -0.95 12.25
N LYS A 153 34.44 -1.94 11.69
CA LYS A 153 34.13 -3.33 12.03
C LYS A 153 35.35 -4.16 12.33
N LEU A 154 35.13 -5.18 13.14
CA LEU A 154 36.11 -6.23 13.38
C LEU A 154 35.51 -7.47 12.76
N ASP A 155 36.13 -7.96 11.70
CA ASP A 155 35.47 -8.92 10.82
C ASP A 155 36.24 -10.23 10.82
N THR A 156 35.66 -11.27 11.39
CA THR A 156 36.35 -12.55 11.49
C THR A 156 36.05 -13.54 10.34
N TYR A 157 35.13 -13.18 9.45
CA TYR A 157 34.73 -14.11 8.37
C TYR A 157 34.89 -13.41 7.03
N HIS A 158 35.81 -13.88 6.21
CA HIS A 158 36.09 -13.11 5.01
C HIS A 158 35.10 -13.51 3.91
N ASN A 159 34.26 -12.57 3.48
CA ASN A 159 33.28 -12.90 2.48
C ASN A 159 33.96 -12.59 1.16
N THR A 160 34.52 -13.63 0.59
CA THR A 160 35.40 -13.49 -0.55
C THR A 160 34.59 -13.30 -1.82
N SER A 161 33.57 -14.13 -1.99
CA SER A 161 32.64 -13.96 -3.10
C SER A 161 31.56 -12.91 -2.76
N LYS A 162 30.96 -12.32 -3.78
CA LYS A 162 29.97 -11.28 -3.59
C LYS A 162 28.74 -11.79 -2.84
N PRO A 163 28.39 -11.11 -1.73
CA PRO A 163 27.17 -11.48 -1.00
C PRO A 163 25.95 -11.22 -1.89
N ASN A 164 24.84 -11.93 -1.63
CA ASN A 164 23.66 -11.67 -2.44
C ASN A 164 23.04 -10.32 -2.08
N SER A 165 22.03 -9.95 -2.82
CA SER A 165 21.48 -8.62 -2.74
C SER A 165 20.90 -8.34 -1.36
N ALA A 166 20.31 -9.36 -0.75
CA ALA A 166 19.65 -9.14 0.53
C ALA A 166 20.65 -8.86 1.67
N ALA A 167 21.91 -9.21 1.46
CA ALA A 167 22.93 -9.12 2.50
C ALA A 167 23.34 -7.66 2.77
N LYS A 168 23.16 -6.81 1.76
CA LYS A 168 23.47 -5.40 1.91
C LYS A 168 24.95 -5.20 2.15
N ALA A 169 25.76 -5.96 1.42
CA ALA A 169 27.19 -5.83 1.57
C ALA A 169 27.92 -6.23 0.30
N ASN A 170 28.94 -5.47 -0.06
CA ASN A 170 29.90 -5.91 -1.07
C ASN A 170 30.88 -6.94 -0.46
N ALA A 171 31.59 -7.68 -1.31
CA ALA A 171 32.58 -8.69 -0.85
C ALA A 171 33.62 -8.02 0.02
N ASP A 172 34.21 -8.75 0.97
CA ASP A 172 35.33 -8.17 1.71
C ASP A 172 36.50 -8.07 0.73
N PRO A 173 37.45 -7.17 1.02
CA PRO A 173 38.50 -6.83 0.04
C PRO A 173 39.57 -7.91 -0.06
N SER A 174 40.19 -8.00 -1.23
CA SER A 174 41.21 -9.02 -1.45
C SER A 174 42.45 -8.71 -0.62
N ASN A 175 42.70 -7.44 -0.34
CA ASN A 175 43.89 -7.13 0.47
C ASN A 175 43.86 -7.68 1.91
N VAL A 176 42.68 -8.02 2.41
CA VAL A 176 42.54 -8.77 3.67
C VAL A 176 42.17 -10.24 3.59
N ALA A 177 42.13 -10.79 2.39
CA ALA A 177 41.78 -12.20 2.21
C ALA A 177 42.93 -13.12 2.62
N GLY A 178 42.68 -14.41 2.62
CA GLY A 178 43.77 -15.37 2.72
C GLY A 178 44.02 -15.89 4.13
N GLY A 179 43.23 -15.40 5.08
CA GLY A 179 43.27 -15.81 6.48
C GLY A 179 43.62 -14.73 7.49
N GLY A 180 42.98 -14.87 8.65
CA GLY A 180 43.03 -13.86 9.69
C GLY A 180 41.79 -12.97 9.68
N ALA A 181 41.37 -12.55 10.87
CA ALA A 181 40.35 -11.54 11.05
C ALA A 181 40.94 -10.19 10.62
N PHE A 182 40.10 -9.20 10.35
CA PHE A 182 40.63 -7.90 9.94
C PHE A 182 39.75 -6.80 10.47
N GLY A 183 40.31 -5.60 10.66
CA GLY A 183 39.51 -4.44 10.96
C GLY A 183 39.48 -3.46 9.82
N ALA A 184 38.41 -2.67 9.75
CA ALA A 184 38.28 -1.68 8.68
C ALA A 184 37.20 -0.68 9.02
N PHE A 185 37.33 0.50 8.44
CA PHE A 185 36.22 1.42 8.33
C PHE A 185 35.26 0.83 7.30
N VAL A 186 34.00 1.25 7.36
CA VAL A 186 32.95 0.76 6.47
C VAL A 186 32.05 1.97 6.23
N THR A 187 31.52 2.11 5.01
CA THR A 187 30.47 3.10 4.77
C THR A 187 29.33 2.39 4.02
N THR A 188 28.12 2.93 4.09
CA THR A 188 27.02 2.38 3.32
C THR A 188 26.49 3.44 2.38
N ASP A 189 25.87 3.01 1.29
CA ASP A 189 25.33 3.96 0.33
C ASP A 189 23.86 4.26 0.69
N SER A 190 23.16 4.99 -0.19
CA SER A 190 21.79 5.39 0.10
C SER A 190 20.84 4.18 0.26
N TYR A 191 21.24 3.03 -0.27
CA TYR A 191 20.41 1.82 -0.18
C TYR A 191 20.84 0.90 0.97
N GLY A 192 21.79 1.36 1.79
CA GLY A 192 22.23 0.57 2.92
C GLY A 192 23.30 -0.46 2.58
N VAL A 193 23.80 -0.47 1.34
CA VAL A 193 24.82 -1.45 0.97
C VAL A 193 26.19 -1.08 1.55
N ALA A 194 26.80 -2.01 2.31
CA ALA A 194 28.08 -1.77 2.97
C ALA A 194 29.30 -2.01 2.08
N THR A 195 30.27 -1.13 2.16
CA THR A 195 31.53 -1.34 1.46
C THR A 195 32.65 -1.18 2.48
N THR A 196 33.50 -2.19 2.58
CA THR A 196 34.65 -2.13 3.41
C THR A 196 35.63 -1.13 2.84
N TYR A 197 36.14 -0.22 3.68
CA TYR A 197 36.90 0.90 3.13
C TYR A 197 38.32 0.42 2.90
N THR A 198 38.89 0.76 1.75
CA THR A 198 40.31 0.48 1.51
C THR A 198 40.97 1.70 0.91
N SER A 199 42.30 1.74 0.97
CA SER A 199 43.04 2.84 0.40
C SER A 199 44.50 2.49 0.30
N SER A 200 45.26 3.42 -0.25
CA SER A 200 46.68 3.21 -0.43
C SER A 200 47.42 3.71 0.79
N SER A 201 46.69 4.19 1.80
CA SER A 201 47.28 4.72 3.04
C SER A 201 47.30 3.71 4.21
N THR A 202 48.43 3.59 4.90
CA THR A 202 48.49 2.75 6.11
C THR A 202 47.63 3.30 7.27
N ALA A 203 47.30 4.58 7.22
CA ALA A 203 46.50 5.17 8.30
C ALA A 203 45.08 4.59 8.38
N ASP A 204 44.40 4.52 7.24
CA ASP A 204 43.02 4.07 7.15
C ASP A 204 42.65 2.81 6.35
N ASN A 205 43.62 2.17 5.69
CA ASN A 205 43.32 0.99 4.88
C ASN A 205 42.80 -0.17 5.76
N ALA A 206 41.98 -1.04 5.20
CA ALA A 206 41.55 -2.24 5.90
C ALA A 206 42.83 -3.03 6.19
N ALA A 207 42.89 -3.71 7.33
CA ALA A 207 44.12 -4.44 7.70
C ALA A 207 43.83 -5.67 8.55
N LYS A 208 44.58 -6.74 8.33
CA LYS A 208 44.42 -7.92 9.15
C LYS A 208 44.82 -7.56 10.57
N LEU A 209 44.17 -8.15 11.57
CA LEU A 209 44.42 -7.77 12.95
C LEU A 209 45.81 -8.27 13.36
N ASN A 210 46.59 -7.39 13.99
CA ASN A 210 47.88 -7.77 14.53
C ASN A 210 47.72 -8.90 15.55
N VAL A 211 46.63 -8.81 16.33
CA VAL A 211 46.34 -9.80 17.37
C VAL A 211 45.07 -10.55 16.99
N GLN A 212 45.23 -11.82 16.62
CA GLN A 212 44.11 -12.61 16.11
C GLN A 212 43.30 -13.18 17.28
N PRO A 213 41.97 -13.33 17.12
CA PRO A 213 41.13 -13.79 18.24
C PRO A 213 41.12 -15.32 18.34
N THR A 214 42.16 -15.89 18.96
CA THR A 214 42.27 -17.33 19.09
C THR A 214 41.59 -17.91 20.33
N ASN A 215 41.52 -17.10 21.37
CA ASN A 215 41.12 -17.57 22.70
C ASN A 215 39.98 -16.96 23.53
N ASN A 216 39.14 -16.10 22.96
CA ASN A 216 38.14 -15.39 23.78
C ASN A 216 38.83 -14.49 24.81
N THR A 217 39.76 -13.67 24.35
CA THR A 217 40.41 -12.70 25.22
C THR A 217 39.86 -11.31 24.91
N PHE A 218 39.49 -10.54 25.93
CA PHE A 218 39.07 -9.15 25.76
C PHE A 218 40.27 -8.31 25.46
N GLN A 219 40.23 -7.57 24.35
CA GLN A 219 41.35 -6.72 23.95
C GLN A 219 40.95 -5.26 24.09
N ASP A 220 41.90 -4.41 24.43
CA ASP A 220 41.61 -2.99 24.49
C ASP A 220 41.02 -2.55 23.17
N PHE A 221 39.96 -1.76 23.26
CA PHE A 221 39.31 -1.19 22.09
C PHE A 221 38.88 0.24 22.38
N ASP A 222 39.18 1.13 21.45
CA ASP A 222 38.96 2.54 21.67
C ASP A 222 38.52 3.17 20.36
N ILE A 223 37.49 4.00 20.41
CA ILE A 223 37.10 4.83 19.30
C ILE A 223 37.12 6.25 19.80
N ASN A 224 38.03 7.04 19.25
CA ASN A 224 38.13 8.41 19.68
C ASN A 224 37.81 9.35 18.53
N TYR A 225 36.99 10.35 18.80
CA TYR A 225 36.56 11.24 17.72
C TYR A 225 36.69 12.67 18.18
N ASN A 226 37.30 13.49 17.33
CA ASN A 226 37.53 14.91 17.61
C ASN A 226 36.50 15.80 16.88
N GLY A 227 35.65 16.50 17.63
CA GLY A 227 34.61 17.31 17.02
C GLY A 227 35.10 18.50 16.18
N ASP A 228 36.30 19.00 16.46
CA ASP A 228 36.85 20.07 15.63
C ASP A 228 37.44 19.57 14.32
N THR A 229 38.27 18.54 14.40
CA THR A 229 39.02 18.12 13.23
C THR A 229 38.25 17.03 12.47
N LYS A 230 37.18 16.53 13.08
CA LYS A 230 36.41 15.42 12.52
C LYS A 230 37.25 14.17 12.34
N VAL A 231 38.34 14.06 13.10
CA VAL A 231 39.20 12.90 12.94
C VAL A 231 38.74 11.77 13.86
N MSE A 232 38.45 10.62 13.26
CA MSE A 232 38.16 9.43 14.04
C MSE A 232 39.35 8.45 14.08
O MSE A 232 39.88 8.04 13.03
CB MSE A 232 36.93 8.71 13.48
CG MSE A 232 36.59 7.40 14.24
SE MSE A 232 34.99 6.52 13.50
CE MSE A 232 33.61 7.60 14.44
N THR A 233 39.71 8.05 15.29
CA THR A 233 40.80 7.15 15.56
C THR A 233 40.29 5.91 16.28
N VAL A 234 40.64 4.74 15.75
CA VAL A 234 40.15 3.47 16.27
C VAL A 234 41.37 2.64 16.62
N LYS A 235 41.35 2.04 17.79
CA LYS A 235 42.48 1.24 18.22
C LYS A 235 41.96 -0.06 18.80
N TYR A 236 42.48 -1.17 18.29
CA TYR A 236 42.16 -2.51 18.77
C TYR A 236 43.46 -3.25 19.05
N ALA A 237 43.65 -3.68 20.29
CA ALA A 237 44.83 -4.47 20.67
C ALA A 237 46.15 -3.91 20.15
N GLY A 238 46.34 -2.60 20.31
CA GLY A 238 47.59 -1.94 19.95
C GLY A 238 47.69 -1.48 18.50
N GLN A 239 46.69 -1.84 17.71
CA GLN A 239 46.65 -1.50 16.29
C GLN A 239 45.71 -0.31 16.00
N THR A 240 46.16 0.63 15.18
CA THR A 240 45.41 1.88 14.98
C THR A 240 44.92 2.11 13.54
N TRP A 241 43.71 2.65 13.43
CA TRP A 241 43.21 3.17 12.18
C TRP A 241 42.78 4.60 12.44
N THR A 242 43.13 5.53 11.55
CA THR A 242 42.63 6.87 11.74
C THR A 242 42.29 7.60 10.46
N ARG A 243 41.19 8.36 10.50
CA ARG A 243 40.76 9.05 9.30
C ARG A 243 39.96 10.31 9.64
N ASN A 244 40.16 11.36 8.85
CA ASN A 244 39.28 12.54 8.91
C ASN A 244 37.98 12.12 8.25
N ILE A 245 36.89 12.11 9.02
CA ILE A 245 35.64 11.61 8.47
C ILE A 245 34.70 12.71 7.97
N SER A 246 35.19 13.94 7.81
CA SER A 246 34.31 15.02 7.34
C SER A 246 33.57 14.69 6.03
N ASP A 247 34.19 13.92 5.14
CA ASP A 247 33.47 13.56 3.91
C ASP A 247 32.25 12.65 4.18
N TRP A 248 32.43 11.63 5.01
CA TRP A 248 31.33 10.73 5.34
C TRP A 248 30.25 11.46 6.11
N ILE A 249 30.63 12.44 6.90
CA ILE A 249 29.65 13.18 7.67
C ILE A 249 28.81 14.00 6.72
N ALA A 250 29.46 14.67 5.77
CA ALA A 250 28.73 15.53 4.84
C ALA A 250 27.83 14.66 3.96
N LYS A 251 28.35 13.51 3.57
CA LYS A 251 27.58 12.59 2.75
C LYS A 251 26.32 12.12 3.48
N SER A 252 26.35 12.15 4.81
CA SER A 252 25.25 11.55 5.58
C SER A 252 24.06 12.50 5.59
N GLY A 253 24.29 13.74 5.20
CA GLY A 253 23.24 14.75 5.26
C GLY A 253 23.02 15.37 6.63
N THR A 254 23.75 14.95 7.65
CA THR A 254 23.51 15.50 8.99
C THR A 254 24.82 15.58 9.75
N THR A 255 24.83 16.31 10.86
CA THR A 255 25.92 16.28 11.84
C THR A 255 25.66 15.51 13.17
N ASN A 256 24.53 14.84 13.32
CA ASN A 256 24.35 14.05 14.53
C ASN A 256 23.88 12.64 14.23
N PHE A 257 24.21 11.68 15.10
CA PHE A 257 24.17 10.29 14.69
C PHE A 257 23.63 9.33 15.74
N SER A 258 23.03 8.27 15.26
CA SER A 258 22.58 7.19 16.11
C SER A 258 23.71 6.15 16.18
N LEU A 259 24.17 5.84 17.39
CA LEU A 259 25.19 4.81 17.62
C LEU A 259 24.60 3.44 17.91
N SER A 260 25.11 2.45 17.20
CA SER A 260 24.78 1.08 17.48
C SER A 260 26.05 0.24 17.44
N MSE A 261 26.03 -0.83 18.23
CA MSE A 261 27.09 -1.84 18.27
C MSE A 261 26.40 -3.16 18.14
O MSE A 261 25.55 -3.49 18.97
CB MSE A 261 27.82 -1.79 19.61
CG MSE A 261 28.29 -0.41 20.02
SE MSE A 261 29.27 -0.45 21.72
CE MSE A 261 29.97 1.37 21.74
N THR A 262 26.74 -3.88 17.09
CA THR A 262 25.92 -5.01 16.65
C THR A 262 26.82 -6.17 16.25
N ALA A 263 26.42 -7.39 16.61
CA ALA A 263 27.16 -8.56 16.14
C ALA A 263 26.20 -9.70 15.80
N SER A 264 26.65 -10.62 14.96
CA SER A 264 25.81 -11.75 14.58
C SER A 264 26.66 -12.99 14.40
N THR A 265 25.97 -14.13 14.34
CA THR A 265 26.58 -15.37 13.92
C THR A 265 25.62 -15.95 12.90
N GLY A 266 26.20 -16.72 11.98
CA GLY A 266 25.52 -17.46 10.92
C GLY A 266 25.69 -18.94 11.13
N GLY A 267 26.03 -19.60 10.02
CA GLY A 267 26.70 -20.89 10.10
C GLY A 267 28.07 -20.84 10.78
N ALA A 268 28.72 -19.67 10.76
CA ALA A 268 29.98 -19.45 11.49
C ALA A 268 29.68 -18.68 12.79
N THR A 269 30.44 -18.95 13.85
CA THR A 269 30.04 -18.46 15.17
C THR A 269 31.21 -17.96 15.97
N ASN A 270 30.90 -17.28 17.07
CA ASN A 270 31.90 -16.81 18.02
C ASN A 270 31.15 -16.15 19.17
N LEU A 271 31.77 -16.11 20.34
CA LEU A 271 31.28 -15.34 21.47
C LEU A 271 31.79 -13.95 21.17
N GLN A 272 30.89 -12.96 21.15
CA GLN A 272 31.24 -11.60 20.71
C GLN A 272 30.71 -10.60 21.73
N GLN A 273 31.63 -9.85 22.34
CA GLN A 273 31.28 -9.09 23.53
C GLN A 273 31.99 -7.77 23.54
N VAL A 274 31.33 -6.78 24.12
CA VAL A 274 31.95 -5.48 24.32
C VAL A 274 31.85 -5.15 25.81
N GLN A 275 32.94 -4.67 26.40
CA GLN A 275 32.96 -4.38 27.84
C GLN A 275 33.12 -2.90 28.10
N PHE A 276 32.18 -2.35 28.85
CA PHE A 276 32.26 -0.99 29.31
C PHE A 276 33.01 -1.00 30.66
N GLY A 277 34.01 -0.14 30.83
CA GLY A 277 34.40 0.84 29.82
C GLY A 277 33.48 2.03 29.90
N THR A 278 33.73 3.05 29.07
CA THR A 278 32.90 4.25 29.09
C THR A 278 32.59 4.73 27.67
N PHE A 279 31.47 5.42 27.50
CA PHE A 279 31.23 6.14 26.27
C PHE A 279 30.85 7.57 26.58
N GLU A 280 31.66 8.49 26.09
CA GLU A 280 31.41 9.90 26.35
C GLU A 280 30.99 10.59 25.08
N TYR A 281 29.98 11.46 25.18
CA TYR A 281 29.43 12.14 24.03
C TYR A 281 28.66 13.38 24.49
N THR A 282 28.37 14.26 23.54
CA THR A 282 27.49 15.41 23.78
C THR A 282 26.20 15.20 23.03
N GLU A 283 25.10 15.44 23.75
CA GLU A 283 23.75 15.21 23.23
C GLU A 283 23.36 16.08 22.06
N SER A 284 22.63 15.49 21.10
CA SER A 284 21.90 16.24 20.09
C SER A 284 20.45 15.82 20.10
N ALA A 285 19.60 16.72 19.61
CA ALA A 285 18.17 16.45 19.47
C ALA A 285 17.54 16.04 20.80
N VAL A 286 17.85 16.82 21.83
CA VAL A 286 17.25 16.61 23.14
C VAL A 286 16.53 17.88 23.61
N THR A 287 15.62 17.71 24.56
CA THR A 287 15.18 18.83 25.37
C THR A 287 15.28 18.48 26.85
N GLN A 288 15.89 19.40 27.61
CA GLN A 288 15.95 19.31 29.05
C GLN A 288 14.69 19.96 29.59
N VAL A 289 14.05 19.32 30.56
CA VAL A 289 12.90 19.92 31.23
C VAL A 289 13.17 19.97 32.71
N ARG A 290 13.15 21.17 33.28
CA ARG A 290 13.42 21.39 34.71
C ARG A 290 12.13 21.68 35.45
N TYR A 291 12.07 21.30 36.72
CA TYR A 291 10.89 21.59 37.54
C TYR A 291 11.41 22.23 38.79
N VAL A 292 11.17 23.52 38.93
CA VAL A 292 11.98 24.34 39.81
C VAL A 292 11.10 25.07 40.82
N ASP A 293 11.62 25.22 42.04
CA ASP A 293 10.90 25.94 43.08
C ASP A 293 11.03 27.42 42.76
N VAL A 294 9.91 28.10 42.57
CA VAL A 294 9.97 29.50 42.12
C VAL A 294 10.63 30.42 43.14
N THR A 295 10.54 30.08 44.42
CA THR A 295 11.17 30.86 45.49
C THR A 295 12.69 30.63 45.61
N THR A 296 13.08 29.35 45.70
CA THR A 296 14.49 29.00 45.89
C THR A 296 15.35 28.95 44.62
N GLY A 297 14.76 28.50 43.52
CA GLY A 297 15.51 28.26 42.30
C GLY A 297 16.06 26.85 42.22
N LYS A 298 15.63 25.99 43.15
CA LYS A 298 16.14 24.63 43.24
C LYS A 298 15.25 23.61 42.55
N ASP A 299 15.85 22.57 41.98
CA ASP A 299 15.09 21.49 41.41
C ASP A 299 14.20 20.86 42.47
N ILE A 300 12.93 20.67 42.16
CA ILE A 300 12.00 19.98 43.04
C ILE A 300 12.03 18.48 42.84
N ILE A 301 12.08 18.07 41.57
CA ILE A 301 12.37 16.71 41.18
C ILE A 301 13.51 16.78 40.16
N PRO A 302 14.16 15.65 39.87
CA PRO A 302 15.31 15.73 38.95
C PRO A 302 14.95 16.22 37.54
N PRO A 303 15.84 17.01 36.92
CA PRO A 303 15.68 17.41 35.51
C PRO A 303 15.45 16.19 34.64
N LYS A 304 14.61 16.32 33.62
CA LYS A 304 14.37 15.20 32.71
C LYS A 304 14.88 15.55 31.31
N THR A 305 15.51 14.58 30.66
CA THR A 305 15.95 14.75 29.28
C THR A 305 15.09 13.92 28.34
N TYR A 306 14.46 14.58 27.37
CA TYR A 306 13.78 13.89 26.29
C TYR A 306 14.74 13.82 25.10
N SER A 307 14.80 12.65 24.46
CA SER A 307 15.68 12.46 23.31
C SER A 307 14.80 12.11 22.16
N GLY A 308 15.15 12.58 20.96
CA GLY A 308 14.42 12.17 19.79
C GLY A 308 15.28 12.29 18.56
N ASN A 309 14.66 12.09 17.40
CA ASN A 309 15.27 12.40 16.13
C ASN A 309 15.08 13.86 15.76
N VAL A 310 15.97 14.38 14.90
CA VAL A 310 15.80 15.75 14.43
C VAL A 310 14.43 15.92 13.75
N ASP A 311 13.72 17.01 14.06
CA ASP A 311 12.36 17.30 13.53
C ASP A 311 11.21 16.51 14.19
N GLN A 312 11.54 15.57 15.06
CA GLN A 312 10.49 14.83 15.75
C GLN A 312 9.79 15.75 16.74
N VAL A 313 8.47 15.73 16.71
CA VAL A 313 7.70 16.53 17.65
C VAL A 313 7.46 15.70 18.88
N VAL A 314 7.92 16.19 20.02
CA VAL A 314 7.88 15.41 21.23
C VAL A 314 7.00 16.11 22.29
N THR A 315 6.08 15.35 22.87
CA THR A 315 5.22 15.90 23.91
C THR A 315 5.96 15.82 25.24
N ILE A 316 6.14 16.95 25.92
CA ILE A 316 6.82 16.98 27.21
C ILE A 316 5.83 17.15 28.35
N ASP A 317 6.19 16.67 29.54
CA ASP A 317 5.23 16.66 30.65
C ASP A 317 5.63 17.63 31.75
N ASN A 318 4.74 18.56 32.11
CA ASN A 318 5.04 19.46 33.20
C ASN A 318 4.89 18.76 34.56
N GLN A 319 4.42 17.51 34.54
CA GLN A 319 4.35 16.71 35.77
C GLN A 319 3.49 17.37 36.84
N GLN A 320 2.47 18.10 36.43
CA GLN A 320 1.65 18.90 37.34
C GLN A 320 1.10 18.10 38.53
N SER A 321 0.46 16.97 38.24
CA SER A 321 -0.15 16.16 39.30
C SER A 321 0.91 15.71 40.31
N ALA A 322 2.00 15.14 39.81
CA ALA A 322 3.11 14.73 40.66
C ALA A 322 3.64 15.85 41.56
N LEU A 323 3.80 17.04 41.00
CA LEU A 323 4.25 18.19 41.80
C LEU A 323 3.18 18.59 42.83
N THR A 324 1.91 18.38 42.49
CA THR A 324 0.84 18.67 43.43
C THR A 324 0.97 17.73 44.63
N ALA A 325 1.15 16.45 44.34
CA ALA A 325 1.34 15.46 45.40
C ALA A 325 2.49 15.82 46.34
N LYS A 326 3.47 16.57 45.84
CA LYS A 326 4.58 17.05 46.67
C LYS A 326 4.28 18.39 47.32
N GLY A 327 3.04 18.85 47.15
CA GLY A 327 2.59 20.10 47.76
C GLY A 327 2.89 21.35 46.93
N TYR A 328 3.05 21.18 45.63
CA TYR A 328 3.48 22.29 44.76
C TYR A 328 2.42 22.65 43.74
N ASN A 329 2.21 23.96 43.55
CA ASN A 329 1.27 24.42 42.53
C ASN A 329 1.97 25.11 41.39
N TYR A 330 1.52 24.81 40.18
CA TYR A 330 2.10 25.42 38.99
C TYR A 330 2.04 26.97 39.01
N THR A 331 3.17 27.61 38.75
CA THR A 331 3.17 29.06 38.61
C THR A 331 3.39 29.54 37.17
N SER A 332 4.48 29.13 36.53
CA SER A 332 4.82 29.70 35.23
C SER A 332 5.78 28.83 34.43
N VAL A 333 6.11 29.27 33.21
CA VAL A 333 7.06 28.53 32.40
C VAL A 333 8.07 29.50 31.80
N ASP A 334 9.29 29.02 31.61
CA ASP A 334 10.32 29.79 30.89
C ASP A 334 10.84 28.86 29.80
N SER A 335 10.46 29.20 28.58
CA SER A 335 10.85 28.47 27.38
C SER A 335 11.92 29.19 26.57
N SER A 336 12.55 30.20 27.13
CA SER A 336 13.43 31.02 26.30
C SER A 336 14.63 30.24 25.74
N TYR A 337 14.97 29.10 26.32
CA TYR A 337 15.95 28.21 25.70
C TYR A 337 15.36 27.08 24.86
N ALA A 338 14.05 27.12 24.62
CA ALA A 338 13.49 26.21 23.63
C ALA A 338 12.66 27.00 22.62
N SER A 339 13.24 27.25 21.45
CA SER A 339 12.58 28.11 20.49
C SER A 339 11.37 27.41 19.86
N THR A 340 11.36 26.07 19.85
CA THR A 340 10.25 25.32 19.21
C THR A 340 9.13 25.04 20.20
N TYR A 341 9.27 25.49 21.44
CA TYR A 341 8.29 25.11 22.47
C TYR A 341 6.89 25.62 22.13
N ASN A 342 5.91 24.72 22.16
CA ASN A 342 4.50 25.09 22.01
C ASN A 342 3.78 24.81 23.33
N ASP A 343 3.42 25.88 24.05
CA ASP A 343 2.83 25.78 25.38
C ASP A 343 1.40 25.25 25.36
N THR A 344 0.71 25.40 24.24
CA THR A 344 -0.66 24.92 24.10
C THR A 344 -0.66 23.40 24.03
N ASN A 345 0.20 22.86 23.17
CA ASN A 345 0.32 21.41 23.03
C ASN A 345 1.35 20.74 23.95
N LYS A 346 2.14 21.55 24.67
CA LYS A 346 3.22 21.00 25.48
C LYS A 346 4.19 20.17 24.63
N THR A 347 4.65 20.75 23.53
CA THR A 347 5.54 20.04 22.62
C THR A 347 6.77 20.85 22.30
N VAL A 348 7.86 20.13 21.99
CA VAL A 348 9.04 20.72 21.41
C VAL A 348 9.29 19.97 20.10
N LYS A 349 10.08 20.57 19.22
CA LYS A 349 10.48 19.90 18.01
C LYS A 349 11.99 19.80 18.05
N MSE A 350 12.51 18.58 18.07
CA MSE A 350 13.92 18.36 18.31
C MSE A 350 14.76 19.04 17.22
O MSE A 350 14.47 18.89 16.05
CB MSE A 350 14.22 16.83 18.36
CG MSE A 350 13.49 16.08 19.51
SE MSE A 350 13.94 16.98 21.21
CE MSE A 350 12.96 15.83 22.47
N THR A 351 15.78 19.79 17.62
CA THR A 351 16.72 20.35 16.64
C THR A 351 18.04 19.60 16.70
N ASN A 352 19.00 20.04 15.88
CA ASN A 352 20.33 19.48 15.86
C ASN A 352 21.03 19.68 17.21
N ALA A 353 20.69 20.76 17.89
CA ALA A 353 21.25 21.12 19.20
C ALA A 353 20.28 20.75 20.33
N GLY A 354 20.53 21.26 21.54
CA GLY A 354 19.63 20.99 22.64
C GLY A 354 18.65 22.14 22.88
N GLN A 355 17.58 21.86 23.62
CA GLN A 355 16.68 22.90 24.10
C GLN A 355 16.43 22.63 25.59
N SER A 356 15.93 23.65 26.28
CA SER A 356 15.59 23.52 27.68
C SER A 356 14.31 24.29 27.98
N VAL A 357 13.42 23.65 28.72
CA VAL A 357 12.18 24.28 29.20
C VAL A 357 12.15 24.20 30.72
N THR A 358 11.80 25.28 31.39
CA THR A 358 11.74 25.24 32.86
C THR A 358 10.31 25.51 33.30
N TYR A 359 9.76 24.60 34.10
CA TYR A 359 8.45 24.80 34.72
C TYR A 359 8.63 25.23 36.16
N TYR A 360 7.93 26.28 36.56
CA TYR A 360 8.11 26.81 37.91
C TYR A 360 6.90 26.43 38.78
N PHE A 361 7.14 26.21 40.08
CA PHE A 361 6.10 25.80 41.02
C PHE A 361 6.32 26.49 42.34
N THR A 362 5.23 26.63 43.08
CA THR A 362 5.32 27.31 44.36
C THR A 362 4.79 26.42 45.49
N ASP A 363 5.46 26.52 46.64
CA ASP A 363 5.14 25.77 47.85
C ASP A 363 3.68 25.96 48.25
N ALA B 43 17.27 -7.61 -47.27
CA ALA B 43 17.95 -6.34 -47.50
C ALA B 43 17.99 -5.52 -46.22
N VAL B 44 19.00 -4.67 -46.08
CA VAL B 44 19.12 -3.88 -44.84
C VAL B 44 18.84 -2.41 -45.09
N THR B 45 17.79 -1.90 -44.47
CA THR B 45 17.44 -0.50 -44.65
C THR B 45 17.77 0.40 -43.47
N ALA B 46 17.87 -0.15 -42.27
CA ALA B 46 18.16 0.62 -41.06
C ALA B 46 19.15 -0.12 -40.17
N ASN B 47 20.34 0.44 -39.99
CA ASN B 47 21.34 -0.26 -39.21
C ASN B 47 21.11 -0.02 -37.74
N THR B 48 21.49 -1.01 -36.94
CA THR B 48 21.67 -0.81 -35.51
C THR B 48 23.12 -0.44 -35.28
N ILE B 49 23.35 0.78 -34.84
CA ILE B 49 24.70 1.35 -34.75
C ILE B 49 25.19 1.33 -33.32
N THR B 50 26.46 1.02 -33.12
CA THR B 50 27.07 1.29 -31.82
C THR B 50 28.12 2.39 -31.95
N VAL B 51 27.82 3.55 -31.38
CA VAL B 51 28.79 4.63 -31.34
C VAL B 51 29.74 4.32 -30.20
N ASN B 52 31.04 4.39 -30.45
CA ASN B 52 32.04 4.21 -29.40
C ASN B 52 33.07 5.32 -29.55
N LYS B 53 34.11 5.32 -28.73
CA LYS B 53 35.05 6.42 -28.73
C LYS B 53 35.78 6.60 -30.07
N ASP B 54 36.05 5.49 -30.75
CA ASP B 54 36.78 5.57 -32.02
C ASP B 54 35.95 5.95 -33.24
N ASN B 55 34.66 5.64 -33.23
CA ASN B 55 33.82 6.06 -34.34
C ASN B 55 32.95 7.29 -34.05
N LEU B 56 33.13 7.89 -32.87
CA LEU B 56 32.24 8.96 -32.43
C LEU B 56 32.11 10.11 -33.43
N LYS B 57 33.23 10.53 -34.02
CA LYS B 57 33.20 11.66 -34.93
C LYS B 57 32.47 11.33 -36.24
N GLN B 58 32.41 10.05 -36.56
CA GLN B 58 31.63 9.64 -37.72
C GLN B 58 30.13 9.80 -37.48
N TYR B 59 29.67 9.58 -36.25
CA TYR B 59 28.22 9.64 -36.03
C TYR B 59 27.68 10.87 -35.34
N MSE B 60 28.56 11.71 -34.80
CA MSE B 60 28.15 12.79 -33.88
C MSE B 60 28.94 14.05 -34.16
O MSE B 60 30.04 14.00 -34.74
CB MSE B 60 28.36 12.39 -32.42
CG MSE B 60 27.65 11.09 -32.04
SE MSE B 60 27.56 10.78 -30.09
CE MSE B 60 26.06 11.98 -29.68
N THR B 61 28.38 15.17 -33.74
CA THR B 61 29.01 16.46 -33.99
C THR B 61 29.02 17.32 -32.73
N THR B 62 30.20 17.79 -32.34
CA THR B 62 30.33 18.72 -31.24
C THR B 62 30.09 20.15 -31.71
N SER B 63 29.51 20.98 -30.86
CA SER B 63 29.36 22.39 -31.19
C SER B 63 29.71 23.28 -29.99
N GLY B 64 29.87 24.58 -30.25
CA GLY B 64 30.08 25.56 -29.20
C GLY B 64 31.42 25.31 -28.55
N ASN B 65 31.45 25.31 -27.22
CA ASN B 65 32.70 25.12 -26.51
C ASN B 65 33.11 23.66 -26.38
N ALA B 66 32.32 22.74 -26.95
CA ALA B 66 32.56 21.33 -26.67
C ALA B 66 33.82 20.87 -27.38
N THR B 67 34.57 19.96 -26.77
CA THR B 67 35.76 19.43 -27.43
C THR B 67 35.77 17.97 -27.10
N TYR B 68 36.54 17.20 -27.85
CA TYR B 68 36.50 15.75 -27.73
C TYR B 68 37.91 15.18 -27.71
N ASP B 69 38.13 14.24 -26.80
CA ASP B 69 39.40 13.53 -26.74
C ASP B 69 39.19 12.08 -27.16
N GLN B 70 39.64 11.75 -28.36
CA GLN B 70 39.36 10.45 -28.92
C GLN B 70 40.05 9.34 -28.15
N SER B 71 41.16 9.65 -27.50
CA SER B 71 41.89 8.58 -26.84
C SER B 71 41.18 8.15 -25.56
N THR B 72 40.47 9.08 -24.91
CA THR B 72 39.71 8.73 -23.73
C THR B 72 38.20 8.57 -23.92
N GLY B 73 37.71 9.02 -25.06
CA GLY B 73 36.28 9.05 -25.29
C GLY B 73 35.58 10.16 -24.53
N ILE B 74 36.35 11.09 -23.96
CA ILE B 74 35.77 12.15 -23.17
C ILE B 74 35.34 13.36 -24.00
N VAL B 75 34.06 13.69 -23.89
CA VAL B 75 33.54 14.90 -24.51
C VAL B 75 33.47 15.93 -23.40
N THR B 76 34.25 16.99 -23.54
CA THR B 76 34.12 18.07 -22.60
C THR B 76 33.11 19.10 -23.16
N LEU B 77 31.94 19.21 -22.52
CA LEU B 77 30.89 20.12 -22.99
C LEU B 77 31.20 21.53 -22.54
N THR B 78 31.61 21.69 -21.27
CA THR B 78 32.12 22.98 -20.79
C THR B 78 33.29 22.79 -19.86
N GLN B 79 34.25 23.69 -19.95
CA GLN B 79 35.25 23.83 -18.89
C GLN B 79 34.70 24.59 -17.69
N ASP B 80 35.46 24.69 -16.60
CA ASP B 80 34.91 25.31 -15.41
C ASP B 80 35.29 26.80 -15.57
N ALA B 81 34.40 27.52 -16.23
CA ALA B 81 34.64 28.91 -16.62
C ALA B 81 33.30 29.54 -16.93
N TYR B 82 33.25 30.86 -16.94
CA TYR B 82 32.03 31.61 -17.20
C TYR B 82 31.42 31.40 -18.58
N SER B 83 30.10 31.44 -18.64
CA SER B 83 29.41 31.68 -19.90
C SER B 83 29.82 30.73 -21.01
N GLN B 84 29.86 29.43 -20.71
CA GLN B 84 30.21 28.43 -21.72
C GLN B 84 28.95 27.74 -22.19
N LYS B 85 28.96 27.27 -23.42
CA LYS B 85 27.90 26.38 -23.86
C LYS B 85 28.46 25.39 -24.84
N GLY B 86 28.18 24.11 -24.63
CA GLY B 86 28.70 23.13 -25.54
C GLY B 86 27.75 21.99 -25.65
N ALA B 87 27.79 21.32 -26.80
CA ALA B 87 26.89 20.24 -27.09
C ALA B 87 27.51 19.16 -27.95
N ILE B 88 26.95 17.99 -27.85
CA ILE B 88 27.15 17.02 -28.89
C ILE B 88 25.79 16.50 -29.36
N THR B 89 25.65 16.32 -30.68
CA THR B 89 24.40 15.83 -31.27
C THR B 89 24.66 14.64 -32.17
N LEU B 90 23.67 13.75 -32.25
CA LEU B 90 23.80 12.52 -33.02
C LEU B 90 23.20 12.83 -34.38
N GLY B 91 23.92 12.52 -35.45
CA GLY B 91 23.54 12.97 -36.78
C GLY B 91 22.54 12.08 -37.51
N THR B 92 21.91 11.15 -36.80
CA THR B 92 20.91 10.30 -37.42
C THR B 92 19.78 10.21 -36.43
N ARG B 93 18.53 10.12 -36.91
CA ARG B 93 17.40 10.05 -36.01
C ARG B 93 17.35 8.66 -35.40
N ILE B 94 16.85 8.58 -34.17
CA ILE B 94 16.78 7.34 -33.40
C ILE B 94 15.37 6.82 -33.48
N ASP B 95 15.22 5.55 -33.86
CA ASP B 95 13.88 4.96 -33.92
C ASP B 95 13.42 4.51 -32.53
N SER B 96 12.36 5.11 -32.00
CA SER B 96 11.93 4.75 -30.65
C SER B 96 11.04 3.51 -30.66
N ASN B 97 10.74 2.99 -31.85
CA ASN B 97 10.15 1.66 -31.94
C ASN B 97 11.20 0.56 -31.67
N LYS B 98 12.46 0.95 -31.58
CA LYS B 98 13.54 0.01 -31.25
C LYS B 98 14.19 0.50 -29.97
N SER B 99 14.91 -0.39 -29.30
CA SER B 99 15.64 -0.02 -28.10
C SER B 99 16.85 0.87 -28.39
N PHE B 100 17.28 1.60 -27.36
CA PHE B 100 18.55 2.32 -27.48
C PHE B 100 19.16 2.44 -26.10
N HIS B 101 20.48 2.58 -26.07
CA HIS B 101 21.21 2.48 -24.81
C HIS B 101 22.44 3.38 -24.79
N PHE B 102 22.49 4.32 -23.86
CA PHE B 102 23.76 4.97 -23.59
C PHE B 102 24.38 4.37 -22.35
N SER B 103 25.65 3.99 -22.47
CA SER B 103 26.36 3.48 -21.29
C SER B 103 27.74 4.13 -21.22
N GLY B 104 28.02 4.84 -20.14
CA GLY B 104 29.18 5.71 -20.11
C GLY B 104 29.39 6.33 -18.75
N LYS B 105 30.04 7.47 -18.71
CA LYS B 105 30.26 8.17 -17.45
C LYS B 105 30.06 9.67 -17.65
N VAL B 106 29.82 10.40 -16.56
CA VAL B 106 29.58 11.84 -16.59
C VAL B 106 30.32 12.47 -15.43
N ASN B 107 31.00 13.57 -15.72
CA ASN B 107 31.53 14.44 -14.68
C ASN B 107 30.64 15.67 -14.66
N LEU B 108 29.93 15.85 -13.56
CA LEU B 108 29.01 16.97 -13.35
C LEU B 108 29.74 18.19 -12.83
N GLY B 109 30.98 18.00 -12.40
CA GLY B 109 31.76 19.08 -11.84
C GLY B 109 32.05 19.01 -10.36
N ASN B 110 32.52 20.13 -9.82
CA ASN B 110 32.85 20.19 -8.40
C ASN B 110 32.05 21.11 -7.48
N LYS B 111 31.05 21.79 -8.01
CA LYS B 111 30.30 22.78 -7.23
C LYS B 111 28.81 22.60 -7.51
N TYR B 112 27.98 22.95 -6.56
CA TYR B 112 26.53 22.80 -6.75
C TYR B 112 25.76 23.55 -5.67
N GLU B 113 24.43 23.50 -5.77
CA GLU B 113 23.60 24.34 -4.91
C GLU B 113 24.00 24.16 -3.44
N GLY B 114 24.37 25.27 -2.81
CA GLY B 114 24.79 25.23 -1.42
C GLY B 114 26.25 24.83 -1.22
N HIS B 115 26.95 24.40 -2.28
CA HIS B 115 28.37 24.10 -2.13
C HIS B 115 29.11 24.76 -3.29
N GLY B 116 29.56 25.99 -3.12
CA GLY B 116 30.16 26.73 -4.23
C GLY B 116 29.16 27.17 -5.29
N ASN B 117 29.64 27.94 -6.27
CA ASN B 117 28.70 28.49 -7.22
C ASN B 117 28.79 27.62 -8.48
N GLY B 118 28.02 26.53 -8.46
CA GLY B 118 28.06 25.57 -9.55
C GLY B 118 26.87 25.67 -10.47
N GLY B 119 27.04 25.32 -11.75
CA GLY B 119 25.98 25.32 -12.73
C GLY B 119 26.56 25.09 -14.11
N ASP B 120 25.73 24.96 -15.14
CA ASP B 120 24.27 24.95 -14.98
C ASP B 120 23.70 23.55 -14.91
N GLY B 121 24.50 22.56 -15.28
CA GLY B 121 24.02 21.20 -15.42
C GLY B 121 24.04 20.67 -16.85
N ILE B 122 23.78 19.37 -16.98
CA ILE B 122 23.87 18.71 -18.27
C ILE B 122 22.53 18.11 -18.62
N GLY B 123 22.07 18.39 -19.84
CA GLY B 123 20.83 17.80 -20.33
C GLY B 123 21.01 16.77 -21.40
N PHE B 124 20.17 15.75 -21.38
CA PHE B 124 20.12 14.75 -22.45
C PHE B 124 18.73 14.85 -23.04
N ALA B 125 18.67 15.32 -24.28
CA ALA B 125 17.39 15.66 -24.91
C ALA B 125 17.06 14.77 -26.10
N PHE B 126 15.78 14.39 -26.18
CA PHE B 126 15.21 13.69 -27.33
C PHE B 126 14.15 14.58 -27.97
N SER B 127 14.40 15.05 -29.19
CA SER B 127 13.54 16.07 -29.78
C SER B 127 12.84 15.56 -31.05
N PRO B 128 11.54 15.89 -31.21
CA PRO B 128 10.83 15.60 -32.46
C PRO B 128 11.25 16.56 -33.59
N GLY B 129 11.94 17.65 -33.25
CA GLY B 129 12.37 18.62 -34.26
C GLY B 129 13.59 18.14 -35.05
N VAL B 130 14.17 19.02 -35.86
CA VAL B 130 15.23 18.63 -36.80
C VAL B 130 16.53 18.19 -36.17
N LEU B 131 17.26 17.37 -36.90
CA LEU B 131 18.59 16.95 -36.43
C LEU B 131 19.49 18.16 -36.18
N GLY B 132 20.36 18.04 -35.18
CA GLY B 132 21.41 19.02 -34.96
C GLY B 132 21.06 20.18 -34.06
N GLU B 133 19.77 20.36 -33.78
CA GLU B 133 19.32 21.43 -32.87
C GLU B 133 19.67 21.10 -31.40
N THR B 134 19.97 22.12 -30.60
CA THR B 134 20.24 21.93 -29.17
C THR B 134 19.36 22.85 -28.34
N GLY B 135 19.14 22.52 -27.08
CA GLY B 135 18.38 23.39 -26.20
C GLY B 135 19.24 24.57 -25.73
N LEU B 136 18.71 25.38 -24.82
CA LEU B 136 19.38 26.60 -24.42
C LEU B 136 20.27 26.41 -23.21
N ASN B 137 21.05 27.44 -22.89
CA ASN B 137 21.86 27.49 -21.68
C ASN B 137 20.99 27.85 -20.50
N GLY B 138 21.55 27.84 -19.30
CA GLY B 138 20.84 28.36 -18.16
C GLY B 138 19.86 27.36 -17.57
N ALA B 139 18.72 27.87 -17.08
CA ALA B 139 17.73 27.02 -16.42
C ALA B 139 17.09 26.01 -17.39
N ALA B 140 17.25 26.25 -18.69
CA ALA B 140 16.76 25.31 -19.69
C ALA B 140 17.56 23.99 -19.62
N VAL B 141 18.76 24.04 -19.04
CA VAL B 141 19.68 22.89 -18.96
C VAL B 141 19.74 22.04 -20.27
N GLY B 142 19.84 22.71 -21.42
CA GLY B 142 20.05 22.03 -22.69
C GLY B 142 18.81 21.34 -23.26
N ILE B 143 17.69 21.47 -22.57
CA ILE B 143 16.45 20.83 -23.00
C ILE B 143 15.40 21.88 -23.38
N GLY B 144 15.11 22.79 -22.47
CA GLY B 144 14.30 23.96 -22.80
C GLY B 144 14.83 24.65 -24.06
N GLY B 145 13.90 25.06 -24.91
CA GLY B 145 14.26 25.66 -26.18
C GLY B 145 13.96 24.71 -27.31
N LEU B 146 13.84 23.41 -27.00
CA LEU B 146 13.39 22.43 -27.99
C LEU B 146 11.90 22.21 -27.76
N SER B 147 11.14 22.01 -28.85
CA SER B 147 9.68 21.89 -28.76
C SER B 147 9.21 20.46 -28.57
N ASN B 148 8.29 20.29 -27.64
CA ASN B 148 7.68 19.00 -27.35
C ASN B 148 8.72 17.93 -27.22
N ALA B 149 9.76 18.23 -26.47
CA ALA B 149 10.87 17.29 -26.33
C ALA B 149 10.78 16.65 -24.96
N PHE B 150 11.64 15.69 -24.73
CA PHE B 150 11.68 15.06 -23.42
C PHE B 150 13.10 14.59 -23.22
N GLY B 151 13.43 14.27 -21.97
CA GLY B 151 14.79 13.89 -21.65
C GLY B 151 15.04 13.90 -20.17
N PHE B 152 16.32 14.01 -19.83
CA PHE B 152 16.75 13.90 -18.45
C PHE B 152 17.86 14.88 -18.21
N LYS B 153 17.89 15.48 -17.02
CA LYS B 153 18.99 16.39 -16.70
C LYS B 153 19.62 16.11 -15.35
N LEU B 154 20.88 16.52 -15.27
CA LEU B 154 21.62 16.55 -14.01
C LEU B 154 21.83 18.00 -13.72
N ASP B 155 21.23 18.47 -12.63
CA ASP B 155 21.03 19.90 -12.49
C ASP B 155 21.71 20.39 -11.20
N THR B 156 22.75 21.19 -11.35
CA THR B 156 23.52 21.62 -10.18
C THR B 156 23.16 22.99 -9.61
N TYR B 157 22.26 23.72 -10.26
CA TYR B 157 21.97 25.08 -9.84
C TYR B 157 20.47 25.19 -9.67
N HIS B 158 19.98 25.36 -8.45
CA HIS B 158 18.54 25.27 -8.30
C HIS B 158 17.95 26.63 -8.65
N ASN B 159 17.13 26.68 -9.69
CA ASN B 159 16.55 27.95 -10.10
C ASN B 159 15.27 28.04 -9.32
N THR B 160 15.34 28.75 -8.22
CA THR B 160 14.25 28.70 -7.23
C THR B 160 13.15 29.66 -7.63
N SER B 161 13.55 30.84 -8.06
CA SER B 161 12.58 31.79 -8.59
C SER B 161 12.26 31.49 -10.07
N LYS B 162 11.09 31.88 -10.52
CA LYS B 162 10.68 31.71 -11.91
C LYS B 162 11.70 32.32 -12.87
N PRO B 163 12.23 31.52 -13.82
CA PRO B 163 13.11 32.17 -14.80
C PRO B 163 12.34 33.10 -15.73
N ASN B 164 13.04 34.04 -16.37
CA ASN B 164 12.37 34.95 -17.28
C ASN B 164 11.96 34.22 -18.56
N SER B 165 11.06 34.83 -19.34
CA SER B 165 10.50 34.13 -20.48
C SER B 165 11.55 33.65 -21.47
N ALA B 166 12.63 34.41 -21.66
CA ALA B 166 13.65 34.02 -22.63
C ALA B 166 14.38 32.72 -22.21
N ALA B 167 14.35 32.39 -20.93
CA ALA B 167 15.06 31.21 -20.44
C ALA B 167 14.40 29.91 -20.92
N LYS B 168 13.10 29.95 -21.19
CA LYS B 168 12.40 28.76 -21.68
C LYS B 168 12.39 27.66 -20.62
N ALA B 169 12.20 28.06 -19.37
CA ALA B 169 12.11 27.08 -18.31
C ALA B 169 11.27 27.55 -17.16
N ASN B 170 10.49 26.66 -16.57
CA ASN B 170 9.84 26.98 -15.30
C ASN B 170 10.85 26.79 -14.15
N ALA B 171 10.45 27.16 -12.93
CA ALA B 171 11.38 27.12 -11.81
C ALA B 171 11.68 25.66 -11.52
N ASP B 172 12.83 25.37 -10.93
CA ASP B 172 13.07 24.02 -10.44
C ASP B 172 12.16 23.74 -9.24
N PRO B 173 11.83 22.46 -9.00
CA PRO B 173 10.78 22.14 -8.01
C PRO B 173 11.21 22.36 -6.57
N SER B 174 10.25 22.71 -5.73
CA SER B 174 10.46 22.82 -4.28
C SER B 174 11.04 21.54 -3.70
N ASN B 175 10.61 20.39 -4.20
CA ASN B 175 11.00 19.14 -3.53
C ASN B 175 12.46 18.78 -3.73
N VAL B 176 13.13 19.46 -4.65
CA VAL B 176 14.60 19.40 -4.74
C VAL B 176 15.39 20.65 -4.29
N ALA B 177 14.72 21.64 -3.72
CA ALA B 177 15.40 22.86 -3.26
C ALA B 177 16.20 22.64 -1.98
N GLY B 178 16.96 23.65 -1.57
CA GLY B 178 17.53 23.64 -0.24
C GLY B 178 18.97 23.12 -0.16
N GLY B 179 19.52 22.78 -1.31
CA GLY B 179 20.88 22.31 -1.47
C GLY B 179 21.08 20.90 -1.98
N GLY B 180 22.13 20.77 -2.76
CA GLY B 180 22.42 19.56 -3.51
C GLY B 180 21.97 19.69 -4.97
N ALA B 181 22.76 19.07 -5.85
CA ALA B 181 22.37 18.86 -7.23
C ALA B 181 21.24 17.84 -7.27
N PHE B 182 20.50 17.80 -8.37
CA PHE B 182 19.41 16.84 -8.50
C PHE B 182 19.31 16.31 -9.90
N GLY B 183 18.75 15.11 -10.06
CA GLY B 183 18.39 14.64 -11.40
C GLY B 183 16.89 14.59 -11.58
N ALA B 184 16.44 14.72 -12.83
CA ALA B 184 15.01 14.64 -13.13
C ALA B 184 14.79 14.41 -14.60
N PHE B 185 13.63 13.85 -14.92
CA PHE B 185 13.14 13.87 -16.29
C PHE B 185 12.66 15.30 -16.51
N VAL B 186 12.60 15.72 -17.78
CA VAL B 186 12.18 17.05 -18.15
C VAL B 186 11.33 16.87 -19.41
N THR B 187 10.27 17.68 -19.56
CA THR B 187 9.56 17.75 -20.84
C THR B 187 9.43 19.22 -21.22
N THR B 188 9.29 19.49 -22.52
CA THR B 188 9.05 20.86 -22.96
C THR B 188 7.69 20.92 -23.63
N ASP B 189 7.07 22.10 -23.63
CA ASP B 189 5.78 22.25 -24.31
C ASP B 189 5.99 22.70 -25.77
N SER B 190 4.91 23.16 -26.42
CA SER B 190 4.99 23.49 -27.85
C SER B 190 5.83 24.73 -28.10
N TYR B 191 6.03 25.53 -27.06
CA TYR B 191 6.86 26.75 -27.18
C TYR B 191 8.29 26.54 -26.69
N GLY B 192 8.62 25.31 -26.33
CA GLY B 192 9.99 24.99 -25.92
C GLY B 192 10.25 25.24 -24.45
N VAL B 193 9.21 25.58 -23.68
CA VAL B 193 9.37 25.80 -22.24
C VAL B 193 9.53 24.49 -21.46
N ALA B 194 10.62 24.38 -20.68
CA ALA B 194 10.94 23.16 -19.93
C ALA B 194 10.29 23.10 -18.57
N THR B 195 9.73 21.94 -18.24
CA THR B 195 9.22 21.68 -16.92
C THR B 195 9.94 20.46 -16.36
N THR B 196 10.55 20.63 -15.18
CA THR B 196 11.15 19.51 -14.48
C THR B 196 10.04 18.58 -14.00
N TYR B 197 10.16 17.30 -14.30
CA TYR B 197 9.05 16.40 -14.03
C TYR B 197 9.04 16.03 -12.55
N THR B 198 7.88 16.13 -11.91
CA THR B 198 7.72 15.64 -10.54
C THR B 198 6.50 14.72 -10.44
N SER B 199 6.45 13.92 -9.39
CA SER B 199 5.33 13.02 -9.19
C SER B 199 5.36 12.47 -7.76
N SER B 200 4.35 11.70 -7.42
CA SER B 200 4.26 11.13 -6.08
C SER B 200 4.97 9.79 -6.07
N SER B 201 5.59 9.44 -7.20
CA SER B 201 6.27 8.14 -7.29
C SER B 201 7.80 8.25 -7.13
N THR B 202 8.37 7.33 -6.35
CA THR B 202 9.83 7.27 -6.24
C THR B 202 10.52 6.78 -7.52
N ALA B 203 9.78 6.11 -8.39
CA ALA B 203 10.38 5.64 -9.64
C ALA B 203 10.82 6.80 -10.52
N ASP B 204 9.95 7.78 -10.74
CA ASP B 204 10.22 8.92 -11.63
C ASP B 204 10.31 10.37 -11.09
N ASN B 205 10.05 10.57 -9.81
CA ASN B 205 10.11 11.92 -9.25
C ASN B 205 11.51 12.51 -9.36
N ALA B 206 11.60 13.82 -9.54
CA ALA B 206 12.86 14.51 -9.44
C ALA B 206 13.44 14.15 -8.08
N ALA B 207 14.76 13.98 -8.01
CA ALA B 207 15.40 13.61 -6.74
C ALA B 207 16.81 14.18 -6.62
N LYS B 208 17.16 14.64 -5.41
CA LYS B 208 18.51 15.10 -5.18
C LYS B 208 19.46 13.91 -5.39
N LEU B 209 20.65 14.18 -5.91
CA LEU B 209 21.57 13.11 -6.26
C LEU B 209 22.10 12.44 -5.00
N ASN B 210 22.05 11.10 -4.97
CA ASN B 210 22.68 10.35 -3.85
C ASN B 210 24.17 10.70 -3.71
N VAL B 211 24.83 10.84 -4.85
CA VAL B 211 26.26 11.16 -4.89
C VAL B 211 26.45 12.55 -5.48
N GLN B 212 26.83 13.50 -4.63
CA GLN B 212 26.92 14.91 -5.03
C GLN B 212 28.28 15.18 -5.71
N PRO B 213 28.31 16.09 -6.71
CA PRO B 213 29.55 16.35 -7.46
C PRO B 213 30.50 17.33 -6.73
N THR B 214 31.29 16.81 -5.80
CA THR B 214 32.18 17.64 -5.00
C THR B 214 33.56 17.83 -5.63
N ASN B 215 33.95 16.83 -6.40
CA ASN B 215 35.33 16.66 -6.88
C ASN B 215 35.74 16.47 -8.35
N ASN B 216 34.86 16.69 -9.31
CA ASN B 216 35.20 16.35 -10.70
C ASN B 216 35.50 14.84 -10.83
N THR B 217 34.58 14.02 -10.33
CA THR B 217 34.70 12.58 -10.52
C THR B 217 33.70 12.11 -11.59
N PHE B 218 34.18 11.37 -12.59
CA PHE B 218 33.27 10.71 -13.55
C PHE B 218 32.51 9.60 -12.85
N GLN B 219 31.18 9.71 -12.87
CA GLN B 219 30.32 8.70 -12.27
C GLN B 219 29.64 7.88 -13.38
N ASP B 220 29.35 6.62 -13.10
CA ASP B 220 28.63 5.80 -14.08
C ASP B 220 27.33 6.49 -14.44
N PHE B 221 27.03 6.51 -15.74
CA PHE B 221 25.77 7.07 -16.23
C PHE B 221 25.24 6.21 -17.36
N ASP B 222 23.95 5.91 -17.28
CA ASP B 222 23.36 4.99 -18.22
C ASP B 222 21.94 5.47 -18.54
N ILE B 223 21.56 5.38 -19.81
CA ILE B 223 20.20 5.67 -20.24
C ILE B 223 19.81 4.47 -21.05
N ASN B 224 18.82 3.74 -20.56
CA ASN B 224 18.39 2.55 -21.27
C ASN B 224 16.95 2.67 -21.68
N TYR B 225 16.66 2.32 -22.93
CA TYR B 225 15.31 2.52 -23.46
C TYR B 225 14.87 1.26 -24.18
N ASN B 226 13.71 0.75 -23.77
CA ASN B 226 13.15 -0.46 -24.35
C ASN B 226 12.13 -0.12 -25.44
N GLY B 227 12.41 -0.51 -26.69
CA GLY B 227 11.52 -0.20 -27.81
C GLY B 227 10.09 -0.74 -27.72
N ASP B 228 9.92 -1.89 -27.08
CA ASP B 228 8.59 -2.47 -26.94
C ASP B 228 7.80 -1.83 -25.82
N THR B 229 8.42 -1.67 -24.66
CA THR B 229 7.66 -1.19 -23.51
C THR B 229 7.68 0.33 -23.41
N LYS B 230 8.54 0.97 -24.19
CA LYS B 230 8.70 2.42 -24.18
C LYS B 230 9.19 2.89 -22.84
N VAL B 231 9.81 1.98 -22.07
CA VAL B 231 10.30 2.34 -20.76
C VAL B 231 11.72 2.88 -20.83
N MSE B 232 11.93 4.06 -20.25
CA MSE B 232 13.26 4.66 -20.15
C MSE B 232 13.76 4.64 -18.71
O MSE B 232 13.10 5.17 -17.79
CB MSE B 232 13.26 6.10 -20.69
CG MSE B 232 14.54 6.89 -20.36
SE MSE B 232 14.61 8.66 -21.23
CE MSE B 232 14.99 8.06 -23.04
N THR B 233 14.94 4.03 -18.54
CA THR B 233 15.59 3.89 -17.25
C THR B 233 16.90 4.63 -17.27
N VAL B 234 17.08 5.50 -16.29
CA VAL B 234 18.26 6.36 -16.23
C VAL B 234 18.97 6.08 -14.93
N LYS B 235 20.27 5.82 -15.01
CA LYS B 235 21.02 5.55 -13.77
C LYS B 235 22.22 6.46 -13.70
N TYR B 236 22.39 7.10 -12.54
CA TYR B 236 23.55 7.97 -12.28
C TYR B 236 24.13 7.60 -10.93
N ALA B 237 25.38 7.16 -10.94
CA ALA B 237 26.11 6.89 -9.68
C ALA B 237 25.28 6.04 -8.73
N GLY B 238 24.63 5.00 -9.28
CA GLY B 238 23.91 4.04 -8.46
C GLY B 238 22.47 4.40 -8.20
N GLN B 239 22.07 5.59 -8.65
CA GLN B 239 20.69 6.08 -8.45
C GLN B 239 19.85 5.93 -9.74
N THR B 240 18.60 5.45 -9.62
CA THR B 240 17.78 5.13 -10.80
C THR B 240 16.50 5.98 -10.90
N TRP B 241 16.17 6.38 -12.13
CA TRP B 241 14.86 6.94 -12.45
C TRP B 241 14.30 6.06 -13.55
N THR B 242 13.02 5.69 -13.45
CA THR B 242 12.43 4.84 -14.48
C THR B 242 11.06 5.33 -14.84
N ARG B 243 10.77 5.44 -16.15
CA ARG B 243 9.43 5.86 -16.55
C ARG B 243 9.00 5.30 -17.91
N ASN B 244 7.74 4.90 -18.01
CA ASN B 244 7.18 4.54 -19.32
C ASN B 244 6.90 5.86 -20.04
N ILE B 245 7.61 6.12 -21.14
CA ILE B 245 7.54 7.41 -21.79
C ILE B 245 6.57 7.44 -23.00
N SER B 246 5.72 6.42 -23.11
CA SER B 246 4.82 6.35 -24.26
C SER B 246 3.97 7.63 -24.37
N ASP B 247 3.65 8.28 -23.24
CA ASP B 247 2.83 9.49 -23.34
C ASP B 247 3.62 10.65 -23.96
N TRP B 248 4.88 10.80 -23.56
CA TRP B 248 5.71 11.87 -24.11
C TRP B 248 6.04 11.62 -25.58
N ILE B 249 6.17 10.36 -25.94
CA ILE B 249 6.36 10.03 -27.34
C ILE B 249 5.15 10.45 -28.15
N ALA B 250 3.95 10.12 -27.65
CA ALA B 250 2.74 10.46 -28.40
C ALA B 250 2.60 11.97 -28.50
N LYS B 251 2.90 12.66 -27.41
CA LYS B 251 2.81 14.11 -27.37
C LYS B 251 3.74 14.73 -28.39
N SER B 252 4.85 14.07 -28.68
CA SER B 252 5.85 14.65 -29.59
C SER B 252 5.39 14.69 -31.05
N GLY B 253 4.36 13.90 -31.37
CA GLY B 253 3.94 13.78 -32.74
C GLY B 253 4.73 12.82 -33.63
N THR B 254 5.73 12.14 -33.09
CA THR B 254 6.53 11.25 -33.95
C THR B 254 7.06 10.11 -33.10
N THR B 255 7.58 9.08 -33.75
CA THR B 255 8.30 8.00 -33.10
C THR B 255 9.82 8.02 -33.27
N ASN B 256 10.38 9.01 -33.95
CA ASN B 256 11.83 9.08 -34.00
C ASN B 256 12.41 10.43 -33.62
N PHE B 257 13.62 10.41 -33.09
CA PHE B 257 14.11 11.55 -32.32
C PHE B 257 15.54 11.98 -32.61
N SER B 258 15.77 13.27 -32.47
CA SER B 258 17.10 13.81 -32.56
C SER B 258 17.67 13.88 -31.15
N LEU B 259 18.82 13.25 -30.94
CA LEU B 259 19.48 13.24 -29.62
C LEU B 259 20.53 14.33 -29.50
N SER B 260 20.50 15.03 -28.36
CA SER B 260 21.50 16.03 -28.04
C SER B 260 21.90 15.89 -26.59
N MSE B 261 23.17 16.17 -26.32
CA MSE B 261 23.69 16.25 -24.95
C MSE B 261 24.37 17.56 -24.83
O MSE B 261 25.31 17.85 -25.59
CB MSE B 261 24.71 15.14 -24.68
CG MSE B 261 24.29 13.79 -25.21
SE MSE B 261 25.62 12.37 -24.81
CE MSE B 261 24.58 10.78 -25.31
N THR B 262 23.90 18.37 -23.89
CA THR B 262 24.21 19.78 -23.89
C THR B 262 24.45 20.27 -22.45
N ALA B 263 25.48 21.07 -22.27
CA ALA B 263 25.73 21.69 -20.98
C ALA B 263 26.09 23.14 -21.16
N SER B 264 25.94 23.90 -20.10
CA SER B 264 26.29 25.31 -20.15
C SER B 264 26.76 25.76 -18.77
N THR B 265 27.41 26.92 -18.76
CA THR B 265 27.74 27.64 -17.54
C THR B 265 27.29 29.08 -17.77
N GLY B 266 26.90 29.72 -16.67
CA GLY B 266 26.47 31.11 -16.58
C GLY B 266 27.48 31.90 -15.77
N GLY B 267 26.95 32.67 -14.83
CA GLY B 267 27.73 33.15 -13.71
C GLY B 267 28.12 32.01 -12.75
N ALA B 268 27.35 30.93 -12.72
CA ALA B 268 27.74 29.69 -12.03
C ALA B 268 28.40 28.71 -13.01
N THR B 269 29.38 27.91 -12.56
CA THR B 269 30.22 27.17 -13.49
C THR B 269 30.56 25.77 -12.99
N ASN B 270 31.09 24.96 -13.89
CA ASN B 270 31.60 23.63 -13.58
C ASN B 270 32.22 23.07 -14.86
N LEU B 271 33.14 22.13 -14.68
CA LEU B 271 33.65 21.32 -15.76
C LEU B 271 32.57 20.24 -15.92
N GLN B 272 32.08 20.05 -17.16
CA GLN B 272 30.92 19.15 -17.39
C GLN B 272 31.25 18.27 -18.57
N GLN B 273 31.26 16.97 -18.36
CA GLN B 273 31.83 16.08 -19.36
C GLN B 273 31.04 14.81 -19.41
N VAL B 274 31.04 14.22 -20.59
CA VAL B 274 30.39 12.93 -20.82
C VAL B 274 31.46 12.05 -21.47
N GLN B 275 31.68 10.86 -20.91
CA GLN B 275 32.67 9.93 -21.47
C GLN B 275 32.03 8.74 -22.14
N PHE B 276 32.41 8.49 -23.39
CA PHE B 276 32.00 7.32 -24.12
C PHE B 276 33.07 6.23 -23.89
N GLY B 277 32.64 5.03 -23.48
CA GLY B 277 31.23 4.72 -23.37
C GLY B 277 30.72 4.36 -24.75
N THR B 278 29.47 3.89 -24.84
CA THR B 278 28.89 3.53 -26.12
C THR B 278 27.48 4.12 -26.22
N PHE B 279 27.03 4.40 -27.44
CA PHE B 279 25.62 4.66 -27.65
C PHE B 279 25.06 3.80 -28.77
N GLU B 280 24.10 2.95 -28.43
CA GLU B 280 23.53 2.04 -29.41
C GLU B 280 22.11 2.45 -29.76
N TYR B 281 21.77 2.43 -31.05
CA TYR B 281 20.44 2.84 -31.51
C TYR B 281 20.14 2.19 -32.86
N THR B 282 18.87 2.17 -33.24
CA THR B 282 18.50 1.79 -34.61
C THR B 282 18.12 3.06 -35.37
N GLU B 283 18.67 3.20 -36.57
CA GLU B 283 18.43 4.35 -37.46
C GLU B 283 16.98 4.56 -37.88
N SER B 284 16.56 5.81 -37.97
CA SER B 284 15.34 6.22 -38.64
C SER B 284 15.70 7.30 -39.63
N ALA B 285 14.88 7.39 -40.68
CA ALA B 285 14.99 8.48 -41.64
C ALA B 285 16.34 8.45 -42.33
N VAL B 286 16.73 7.25 -42.79
CA VAL B 286 17.99 7.07 -43.50
C VAL B 286 17.71 6.39 -44.84
N THR B 287 18.63 6.54 -45.78
CA THR B 287 18.70 5.64 -46.91
C THR B 287 20.11 5.06 -47.03
N GLN B 288 20.20 3.74 -47.16
CA GLN B 288 21.48 3.09 -47.46
C GLN B 288 21.67 3.11 -48.96
N VAL B 289 22.89 3.41 -49.41
CA VAL B 289 23.17 3.35 -50.85
C VAL B 289 24.35 2.42 -51.10
N ARG B 290 24.16 1.40 -51.92
CA ARG B 290 25.24 0.41 -52.15
C ARG B 290 25.75 0.57 -53.57
N TYR B 291 27.01 0.23 -53.78
CA TYR B 291 27.59 0.28 -55.12
C TYR B 291 28.21 -1.06 -55.33
N VAL B 292 27.62 -1.86 -56.21
CA VAL B 292 27.86 -3.28 -56.18
C VAL B 292 28.31 -3.80 -57.54
N ASP B 293 29.24 -4.74 -57.52
CA ASP B 293 29.73 -5.33 -58.75
C ASP B 293 28.64 -6.28 -59.24
N VAL B 294 28.13 -6.02 -60.44
CA VAL B 294 26.99 -6.79 -60.94
C VAL B 294 27.28 -8.28 -61.14
N THR B 295 28.52 -8.60 -61.53
CA THR B 295 28.94 -9.99 -61.65
C THR B 295 29.06 -10.68 -60.28
N THR B 296 29.83 -10.07 -59.37
CA THR B 296 30.13 -10.66 -58.06
C THR B 296 29.06 -10.50 -56.97
N GLY B 297 28.37 -9.36 -56.97
CA GLY B 297 27.45 -9.05 -55.89
C GLY B 297 28.15 -8.36 -54.71
N LYS B 298 29.46 -8.19 -54.83
CA LYS B 298 30.26 -7.56 -53.78
C LYS B 298 30.29 -6.05 -53.86
N ASP B 299 30.41 -5.39 -52.72
CA ASP B 299 30.57 -3.94 -52.68
C ASP B 299 31.86 -3.53 -53.34
N ILE B 300 31.80 -2.51 -54.18
CA ILE B 300 32.96 -1.92 -54.84
C ILE B 300 33.64 -0.86 -53.97
N ILE B 301 32.80 -0.05 -53.33
CA ILE B 301 33.24 0.92 -52.36
C ILE B 301 32.26 0.76 -51.21
N PRO B 302 32.60 1.25 -50.03
CA PRO B 302 31.71 1.00 -48.88
C PRO B 302 30.32 1.58 -49.08
N PRO B 303 29.29 0.90 -48.54
CA PRO B 303 27.91 1.41 -48.52
C PRO B 303 27.87 2.78 -47.87
N LYS B 304 26.99 3.66 -48.35
CA LYS B 304 26.89 4.98 -47.76
C LYS B 304 25.52 5.13 -47.10
N THR B 305 25.49 5.71 -45.91
CA THR B 305 24.22 6.00 -45.27
C THR B 305 23.95 7.49 -45.30
N TYR B 306 22.84 7.86 -45.90
CA TYR B 306 22.34 9.24 -45.84
C TYR B 306 21.31 9.35 -44.72
N SER B 307 21.47 10.36 -43.86
CA SER B 307 20.55 10.61 -42.75
C SER B 307 19.85 11.92 -43.01
N GLY B 308 18.59 12.04 -42.59
CA GLY B 308 17.89 13.30 -42.71
C GLY B 308 16.73 13.34 -41.75
N ASN B 309 15.92 14.38 -41.84
CA ASN B 309 14.67 14.44 -41.13
C ASN B 309 13.56 13.75 -41.92
N VAL B 310 12.50 13.30 -41.24
CA VAL B 310 11.34 12.75 -41.93
C VAL B 310 10.77 13.76 -42.95
N ASP B 311 10.44 13.28 -44.15
CA ASP B 311 9.93 14.09 -45.26
C ASP B 311 11.00 14.94 -45.97
N GLN B 312 12.22 14.91 -45.48
CA GLN B 312 13.29 15.65 -46.14
C GLN B 312 13.65 14.94 -47.44
N VAL B 313 13.76 15.72 -48.50
CA VAL B 313 14.17 15.19 -49.80
C VAL B 313 15.67 15.30 -49.93
N VAL B 314 16.31 14.15 -50.05
CA VAL B 314 17.76 14.10 -50.02
C VAL B 314 18.26 13.66 -51.39
N THR B 315 19.26 14.36 -51.90
CA THR B 315 19.84 14.00 -53.18
C THR B 315 20.91 12.95 -52.91
N ILE B 316 20.84 11.80 -53.58
CA ILE B 316 21.85 10.75 -53.34
C ILE B 316 22.77 10.58 -54.55
N ASP B 317 23.97 10.07 -54.31
CA ASP B 317 24.99 10.08 -55.36
C ASP B 317 25.32 8.67 -55.84
N ASN B 318 25.24 8.44 -57.15
CA ASN B 318 25.57 7.12 -57.66
C ASN B 318 27.09 6.97 -57.85
N GLN B 319 27.82 8.05 -57.57
CA GLN B 319 29.29 8.02 -57.55
C GLN B 319 29.87 7.53 -58.88
N GLN B 320 29.18 7.82 -59.97
CA GLN B 320 29.52 7.28 -61.27
C GLN B 320 30.95 7.58 -61.70
N SER B 321 31.38 8.83 -61.52
CA SER B 321 32.74 9.22 -61.94
C SER B 321 33.77 8.44 -61.12
N ALA B 322 33.63 8.46 -59.80
CA ALA B 322 34.46 7.67 -58.91
C ALA B 322 34.54 6.19 -59.31
N LEU B 323 33.39 5.57 -59.60
CA LEU B 323 33.40 4.17 -60.03
C LEU B 323 34.10 4.03 -61.38
N THR B 324 34.03 5.05 -62.21
CA THR B 324 34.70 5.02 -63.50
C THR B 324 36.21 4.99 -63.31
N ALA B 325 36.70 5.77 -62.34
CA ALA B 325 38.11 5.78 -62.00
C ALA B 325 38.59 4.44 -61.43
N LYS B 326 37.65 3.60 -60.99
CA LYS B 326 37.99 2.26 -60.51
C LYS B 326 37.83 1.22 -61.61
N GLY B 327 37.54 1.69 -62.82
CA GLY B 327 37.37 0.82 -63.97
C GLY B 327 35.96 0.24 -64.13
N TYR B 328 34.97 0.89 -63.52
CA TYR B 328 33.62 0.35 -63.46
C TYR B 328 32.64 1.21 -64.24
N ASN B 329 31.80 0.57 -65.06
CA ASN B 329 30.75 1.28 -65.77
C ASN B 329 29.39 0.97 -65.19
N TYR B 330 28.56 2.00 -65.13
CA TYR B 330 27.19 1.89 -64.62
C TYR B 330 26.34 0.93 -65.45
N THR B 331 25.63 0.03 -64.79
CA THR B 331 24.75 -0.89 -65.47
C THR B 331 23.29 -0.65 -65.12
N SER B 332 22.93 -0.68 -63.84
CA SER B 332 21.53 -0.63 -63.49
C SER B 332 21.30 -0.16 -62.05
N VAL B 333 20.03 -0.05 -61.66
CA VAL B 333 19.71 0.36 -60.29
C VAL B 333 18.62 -0.56 -59.79
N ASP B 334 18.63 -0.84 -58.48
CA ASP B 334 17.54 -1.57 -57.83
C ASP B 334 17.07 -0.71 -56.66
N SER B 335 15.90 -0.13 -56.80
CA SER B 335 15.28 0.68 -55.77
C SER B 335 14.14 -0.03 -55.04
N SER B 336 13.99 -1.33 -55.23
CA SER B 336 12.83 -2.00 -54.66
C SER B 336 12.70 -1.79 -53.14
N TYR B 337 13.80 -1.52 -52.44
CA TYR B 337 13.70 -1.16 -51.02
C TYR B 337 13.67 0.34 -50.74
N ALA B 338 13.52 1.16 -51.78
CA ALA B 338 13.28 2.55 -51.49
C ALA B 338 12.08 3.04 -52.28
N SER B 339 10.93 3.09 -51.60
CA SER B 339 9.68 3.42 -52.30
C SER B 339 9.66 4.86 -52.78
N THR B 340 10.38 5.74 -52.10
CA THR B 340 10.39 7.17 -52.47
C THR B 340 11.43 7.49 -53.54
N TYR B 341 12.21 6.52 -53.96
CA TYR B 341 13.33 6.84 -54.87
C TYR B 341 12.85 7.44 -56.18
N ASN B 342 13.49 8.52 -56.61
CA ASN B 342 13.20 9.15 -57.90
C ASN B 342 14.48 9.10 -58.71
N ASP B 343 14.49 8.26 -59.75
CA ASP B 343 15.70 7.99 -60.53
C ASP B 343 16.08 9.17 -61.41
N THR B 344 15.12 10.03 -61.71
CA THR B 344 15.34 11.16 -62.59
C THR B 344 16.13 12.22 -61.82
N ASN B 345 15.71 12.50 -60.60
CA ASN B 345 16.40 13.49 -59.76
C ASN B 345 17.45 12.89 -58.82
N LYS B 346 17.55 11.56 -58.79
CA LYS B 346 18.44 10.88 -57.84
C LYS B 346 18.11 11.29 -56.40
N THR B 347 16.84 11.22 -56.02
CA THR B 347 16.45 11.61 -54.68
C THR B 347 15.64 10.54 -53.98
N VAL B 348 15.72 10.57 -52.65
CA VAL B 348 14.83 9.81 -51.79
C VAL B 348 14.19 10.83 -50.86
N LYS B 349 13.07 10.45 -50.28
CA LYS B 349 12.39 11.26 -49.29
C LYS B 349 12.38 10.40 -48.04
N MSE B 350 12.96 10.94 -46.97
CA MSE B 350 13.21 10.14 -45.80
C MSE B 350 11.86 9.81 -45.16
O MSE B 350 10.98 10.66 -45.07
CB MSE B 350 14.13 10.89 -44.80
CG MSE B 350 15.50 11.28 -45.39
SE MSE B 350 16.40 9.62 -45.91
CE MSE B 350 18.14 10.31 -46.46
N THR B 351 11.72 8.58 -44.70
CA THR B 351 10.52 8.17 -43.96
C THR B 351 10.92 7.86 -42.52
N ASN B 352 9.97 7.41 -41.73
CA ASN B 352 10.24 7.02 -40.37
C ASN B 352 11.20 5.81 -40.32
N ALA B 353 11.12 4.95 -41.32
CA ALA B 353 11.96 3.75 -41.40
C ALA B 353 13.21 4.00 -42.25
N GLY B 354 13.88 2.93 -42.67
CA GLY B 354 15.00 3.09 -43.56
C GLY B 354 14.61 2.76 -45.00
N GLN B 355 15.46 3.13 -45.95
CA GLN B 355 15.28 2.71 -47.34
C GLN B 355 16.66 2.29 -47.81
N SER B 356 16.70 1.60 -48.94
CA SER B 356 17.99 1.20 -49.53
C SER B 356 17.91 1.26 -51.03
N VAL B 357 18.95 1.82 -51.64
CA VAL B 357 19.05 1.67 -53.09
C VAL B 357 20.42 1.14 -53.48
N THR B 358 20.43 0.26 -54.45
CA THR B 358 21.68 -0.36 -54.90
C THR B 358 21.97 0.04 -56.33
N TYR B 359 23.15 0.58 -56.58
CA TYR B 359 23.59 0.87 -57.93
C TYR B 359 24.55 -0.21 -58.38
N TYR B 360 24.33 -0.75 -59.57
CA TYR B 360 25.12 -1.84 -60.10
C TYR B 360 26.11 -1.34 -61.15
N PHE B 361 27.28 -1.98 -61.19
CA PHE B 361 28.38 -1.57 -62.06
C PHE B 361 29.08 -2.81 -62.58
N THR B 362 29.70 -2.66 -63.75
CA THR B 362 30.41 -3.76 -64.36
C THR B 362 31.82 -3.30 -64.72
N ASP B 363 32.80 -4.18 -64.61
CA ASP B 363 34.20 -3.81 -64.83
C ASP B 363 34.65 -4.12 -66.26
N ALA C 43 -45.29 13.42 8.93
CA ALA C 43 -44.11 12.76 8.38
C ALA C 43 -44.04 11.29 8.81
N VAL C 44 -43.59 10.43 7.89
CA VAL C 44 -43.48 9.01 8.17
C VAL C 44 -42.08 8.71 8.69
N THR C 45 -42.00 8.36 9.98
CA THR C 45 -40.71 7.99 10.57
C THR C 45 -40.41 6.50 10.71
N ALA C 46 -41.45 5.66 10.76
CA ALA C 46 -41.23 4.23 10.91
C ALA C 46 -42.17 3.46 9.98
N ASN C 47 -41.61 2.76 9.02
CA ASN C 47 -42.44 2.05 8.03
C ASN C 47 -42.94 0.71 8.57
N THR C 48 -44.04 0.23 8.01
CA THR C 48 -44.47 -1.12 8.22
C THR C 48 -44.04 -1.90 6.99
N ILE C 49 -43.06 -2.78 7.16
CA ILE C 49 -42.39 -3.44 6.05
C ILE C 49 -42.90 -4.85 5.90
N THR C 50 -43.08 -5.30 4.67
CA THR C 50 -43.35 -6.70 4.41
C THR C 50 -42.19 -7.31 3.65
N VAL C 51 -41.46 -8.21 4.30
CA VAL C 51 -40.37 -8.93 3.67
C VAL C 51 -40.97 -10.10 2.92
N ASN C 52 -40.57 -10.26 1.64
CA ASN C 52 -41.07 -11.37 0.84
C ASN C 52 -39.86 -11.99 0.13
N LYS C 53 -40.06 -13.04 -0.65
CA LYS C 53 -38.90 -13.76 -1.18
C LYS C 53 -38.05 -12.88 -2.13
N ASP C 54 -38.68 -11.90 -2.76
CA ASP C 54 -37.96 -11.05 -3.72
C ASP C 54 -37.16 -9.89 -3.11
N ASN C 55 -37.62 -9.35 -1.98
CA ASN C 55 -36.87 -8.31 -1.27
C ASN C 55 -36.08 -8.82 -0.05
N LEU C 56 -36.12 -10.11 0.17
CA LEU C 56 -35.46 -10.69 1.35
C LEU C 56 -34.03 -10.19 1.55
N LYS C 57 -33.23 -10.19 0.49
CA LYS C 57 -31.82 -9.82 0.60
C LYS C 57 -31.62 -8.33 0.86
N GLN C 58 -32.65 -7.54 0.65
CA GLN C 58 -32.59 -6.14 1.01
C GLN C 58 -32.82 -5.96 2.51
N TYR C 59 -33.67 -6.79 3.10
CA TYR C 59 -33.93 -6.65 4.55
C TYR C 59 -33.20 -7.58 5.55
N MSE C 60 -32.59 -8.65 5.04
CA MSE C 60 -32.06 -9.69 5.90
C MSE C 60 -30.69 -10.11 5.43
O MSE C 60 -30.29 -9.81 4.30
CB MSE C 60 -33.01 -10.91 5.92
CG MSE C 60 -34.45 -10.54 6.20
SE MSE C 60 -35.59 -12.10 6.64
CE MSE C 60 -34.98 -12.31 8.51
N THR C 61 -29.97 -10.82 6.31
CA THR C 61 -28.62 -11.26 6.01
C THR C 61 -28.46 -12.71 6.43
N THR C 62 -27.93 -13.53 5.54
CA THR C 62 -27.61 -14.92 5.85
C THR C 62 -26.16 -15.05 6.28
N SER C 63 -25.89 -16.01 7.18
CA SER C 63 -24.54 -16.23 7.64
C SER C 63 -24.25 -17.73 7.81
N GLY C 64 -22.99 -18.06 7.99
CA GLY C 64 -22.60 -19.43 8.26
C GLY C 64 -22.88 -20.29 7.05
N ASN C 65 -23.49 -21.46 7.29
CA ASN C 65 -23.80 -22.39 6.21
C ASN C 65 -25.07 -22.05 5.45
N ALA C 66 -25.81 -21.02 5.89
CA ALA C 66 -27.07 -20.67 5.25
C ALA C 66 -26.92 -20.26 3.79
N THR C 67 -27.79 -20.78 2.92
CA THR C 67 -27.89 -20.31 1.54
C THR C 67 -29.34 -19.95 1.20
N TYR C 68 -29.52 -19.15 0.15
CA TYR C 68 -30.85 -18.67 -0.25
C TYR C 68 -31.19 -18.91 -1.72
N ASP C 69 -32.36 -19.44 -1.99
CA ASP C 69 -32.82 -19.53 -3.36
C ASP C 69 -33.98 -18.57 -3.55
N GLN C 70 -33.71 -17.45 -4.21
CA GLN C 70 -34.70 -16.40 -4.35
C GLN C 70 -35.91 -16.84 -5.17
N SER C 71 -35.72 -17.75 -6.12
CA SER C 71 -36.87 -18.17 -6.91
C SER C 71 -37.91 -18.90 -6.06
N THR C 72 -37.47 -19.70 -5.09
CA THR C 72 -38.44 -20.39 -4.20
C THR C 72 -38.70 -19.74 -2.84
N GLY C 73 -37.83 -18.81 -2.47
CA GLY C 73 -37.86 -18.20 -1.14
C GLY C 73 -37.33 -19.11 -0.05
N ILE C 74 -36.69 -20.21 -0.44
CA ILE C 74 -36.18 -21.16 0.54
C ILE C 74 -34.82 -20.74 1.07
N VAL C 75 -34.75 -20.47 2.36
CA VAL C 75 -33.47 -20.31 3.06
C VAL C 75 -33.05 -21.70 3.55
N THR C 76 -31.93 -22.22 3.07
CA THR C 76 -31.42 -23.47 3.63
C THR C 76 -30.46 -23.09 4.76
N LEU C 77 -30.82 -23.41 6.00
CA LEU C 77 -29.94 -23.03 7.14
C LEU C 77 -28.80 -24.06 7.35
N THR C 78 -29.12 -25.35 7.28
CA THR C 78 -28.10 -26.41 7.25
C THR C 78 -28.55 -27.49 6.27
N GLN C 79 -27.57 -28.15 5.67
CA GLN C 79 -27.80 -29.35 4.89
C GLN C 79 -27.79 -30.50 5.91
N ASP C 80 -28.09 -31.71 5.46
CA ASP C 80 -28.13 -32.84 6.40
C ASP C 80 -26.71 -33.39 6.41
N ALA C 81 -25.90 -32.84 7.32
CA ALA C 81 -24.46 -33.05 7.31
C ALA C 81 -23.96 -32.63 8.69
N TYR C 82 -22.80 -33.14 9.10
CA TYR C 82 -22.27 -32.84 10.43
C TYR C 82 -21.80 -31.42 10.62
N SER C 83 -21.97 -30.93 11.85
CA SER C 83 -21.28 -29.72 12.28
C SER C 83 -21.57 -28.48 11.44
N GLN C 84 -22.84 -28.28 11.10
CA GLN C 84 -23.24 -27.10 10.33
C GLN C 84 -23.90 -26.12 11.24
N LYS C 85 -23.82 -24.85 10.88
CA LYS C 85 -24.66 -23.86 11.51
C LYS C 85 -24.96 -22.78 10.50
N GLY C 86 -26.19 -22.33 10.46
CA GLY C 86 -26.51 -21.23 9.57
C GLY C 86 -27.65 -20.42 10.15
N ALA C 87 -27.76 -19.19 9.70
CA ALA C 87 -28.73 -18.27 10.28
C ALA C 87 -29.09 -17.25 9.25
N ILE C 88 -30.25 -16.65 9.46
CA ILE C 88 -30.63 -15.43 8.76
C ILE C 88 -31.14 -14.45 9.81
N THR C 89 -30.77 -13.17 9.67
CA THR C 89 -31.16 -12.16 10.66
C THR C 89 -31.80 -10.98 9.97
N LEU C 90 -32.73 -10.32 10.64
CA LEU C 90 -33.40 -9.13 10.14
C LEU C 90 -32.62 -7.85 10.46
N GLY C 91 -32.30 -7.05 9.44
CA GLY C 91 -31.38 -5.95 9.64
C GLY C 91 -32.01 -4.72 10.25
N THR C 92 -33.25 -4.81 10.71
CA THR C 92 -33.86 -3.66 11.38
C THR C 92 -34.58 -4.13 12.62
N ARG C 93 -34.50 -3.36 13.71
CA ARG C 93 -35.20 -3.74 14.94
C ARG C 93 -36.71 -3.68 14.78
N ILE C 94 -37.39 -4.63 15.40
CA ILE C 94 -38.84 -4.71 15.33
C ILE C 94 -39.47 -4.01 16.54
N ASP C 95 -40.49 -3.19 16.30
CA ASP C 95 -41.19 -2.52 17.39
C ASP C 95 -42.30 -3.41 17.92
N SER C 96 -42.16 -3.88 19.15
CA SER C 96 -43.16 -4.79 19.76
C SER C 96 -44.35 -4.01 20.33
N ASN C 97 -44.31 -2.69 20.18
CA ASN C 97 -45.49 -1.90 20.47
C ASN C 97 -46.47 -2.03 19.29
N LYS C 98 -46.03 -2.67 18.21
CA LYS C 98 -46.89 -2.93 17.03
C LYS C 98 -46.89 -4.41 16.79
N SER C 99 -47.81 -4.86 15.94
CA SER C 99 -47.89 -6.26 15.57
C SER C 99 -46.77 -6.69 14.65
N PHE C 100 -46.50 -7.99 14.63
CA PHE C 100 -45.64 -8.53 13.56
C PHE C 100 -46.06 -9.95 13.23
N HIS C 101 -45.69 -10.40 12.04
CA HIS C 101 -46.23 -11.67 11.56
C HIS C 101 -45.26 -12.36 10.61
N PHE C 102 -44.85 -13.58 10.91
CA PHE C 102 -44.18 -14.42 9.93
C PHE C 102 -45.17 -15.45 9.40
N SER C 103 -45.24 -15.59 8.09
CA SER C 103 -46.08 -16.62 7.49
C SER C 103 -45.30 -17.29 6.39
N GLY C 104 -45.07 -18.60 6.51
CA GLY C 104 -44.17 -19.28 5.59
C GLY C 104 -44.19 -20.76 5.88
N LYS C 105 -43.11 -21.44 5.52
CA LYS C 105 -43.06 -22.87 5.78
C LYS C 105 -41.72 -23.25 6.33
N VAL C 106 -41.66 -24.40 6.98
CA VAL C 106 -40.41 -24.90 7.52
C VAL C 106 -40.22 -26.36 7.25
N ASN C 107 -39.02 -26.71 6.82
CA ASN C 107 -38.63 -28.11 6.77
C ASN C 107 -37.68 -28.42 7.93
N LEU C 108 -38.12 -29.29 8.82
CA LEU C 108 -37.40 -29.64 10.03
C LEU C 108 -36.43 -30.79 9.78
N GLY C 109 -36.56 -31.43 8.62
CA GLY C 109 -35.74 -32.60 8.30
C GLY C 109 -36.45 -33.94 8.26
N ASN C 110 -35.67 -35.01 8.26
CA ASN C 110 -36.18 -36.38 8.23
C ASN C 110 -35.90 -37.29 9.44
N LYS C 111 -35.25 -36.75 10.46
CA LYS C 111 -34.84 -37.54 11.63
C LYS C 111 -35.20 -36.77 12.90
N TYR C 112 -35.49 -37.51 13.97
CA TYR C 112 -35.82 -36.86 15.24
C TYR C 112 -35.73 -37.88 16.36
N GLU C 113 -35.93 -37.41 17.59
CA GLU C 113 -35.65 -38.21 18.78
C GLU C 113 -36.36 -39.56 18.66
N GLY C 114 -35.60 -40.63 18.74
CA GLY C 114 -36.17 -41.98 18.70
C GLY C 114 -36.38 -42.48 17.29
N HIS C 115 -36.10 -41.65 16.28
CA HIS C 115 -36.17 -42.09 14.91
C HIS C 115 -35.01 -41.49 14.13
N GLY C 116 -33.88 -42.18 14.06
CA GLY C 116 -32.68 -41.59 13.48
C GLY C 116 -31.99 -40.58 14.41
N ASN C 117 -30.75 -40.21 14.10
CA ASN C 117 -30.08 -39.28 14.99
C ASN C 117 -30.29 -37.89 14.35
N GLY C 118 -31.39 -37.25 14.72
CA GLY C 118 -31.75 -35.95 14.16
C GLY C 118 -31.48 -34.79 15.08
N GLY C 119 -31.15 -33.63 14.51
CA GLY C 119 -30.94 -32.43 15.29
C GLY C 119 -30.24 -31.41 14.43
N ASP C 120 -29.88 -30.25 15.01
CA ASP C 120 -30.22 -29.91 16.39
C ASP C 120 -31.60 -29.23 16.55
N GLY C 121 -32.16 -28.75 15.44
CA GLY C 121 -33.43 -28.02 15.45
C GLY C 121 -33.30 -26.57 15.05
N ILE C 122 -34.43 -25.84 15.04
CA ILE C 122 -34.47 -24.49 14.46
C ILE C 122 -35.05 -23.54 15.48
N GLY C 123 -34.29 -22.51 15.84
CA GLY C 123 -34.81 -21.49 16.76
C GLY C 123 -35.17 -20.19 16.06
N PHE C 124 -36.22 -19.55 16.55
CA PHE C 124 -36.64 -18.22 16.10
C PHE C 124 -36.53 -17.34 17.33
N ALA C 125 -35.60 -16.40 17.30
CA ALA C 125 -35.22 -15.68 18.52
C ALA C 125 -35.49 -14.18 18.43
N PHE C 126 -35.91 -13.60 19.55
CA PHE C 126 -36.15 -12.18 19.64
C PHE C 126 -35.28 -11.63 20.76
N SER C 127 -34.34 -10.74 20.40
CA SER C 127 -33.29 -10.37 21.32
C SER C 127 -33.28 -8.88 21.59
N PRO C 128 -33.10 -8.49 22.86
CA PRO C 128 -32.88 -7.10 23.24
C PRO C 128 -31.46 -6.64 22.85
N GLY C 129 -30.60 -7.58 22.50
CA GLY C 129 -29.22 -7.29 22.13
C GLY C 129 -29.10 -6.70 20.72
N VAL C 130 -27.88 -6.59 20.21
CA VAL C 130 -27.66 -5.87 18.95
C VAL C 130 -28.13 -6.65 17.71
N LEU C 131 -28.41 -5.91 16.64
CA LEU C 131 -28.79 -6.51 15.37
C LEU C 131 -27.67 -7.41 14.87
N GLY C 132 -28.04 -8.46 14.14
CA GLY C 132 -27.08 -9.28 13.41
C GLY C 132 -26.52 -10.45 14.22
N GLU C 133 -26.71 -10.41 15.53
CA GLU C 133 -26.18 -11.42 16.43
C GLU C 133 -27.09 -12.65 16.38
N THR C 134 -26.52 -13.85 16.52
CA THR C 134 -27.31 -15.08 16.52
C THR C 134 -27.01 -15.93 17.74
N GLY C 135 -27.91 -16.86 18.06
CA GLY C 135 -27.65 -17.77 19.17
C GLY C 135 -26.67 -18.89 18.82
N LEU C 136 -26.44 -19.83 19.73
CA LEU C 136 -25.39 -20.84 19.51
C LEU C 136 -25.93 -22.10 18.84
N ASN C 137 -25.03 -23.00 18.43
CA ASN C 137 -25.44 -24.28 17.85
C ASN C 137 -25.79 -25.22 18.98
N GLY C 138 -26.27 -26.41 18.66
CA GLY C 138 -26.49 -27.43 19.69
C GLY C 138 -27.74 -27.23 20.55
N ALA C 139 -27.64 -27.57 21.83
CA ALA C 139 -28.79 -27.55 22.74
C ALA C 139 -29.40 -26.15 22.87
N ALA C 140 -28.63 -25.14 22.47
CA ALA C 140 -29.11 -23.74 22.50
C ALA C 140 -30.17 -23.50 21.46
N VAL C 141 -30.14 -24.35 20.42
CA VAL C 141 -31.06 -24.28 19.27
C VAL C 141 -31.20 -22.85 18.77
N GLY C 142 -30.07 -22.15 18.64
CA GLY C 142 -30.06 -20.80 18.10
C GLY C 142 -30.69 -19.73 18.97
N ILE C 143 -31.06 -20.08 20.19
CA ILE C 143 -31.61 -19.11 21.15
C ILE C 143 -30.64 -18.87 22.32
N GLY C 144 -30.25 -19.93 23.02
CA GLY C 144 -29.19 -19.77 24.01
C GLY C 144 -28.00 -19.07 23.37
N GLY C 145 -27.27 -18.28 24.16
CA GLY C 145 -26.19 -17.47 23.62
C GLY C 145 -26.62 -16.02 23.46
N LEU C 146 -27.94 -15.77 23.44
CA LEU C 146 -28.47 -14.41 23.39
C LEU C 146 -29.00 -14.08 24.77
N SER C 147 -28.63 -12.92 25.29
CA SER C 147 -28.99 -12.56 26.65
C SER C 147 -30.38 -12.00 26.77
N ASN C 148 -31.11 -12.48 27.78
CA ASN C 148 -32.43 -11.96 28.11
C ASN C 148 -33.37 -12.01 26.90
N ALA C 149 -33.22 -13.06 26.10
CA ALA C 149 -34.01 -13.15 24.89
C ALA C 149 -35.20 -14.08 25.08
N PHE C 150 -36.06 -14.17 24.05
CA PHE C 150 -37.13 -15.14 24.11
C PHE C 150 -37.43 -15.54 22.68
N GLY C 151 -38.10 -16.67 22.53
CA GLY C 151 -38.37 -17.17 21.19
C GLY C 151 -39.09 -18.48 21.18
N PHE C 152 -39.03 -19.15 20.04
CA PHE C 152 -39.68 -20.43 19.85
C PHE C 152 -38.70 -21.35 19.14
N LYS C 153 -38.66 -22.60 19.56
CA LYS C 153 -37.87 -23.59 18.83
C LYS C 153 -38.66 -24.82 18.38
N LEU C 154 -38.20 -25.38 17.28
CA LEU C 154 -38.64 -26.69 16.83
C LEU C 154 -37.42 -27.59 17.04
N ASP C 155 -37.55 -28.57 17.94
CA ASP C 155 -36.38 -29.21 18.54
C ASP C 155 -36.43 -30.71 18.33
N THR C 156 -35.52 -31.24 17.51
CA THR C 156 -35.61 -32.66 17.10
C THR C 156 -34.74 -33.59 17.94
N TYR C 157 -33.94 -33.02 18.84
CA TYR C 157 -32.97 -33.78 19.62
C TYR C 157 -33.18 -33.51 21.10
N HIS C 158 -33.63 -34.50 21.87
CA HIS C 158 -33.97 -34.22 23.24
C HIS C 158 -32.69 -34.21 24.06
N ASN C 159 -32.35 -33.06 24.63
CA ASN C 159 -31.18 -33.05 25.46
C ASN C 159 -31.62 -33.40 26.85
N THR C 160 -31.41 -34.67 27.19
CA THR C 160 -32.00 -35.21 28.41
C THR C 160 -31.19 -34.77 29.62
N SER C 161 -29.87 -34.69 29.45
CA SER C 161 -28.95 -34.18 30.47
C SER C 161 -28.66 -32.72 30.21
N LYS C 162 -28.44 -31.94 31.27
CA LYS C 162 -28.00 -30.59 31.07
C LYS C 162 -26.69 -30.63 30.30
N PRO C 163 -26.60 -29.84 29.23
CA PRO C 163 -25.34 -29.72 28.47
C PRO C 163 -24.28 -28.90 29.22
N ASN C 164 -23.05 -28.92 28.73
CA ASN C 164 -21.97 -28.21 29.43
C ASN C 164 -22.17 -26.69 29.33
N SER C 165 -21.31 -25.91 29.97
CA SER C 165 -21.67 -24.51 30.19
C SER C 165 -21.51 -23.68 28.93
N ALA C 166 -20.56 -24.07 28.09
CA ALA C 166 -20.40 -23.39 26.81
C ALA C 166 -21.63 -23.59 25.90
N ALA C 167 -22.48 -24.57 26.24
CA ALA C 167 -23.66 -24.83 25.39
C ALA C 167 -24.79 -23.82 25.69
N LYS C 168 -24.78 -23.23 26.88
CA LYS C 168 -25.81 -22.24 27.23
C LYS C 168 -27.24 -22.78 27.09
N ALA C 169 -27.51 -23.93 27.69
CA ALA C 169 -28.88 -24.39 27.73
C ALA C 169 -29.08 -25.24 28.95
N ASN C 170 -30.29 -25.26 29.49
CA ASN C 170 -30.60 -26.27 30.49
C ASN C 170 -31.13 -27.52 29.77
N ALA C 171 -31.38 -28.61 30.49
CA ALA C 171 -31.87 -29.83 29.85
C ALA C 171 -33.24 -29.59 29.19
N ASP C 172 -33.56 -30.30 28.10
CA ASP C 172 -34.92 -30.28 27.55
C ASP C 172 -35.86 -30.95 28.55
N PRO C 173 -37.14 -30.56 28.58
CA PRO C 173 -38.02 -30.96 29.69
C PRO C 173 -38.40 -32.43 29.68
N SER C 174 -38.65 -32.98 30.86
CA SER C 174 -39.09 -34.38 30.92
C SER C 174 -40.43 -34.58 30.21
N ASN C 175 -41.30 -33.57 30.20
CA ASN C 175 -42.62 -33.76 29.62
C ASN C 175 -42.64 -33.93 28.08
N VAL C 176 -41.52 -33.61 27.43
CA VAL C 176 -41.33 -33.93 26.01
C VAL C 176 -40.31 -35.06 25.70
N ALA C 177 -39.80 -35.77 26.71
CA ALA C 177 -38.84 -36.86 26.46
C ALA C 177 -39.53 -38.10 25.89
N GLY C 178 -38.74 -39.11 25.50
CA GLY C 178 -39.28 -40.42 25.20
C GLY C 178 -39.54 -40.69 23.72
N GLY C 179 -39.18 -39.72 22.88
CA GLY C 179 -39.34 -39.78 21.44
C GLY C 179 -40.29 -38.75 20.85
N GLY C 180 -39.94 -38.31 19.65
CA GLY C 180 -40.60 -37.20 18.98
C GLY C 180 -39.83 -35.89 19.10
N ALA C 181 -39.89 -35.11 18.03
CA ALA C 181 -39.50 -33.71 18.06
C ALA C 181 -40.59 -32.98 18.83
N PHE C 182 -40.25 -31.82 19.40
CA PHE C 182 -41.25 -30.99 20.08
C PHE C 182 -41.06 -29.52 19.73
N GLY C 183 -42.14 -28.74 19.89
CA GLY C 183 -42.09 -27.28 19.78
C GLY C 183 -42.17 -26.69 21.18
N ALA C 184 -41.55 -25.54 21.39
CA ALA C 184 -41.65 -24.90 22.71
C ALA C 184 -41.23 -23.46 22.65
N PHE C 185 -41.78 -22.65 23.54
CA PHE C 185 -41.19 -21.34 23.77
C PHE C 185 -39.87 -21.52 24.52
N VAL C 186 -38.99 -20.53 24.42
CA VAL C 186 -37.74 -20.55 25.14
C VAL C 186 -37.43 -19.15 25.66
N THR C 187 -36.80 -19.06 26.82
CA THR C 187 -36.26 -17.78 27.30
C THR C 187 -34.80 -17.99 27.71
N THR C 188 -33.99 -16.94 27.63
CA THR C 188 -32.63 -17.01 28.12
C THR C 188 -32.41 -16.06 29.31
N ASP C 189 -31.45 -16.39 30.14
CA ASP C 189 -31.09 -15.55 31.28
C ASP C 189 -30.04 -14.50 30.85
N SER C 190 -29.55 -13.70 31.79
CA SER C 190 -28.70 -12.57 31.41
C SER C 190 -27.37 -13.01 30.84
N TYR C 191 -27.01 -14.26 31.09
CA TYR C 191 -25.78 -14.86 30.56
C TYR C 191 -26.06 -15.67 29.30
N GLY C 192 -27.30 -15.68 28.82
CA GLY C 192 -27.63 -16.40 27.59
C GLY C 192 -28.01 -17.88 27.71
N VAL C 193 -28.20 -18.38 28.92
CA VAL C 193 -28.55 -19.79 29.07
C VAL C 193 -30.02 -19.96 28.73
N ALA C 194 -30.31 -20.85 27.76
CA ALA C 194 -31.67 -21.12 27.35
C ALA C 194 -32.40 -22.10 28.27
N THR C 195 -33.57 -21.70 28.73
CA THR C 195 -34.47 -22.61 29.45
C THR C 195 -35.70 -22.86 28.57
N THR C 196 -36.02 -24.12 28.34
CA THR C 196 -37.22 -24.44 27.56
C THR C 196 -38.46 -24.21 28.43
N TYR C 197 -39.43 -23.44 27.94
CA TYR C 197 -40.56 -23.07 28.75
C TYR C 197 -41.55 -24.22 28.92
N THR C 198 -42.00 -24.47 30.14
CA THR C 198 -43.08 -25.44 30.34
C THR C 198 -44.16 -24.85 31.23
N SER C 199 -45.34 -25.45 31.24
CA SER C 199 -46.35 -25.04 32.21
C SER C 199 -47.41 -26.10 32.23
N SER C 200 -48.44 -25.93 33.06
CA SER C 200 -49.54 -26.88 33.12
C SER C 200 -50.55 -26.64 32.00
N SER C 201 -50.30 -25.63 31.18
CA SER C 201 -51.27 -25.21 30.16
C SER C 201 -51.01 -25.76 28.75
N THR C 202 -52.02 -26.38 28.14
CA THR C 202 -51.88 -26.83 26.77
C THR C 202 -51.66 -25.66 25.81
N ALA C 203 -52.01 -24.44 26.22
CA ALA C 203 -51.82 -23.32 25.30
C ALA C 203 -50.35 -23.02 25.06
N ASP C 204 -49.56 -22.92 26.14
CA ASP C 204 -48.13 -22.61 26.01
C ASP C 204 -47.07 -23.68 26.38
N ASN C 205 -47.50 -24.84 26.89
CA ASN C 205 -46.51 -25.84 27.35
C ASN C 205 -45.71 -26.39 26.16
N ALA C 206 -44.45 -26.75 26.40
CA ALA C 206 -43.68 -27.50 25.40
C ALA C 206 -44.52 -28.72 24.99
N ALA C 207 -44.53 -29.06 23.71
CA ALA C 207 -45.37 -30.18 23.26
C ALA C 207 -44.76 -30.91 22.08
N LYS C 208 -44.84 -32.23 22.11
CA LYS C 208 -44.43 -33.04 20.97
C LYS C 208 -45.23 -32.65 19.75
N LEU C 209 -44.56 -32.62 18.60
CA LEU C 209 -45.17 -32.18 17.35
C LEU C 209 -46.20 -33.21 16.93
N ASN C 210 -47.39 -32.73 16.57
CA ASN C 210 -48.42 -33.58 15.98
C ASN C 210 -47.94 -34.19 14.67
N VAL C 211 -47.19 -33.42 13.90
CA VAL C 211 -46.67 -33.92 12.63
C VAL C 211 -45.15 -34.01 12.75
N GLN C 212 -44.66 -35.25 12.85
CA GLN C 212 -43.25 -35.47 13.04
C GLN C 212 -42.50 -35.36 11.70
N PRO C 213 -41.26 -34.84 11.72
CA PRO C 213 -40.46 -34.62 10.50
C PRO C 213 -39.77 -35.91 10.01
N THR C 214 -40.52 -36.74 9.29
CA THR C 214 -40.03 -38.00 8.72
C THR C 214 -39.34 -37.93 7.36
N ASN C 215 -39.86 -37.09 6.48
CA ASN C 215 -39.49 -36.99 5.07
C ASN C 215 -38.92 -35.72 4.42
N ASN C 216 -38.49 -34.72 5.20
CA ASN C 216 -38.07 -33.46 4.61
C ASN C 216 -39.23 -32.73 3.93
N THR C 217 -40.38 -32.71 4.59
CA THR C 217 -41.54 -32.02 4.05
C THR C 217 -41.69 -30.66 4.71
N PHE C 218 -41.83 -29.62 3.90
CA PHE C 218 -42.16 -28.30 4.40
C PHE C 218 -43.54 -28.25 5.08
N GLN C 219 -43.60 -27.73 6.30
CA GLN C 219 -44.90 -27.61 6.96
C GLN C 219 -45.21 -26.12 7.12
N ASP C 220 -46.49 -25.75 7.17
CA ASP C 220 -46.88 -24.36 7.35
C ASP C 220 -46.33 -23.92 8.71
N PHE C 221 -45.77 -22.73 8.77
CA PHE C 221 -45.24 -22.23 10.04
C PHE C 221 -45.62 -20.79 10.15
N ASP C 222 -46.24 -20.40 11.25
CA ASP C 222 -46.69 -19.03 11.42
C ASP C 222 -46.30 -18.49 12.81
N ILE C 223 -45.77 -17.28 12.86
CA ILE C 223 -45.59 -16.62 14.15
C ILE C 223 -46.37 -15.31 14.04
N ASN C 224 -47.40 -15.16 14.86
CA ASN C 224 -48.19 -13.95 14.84
C ASN C 224 -48.08 -13.23 16.17
N TYR C 225 -47.90 -11.91 16.17
CA TYR C 225 -47.75 -11.18 17.44
C TYR C 225 -48.62 -9.93 17.41
N ASN C 226 -49.41 -9.76 18.48
CA ASN C 226 -50.34 -8.64 18.57
C ASN C 226 -49.72 -7.57 19.47
N GLY C 227 -49.50 -6.39 18.93
CA GLY C 227 -48.83 -5.34 19.65
C GLY C 227 -49.58 -4.75 20.82
N ASP C 228 -50.91 -4.85 20.81
CA ASP C 228 -51.70 -4.38 21.95
C ASP C 228 -51.79 -5.39 23.11
N THR C 229 -52.13 -6.63 22.79
CA THR C 229 -52.31 -7.64 23.84
C THR C 229 -50.99 -8.30 24.25
N LYS C 230 -49.95 -8.07 23.47
CA LYS C 230 -48.66 -8.73 23.65
C LYS C 230 -48.72 -10.23 23.52
N VAL C 231 -49.74 -10.74 22.81
CA VAL C 231 -49.86 -12.18 22.63
C VAL C 231 -49.16 -12.68 21.37
N MSE C 232 -48.29 -13.68 21.56
CA MSE C 232 -47.58 -14.32 20.47
C MSE C 232 -48.19 -15.69 20.22
O MSE C 232 -48.33 -16.51 21.13
CB MSE C 232 -46.09 -14.48 20.81
CG MSE C 232 -45.35 -15.45 19.90
SE MSE C 232 -43.37 -15.29 20.06
CE MSE C 232 -43.13 -13.46 19.35
N THR C 233 -48.58 -15.93 18.96
CA THR C 233 -49.18 -17.19 18.59
C THR C 233 -48.33 -17.86 17.53
N VAL C 234 -47.91 -19.08 17.83
CA VAL C 234 -47.05 -19.79 16.91
C VAL C 234 -47.83 -21.01 16.41
N LYS C 235 -47.72 -21.29 15.14
CA LYS C 235 -48.45 -22.44 14.60
C LYS C 235 -47.56 -23.24 13.64
N TYR C 236 -47.44 -24.53 13.91
CA TYR C 236 -46.66 -25.44 13.05
C TYR C 236 -47.52 -26.60 12.60
N ALA C 237 -47.71 -26.75 11.29
CA ALA C 237 -48.49 -27.89 10.78
C ALA C 237 -49.78 -28.12 11.56
N GLY C 238 -50.61 -27.09 11.74
CA GLY C 238 -51.88 -27.31 12.42
C GLY C 238 -51.83 -27.18 13.94
N GLN C 239 -50.62 -27.12 14.49
CA GLN C 239 -50.47 -27.11 15.94
C GLN C 239 -50.11 -25.73 16.49
N THR C 240 -50.76 -25.36 17.59
CA THR C 240 -50.67 -24.00 18.10
C THR C 240 -50.05 -23.90 19.49
N TRP C 241 -49.22 -22.88 19.67
CA TRP C 241 -48.76 -22.43 20.99
C TRP C 241 -49.10 -20.95 21.09
N THR C 242 -49.62 -20.53 22.23
CA THR C 242 -49.96 -19.13 22.34
C THR C 242 -49.74 -18.61 23.74
N ARG C 243 -49.14 -17.43 23.83
CA ARG C 243 -48.85 -16.89 25.14
C ARG C 243 -48.79 -15.37 25.14
N ASN C 244 -49.24 -14.79 26.25
CA ASN C 244 -49.05 -13.37 26.52
C ASN C 244 -47.61 -13.21 26.97
N ILE C 245 -46.81 -12.52 26.16
CA ILE C 245 -45.39 -12.39 26.42
C ILE C 245 -44.96 -11.08 27.09
N SER C 246 -45.94 -10.31 27.58
CA SER C 246 -45.64 -9.02 28.20
C SER C 246 -44.55 -9.19 29.24
N ASP C 247 -44.52 -10.33 29.94
CA ASP C 247 -43.52 -10.53 31.00
C ASP C 247 -42.10 -10.68 30.43
N TRP C 248 -41.94 -11.45 29.38
CA TRP C 248 -40.62 -11.61 28.77
C TRP C 248 -40.12 -10.31 28.09
N ILE C 249 -41.04 -9.56 27.53
CA ILE C 249 -40.68 -8.26 26.96
C ILE C 249 -40.14 -7.33 28.06
N ALA C 250 -40.83 -7.26 29.19
CA ALA C 250 -40.37 -6.40 30.29
C ALA C 250 -39.01 -6.86 30.81
N LYS C 251 -38.86 -8.17 30.96
CA LYS C 251 -37.64 -8.74 31.46
C LYS C 251 -36.48 -8.38 30.53
N SER C 252 -36.77 -8.23 29.25
CA SER C 252 -35.70 -7.96 28.28
C SER C 252 -35.16 -6.55 28.42
N GLY C 253 -35.93 -5.68 29.06
CA GLY C 253 -35.46 -4.32 29.28
C GLY C 253 -35.70 -3.35 28.12
N THR C 254 -36.38 -3.82 27.08
CA THR C 254 -36.66 -2.98 25.92
C THR C 254 -37.96 -3.43 25.26
N THR C 255 -38.53 -2.58 24.40
CA THR C 255 -39.67 -2.97 23.55
C THR C 255 -39.34 -3.28 22.08
N ASN C 256 -38.09 -3.16 21.67
CA ASN C 256 -37.74 -3.46 20.28
C ASN C 256 -36.63 -4.51 20.15
N PHE C 257 -36.75 -5.36 19.15
CA PHE C 257 -36.01 -6.61 19.16
C PHE C 257 -35.31 -6.89 17.88
N SER C 258 -34.25 -7.68 18.00
CA SER C 258 -33.52 -8.18 16.88
C SER C 258 -33.97 -9.62 16.63
N LEU C 259 -34.45 -9.88 15.42
CA LEU C 259 -34.94 -11.21 15.02
C LEU C 259 -33.87 -12.02 14.32
N SER C 260 -33.69 -13.26 14.78
CA SER C 260 -32.82 -14.23 14.14
C SER C 260 -33.52 -15.57 13.96
N MSE C 261 -33.13 -16.29 12.92
CA MSE C 261 -33.65 -17.62 12.68
C MSE C 261 -32.41 -18.46 12.40
O MSE C 261 -31.66 -18.17 11.46
CB MSE C 261 -34.58 -17.62 11.48
CG MSE C 261 -35.67 -16.50 11.50
SE MSE C 261 -36.77 -16.77 9.86
CE MSE C 261 -38.24 -15.54 10.26
N THR C 262 -32.22 -19.48 13.21
CA THR C 262 -30.93 -20.14 13.25
C THR C 262 -31.11 -21.61 13.42
N ALA C 263 -30.27 -22.37 12.74
CA ALA C 263 -30.28 -23.81 12.94
C ALA C 263 -28.85 -24.31 12.90
N SER C 264 -28.65 -25.51 13.44
CA SER C 264 -27.33 -26.10 13.43
C SER C 264 -27.45 -27.61 13.44
N THR C 265 -26.33 -28.25 13.16
CA THR C 265 -26.21 -29.68 13.34
C THR C 265 -24.93 -29.95 14.12
N GLY C 266 -24.94 -31.04 14.86
CA GLY C 266 -23.81 -31.66 15.52
C GLY C 266 -23.46 -32.98 14.84
N GLY C 267 -23.30 -33.98 15.70
CA GLY C 267 -23.33 -35.35 15.24
C GLY C 267 -24.74 -35.72 14.81
N ALA C 268 -25.74 -35.07 15.43
CA ALA C 268 -27.14 -35.22 15.02
C ALA C 268 -27.42 -34.19 13.94
N THR C 269 -28.12 -34.58 12.88
CA THR C 269 -28.24 -33.71 11.73
C THR C 269 -29.61 -33.77 11.10
N ASN C 270 -29.83 -32.82 10.19
CA ASN C 270 -31.05 -32.71 9.41
C ASN C 270 -30.85 -31.59 8.42
N LEU C 271 -31.55 -31.69 7.31
CA LEU C 271 -31.69 -30.62 6.36
C LEU C 271 -32.73 -29.69 6.98
N GLN C 272 -32.34 -28.45 7.23
CA GLN C 272 -33.19 -27.53 7.97
C GLN C 272 -33.39 -26.21 7.21
N GLN C 273 -34.64 -25.85 6.93
CA GLN C 273 -34.93 -24.82 5.96
C GLN C 273 -36.16 -24.01 6.38
N VAL C 274 -36.19 -22.76 5.95
CA VAL C 274 -37.34 -21.89 6.18
C VAL C 274 -37.69 -21.24 4.86
N GLN C 275 -38.95 -21.33 4.48
CA GLN C 275 -39.39 -20.78 3.21
C GLN C 275 -40.24 -19.52 3.37
N PHE C 276 -39.83 -18.44 2.73
CA PHE C 276 -40.64 -17.21 2.65
C PHE C 276 -41.55 -17.30 1.42
N GLY C 277 -42.85 -17.02 1.55
CA GLY C 277 -43.48 -16.54 2.76
C GLY C 277 -43.21 -15.06 2.99
N THR C 278 -43.71 -14.54 4.11
CA THR C 278 -43.55 -13.13 4.37
C THR C 278 -43.26 -12.87 5.84
N PHE C 279 -42.61 -11.74 6.11
CA PHE C 279 -42.49 -11.31 7.49
C PHE C 279 -42.90 -9.86 7.52
N GLU C 280 -43.93 -9.55 8.28
CA GLU C 280 -44.39 -8.17 8.35
C GLU C 280 -44.10 -7.58 9.75
N TYR C 281 -43.59 -6.35 9.80
CA TYR C 281 -43.25 -5.73 11.09
C TYR C 281 -43.22 -4.22 10.96
N THR C 282 -43.20 -3.54 12.10
CA THR C 282 -43.01 -2.09 12.08
C THR C 282 -41.62 -1.79 12.61
N GLU C 283 -40.91 -0.89 11.95
CA GLU C 283 -39.51 -0.62 12.24
C GLU C 283 -39.35 0.09 13.58
N SER C 284 -38.20 -0.12 14.20
CA SER C 284 -37.77 0.69 15.33
C SER C 284 -36.32 1.07 15.09
N ALA C 285 -35.85 2.13 15.75
CA ALA C 285 -34.45 2.48 15.65
C ALA C 285 -33.99 2.69 14.21
N VAL C 286 -34.72 3.54 13.48
CA VAL C 286 -34.39 3.87 12.11
C VAL C 286 -34.51 5.36 11.90
N THR C 287 -33.85 5.84 10.85
CA THR C 287 -34.09 7.16 10.27
C THR C 287 -34.43 7.03 8.79
N GLN C 288 -35.50 7.70 8.36
CA GLN C 288 -35.84 7.80 6.94
C GLN C 288 -35.11 9.03 6.40
N VAL C 289 -34.52 8.92 5.23
CA VAL C 289 -33.90 10.10 4.62
C VAL C 289 -34.59 10.37 3.28
N ARG C 290 -35.16 11.56 3.14
CA ARG C 290 -35.86 11.90 1.89
C ARG C 290 -35.06 12.90 1.06
N TYR C 291 -35.14 12.78 -0.27
CA TYR C 291 -34.48 13.71 -1.18
C TYR C 291 -35.55 14.35 -2.07
N VAL C 292 -35.83 15.61 -1.81
CA VAL C 292 -37.07 16.20 -2.32
C VAL C 292 -36.85 17.45 -3.18
N ASP C 293 -37.62 17.53 -4.25
CA ASP C 293 -37.55 18.66 -5.18
C ASP C 293 -38.30 19.81 -4.51
N VAL C 294 -37.59 20.88 -4.17
CA VAL C 294 -38.21 21.91 -3.35
C VAL C 294 -39.41 22.57 -4.04
N THR C 295 -39.43 22.52 -5.37
CA THR C 295 -40.54 23.09 -6.13
C THR C 295 -41.81 22.25 -6.12
N THR C 296 -41.68 20.96 -6.46
CA THR C 296 -42.84 20.08 -6.60
C THR C 296 -43.20 19.31 -5.33
N GLY C 297 -42.27 19.30 -4.37
CA GLY C 297 -42.44 18.48 -3.17
C GLY C 297 -42.31 16.98 -3.42
N LYS C 298 -41.86 16.61 -4.61
CA LYS C 298 -41.76 15.20 -4.98
C LYS C 298 -40.36 14.63 -4.73
N ASP C 299 -40.32 13.35 -4.34
CA ASP C 299 -39.07 12.61 -4.22
C ASP C 299 -38.32 12.64 -5.55
N ILE C 300 -37.06 13.03 -5.51
CA ILE C 300 -36.18 12.96 -6.66
C ILE C 300 -35.66 11.55 -6.85
N ILE C 301 -35.28 10.93 -5.74
CA ILE C 301 -34.93 9.52 -5.71
C ILE C 301 -35.70 8.90 -4.54
N PRO C 302 -35.82 7.56 -4.51
CA PRO C 302 -36.62 6.95 -3.45
C PRO C 302 -36.01 7.25 -2.08
N PRO C 303 -36.85 7.31 -1.04
CA PRO C 303 -36.32 7.55 0.30
C PRO C 303 -35.36 6.42 0.69
N LYS C 304 -34.44 6.70 1.60
CA LYS C 304 -33.53 5.68 2.13
C LYS C 304 -33.79 5.49 3.62
N THR C 305 -33.70 4.26 4.07
CA THR C 305 -33.89 3.95 5.48
C THR C 305 -32.57 3.46 6.05
N TYR C 306 -32.11 4.14 7.11
CA TYR C 306 -30.96 3.69 7.89
C TYR C 306 -31.47 2.99 9.14
N SER C 307 -30.87 1.84 9.45
CA SER C 307 -31.24 1.05 10.63
C SER C 307 -30.05 0.93 11.56
N GLY C 308 -30.33 0.84 12.85
CA GLY C 308 -29.28 0.72 13.84
C GLY C 308 -29.84 0.23 15.16
N ASN C 309 -28.96 0.04 16.13
CA ASN C 309 -29.37 -0.21 17.50
C ASN C 309 -29.74 1.08 18.18
N VAL C 310 -30.51 0.97 19.24
CA VAL C 310 -30.84 2.15 19.99
C VAL C 310 -29.54 2.78 20.50
N ASP C 311 -29.38 4.09 20.28
CA ASP C 311 -28.23 4.87 20.74
C ASP C 311 -27.05 4.75 19.78
N GLN C 312 -27.20 3.96 18.73
CA GLN C 312 -26.13 3.89 17.74
C GLN C 312 -26.12 5.16 16.89
N VAL C 313 -24.93 5.76 16.72
CA VAL C 313 -24.79 6.92 15.84
C VAL C 313 -24.44 6.40 14.46
N VAL C 314 -25.12 6.93 13.46
CA VAL C 314 -24.97 6.44 12.11
C VAL C 314 -24.81 7.65 11.17
N THR C 315 -23.93 7.55 10.19
CA THR C 315 -23.73 8.61 9.21
C THR C 315 -24.71 8.39 8.08
N ILE C 316 -25.40 9.45 7.66
CA ILE C 316 -26.37 9.33 6.58
C ILE C 316 -25.86 10.11 5.37
N ASP C 317 -26.36 9.77 4.18
CA ASP C 317 -25.89 10.41 2.95
C ASP C 317 -26.91 11.41 2.36
N ASN C 318 -26.52 12.67 2.18
CA ASN C 318 -27.40 13.63 1.50
C ASN C 318 -27.40 13.45 -0.03
N GLN C 319 -26.50 12.60 -0.53
CA GLN C 319 -26.42 12.30 -1.95
C GLN C 319 -26.29 13.57 -2.82
N GLN C 320 -25.54 14.55 -2.33
CA GLN C 320 -25.28 15.78 -3.05
C GLN C 320 -24.75 15.50 -4.48
N SER C 321 -23.68 14.71 -4.55
CA SER C 321 -23.05 14.41 -5.83
C SER C 321 -24.08 13.82 -6.79
N ALA C 322 -24.72 12.74 -6.36
CA ALA C 322 -25.63 12.02 -7.23
C ALA C 322 -26.71 12.91 -7.82
N LEU C 323 -27.26 13.83 -7.04
CA LEU C 323 -28.45 14.55 -7.51
C LEU C 323 -28.21 15.61 -8.60
N THR C 324 -27.00 16.15 -8.70
CA THR C 324 -26.70 17.12 -9.77
C THR C 324 -27.05 16.57 -11.17
N ALA C 325 -26.66 15.31 -11.41
CA ALA C 325 -26.83 14.67 -12.71
C ALA C 325 -28.31 14.50 -13.05
N LYS C 326 -29.16 14.60 -12.05
CA LYS C 326 -30.59 14.63 -12.32
C LYS C 326 -31.06 16.08 -12.54
N GLY C 327 -30.12 17.02 -12.51
CA GLY C 327 -30.44 18.44 -12.66
C GLY C 327 -30.77 19.18 -11.37
N TYR C 328 -30.21 18.72 -10.25
CA TYR C 328 -30.53 19.29 -8.94
C TYR C 328 -29.35 19.78 -8.11
N ASN C 329 -29.55 20.86 -7.39
CA ASN C 329 -28.56 21.31 -6.40
C ASN C 329 -29.20 21.49 -5.03
N TYR C 330 -28.39 21.38 -4.00
CA TYR C 330 -28.85 21.43 -2.61
C TYR C 330 -29.42 22.80 -2.24
N THR C 331 -30.57 22.80 -1.55
CA THR C 331 -31.13 24.04 -1.01
C THR C 331 -31.14 24.09 0.51
N SER C 332 -31.82 23.13 1.17
CA SER C 332 -31.85 23.11 2.63
C SER C 332 -32.05 21.70 3.20
N VAL C 333 -32.00 21.60 4.52
CA VAL C 333 -32.35 20.37 5.22
C VAL C 333 -33.41 20.65 6.28
N ASP C 334 -34.41 19.78 6.35
CA ASP C 334 -35.40 19.85 7.40
C ASP C 334 -35.23 18.59 8.28
N SER C 335 -34.66 18.80 9.46
CA SER C 335 -34.46 17.75 10.46
C SER C 335 -35.48 17.79 11.62
N SER C 336 -36.57 18.54 11.44
CA SER C 336 -37.53 18.70 12.53
C SER C 336 -38.07 17.36 13.05
N TYR C 337 -38.13 16.35 12.20
CA TYR C 337 -38.48 14.99 12.64
C TYR C 337 -37.26 14.12 13.04
N ALA C 338 -36.08 14.72 13.13
CA ALA C 338 -34.98 14.01 13.75
C ALA C 338 -34.26 14.89 14.75
N SER C 339 -34.56 14.71 16.03
CA SER C 339 -34.02 15.62 17.04
C SER C 339 -32.54 15.39 17.24
N THR C 340 -32.07 14.19 16.90
CA THR C 340 -30.66 13.84 17.07
C THR C 340 -29.77 14.25 15.90
N TYR C 341 -30.35 14.79 14.84
CA TYR C 341 -29.58 15.05 13.63
C TYR C 341 -28.46 16.07 13.85
N ASN C 342 -27.27 15.74 13.37
CA ASN C 342 -26.14 16.66 13.39
C ASN C 342 -25.70 16.93 11.96
N ASP C 343 -25.95 18.16 11.50
CA ASP C 343 -25.71 18.53 10.10
C ASP C 343 -24.22 18.65 9.80
N THR C 344 -23.43 18.99 10.81
CA THR C 344 -21.99 19.08 10.63
C THR C 344 -21.37 17.72 10.28
N ASN C 345 -21.70 16.70 11.07
CA ASN C 345 -21.20 15.33 10.81
C ASN C 345 -22.12 14.45 9.96
N LYS C 346 -23.30 14.95 9.65
CA LYS C 346 -24.28 14.16 8.91
C LYS C 346 -24.64 12.88 9.66
N THR C 347 -24.93 13.00 10.95
CA THR C 347 -25.27 11.83 11.73
C THR C 347 -26.63 11.96 12.38
N VAL C 348 -27.14 10.82 12.82
CA VAL C 348 -28.30 10.75 13.68
C VAL C 348 -27.97 9.70 14.72
N LYS C 349 -28.72 9.70 15.81
CA LYS C 349 -28.51 8.71 16.86
C LYS C 349 -29.83 7.99 17.04
N MSE C 350 -29.82 6.67 16.87
CA MSE C 350 -31.08 5.94 16.80
C MSE C 350 -31.79 5.99 18.15
O MSE C 350 -31.15 5.90 19.19
CB MSE C 350 -30.87 4.48 16.36
CG MSE C 350 -30.32 4.30 14.93
SE MSE C 350 -31.21 5.37 13.53
CE MSE C 350 -30.00 4.94 12.05
N THR C 351 -33.10 6.13 18.12
CA THR C 351 -33.93 6.05 19.31
C THR C 351 -34.88 4.87 19.13
N ASN C 352 -35.68 4.59 20.15
CA ASN C 352 -36.71 3.57 20.04
C ASN C 352 -37.66 3.87 18.86
N ALA C 353 -38.14 5.11 18.80
CA ALA C 353 -39.00 5.57 17.71
C ALA C 353 -38.16 5.96 16.50
N GLY C 354 -38.79 5.94 15.32
CA GLY C 354 -38.12 6.35 14.11
C GLY C 354 -37.89 7.85 14.00
N GLN C 355 -36.98 8.22 13.11
CA GLN C 355 -36.73 9.62 12.80
C GLN C 355 -36.76 9.83 11.29
N SER C 356 -36.83 11.09 10.87
CA SER C 356 -36.85 11.38 9.46
C SER C 356 -36.10 12.66 9.22
N VAL C 357 -35.26 12.68 8.20
CA VAL C 357 -34.70 13.94 7.72
C VAL C 357 -34.93 14.11 6.20
N THR C 358 -35.28 15.33 5.80
CA THR C 358 -35.53 15.59 4.41
C THR C 358 -34.49 16.58 3.90
N TYR C 359 -33.78 16.19 2.84
CA TYR C 359 -32.89 17.09 2.12
C TYR C 359 -33.61 17.64 0.89
N TYR C 360 -33.54 18.97 0.73
CA TYR C 360 -34.24 19.65 -0.35
C TYR C 360 -33.26 20.12 -1.43
N PHE C 361 -33.69 19.94 -2.69
CA PHE C 361 -32.93 20.37 -3.86
C PHE C 361 -33.80 21.11 -4.87
N THR C 362 -33.16 21.84 -5.79
CA THR C 362 -33.93 22.57 -6.78
C THR C 362 -33.47 22.32 -8.21
N ASP C 363 -34.44 22.11 -9.12
CA ASP C 363 -34.13 22.01 -10.57
C ASP C 363 -34.40 23.30 -11.37
N VAL C 364 -34.84 24.34 -10.66
CA VAL C 364 -35.14 25.64 -11.26
C VAL C 364 -33.95 26.24 -12.01
N ALA D 43 -0.27 2.39 20.06
CA ALA D 43 0.76 2.53 19.04
C ALA D 43 0.33 2.00 17.66
N VAL D 44 -0.39 0.88 17.63
CA VAL D 44 -0.78 0.28 16.34
C VAL D 44 -2.13 0.81 15.96
N THR D 45 -2.18 1.68 14.95
CA THR D 45 -3.44 2.18 14.41
C THR D 45 -3.96 1.57 13.09
N ALA D 46 -3.05 1.00 12.29
CA ALA D 46 -3.46 0.43 11.01
C ALA D 46 -2.71 -0.86 10.77
N ASN D 47 -3.45 -1.96 10.72
CA ASN D 47 -2.82 -3.27 10.56
C ASN D 47 -2.50 -3.58 9.11
N THR D 48 -1.51 -4.42 8.90
CA THR D 48 -1.28 -5.04 7.63
C THR D 48 -1.93 -6.43 7.69
N ILE D 49 -3.00 -6.59 6.93
CA ILE D 49 -3.86 -7.75 7.00
C ILE D 49 -3.57 -8.68 5.84
N THR D 50 -3.57 -9.97 6.09
CA THR D 50 -3.58 -10.94 5.02
C THR D 50 -4.89 -11.72 5.03
N VAL D 51 -5.69 -11.49 3.98
CA VAL D 51 -6.93 -12.22 3.78
C VAL D 51 -6.59 -13.56 3.17
N ASN D 52 -7.10 -14.65 3.74
CA ASN D 52 -6.89 -15.97 3.15
C ASN D 52 -8.21 -16.73 3.07
N LYS D 53 -8.20 -17.95 2.53
CA LYS D 53 -9.48 -18.62 2.30
C LYS D 53 -10.24 -18.84 3.61
N ASP D 54 -9.51 -18.95 4.71
CA ASP D 54 -10.14 -19.23 6.02
C ASP D 54 -10.71 -18.01 6.72
N ASN D 55 -10.08 -16.85 6.57
CA ASN D 55 -10.61 -15.63 7.17
C ASN D 55 -11.37 -14.72 6.20
N LEU D 56 -11.53 -15.17 4.96
CA LEU D 56 -12.19 -14.34 3.93
C LEU D 56 -13.50 -13.70 4.38
N LYS D 57 -14.36 -14.49 5.00
CA LYS D 57 -15.69 -13.99 5.35
C LYS D 57 -15.63 -12.99 6.50
N GLN D 58 -14.50 -12.95 7.19
CA GLN D 58 -14.28 -11.90 8.18
C GLN D 58 -13.98 -10.53 7.55
N TYR D 59 -13.22 -10.54 6.45
CA TYR D 59 -12.83 -9.27 5.78
C TYR D 59 -13.59 -8.81 4.52
N MSE D 60 -14.35 -9.73 3.94
CA MSE D 60 -14.97 -9.49 2.65
C MSE D 60 -16.42 -9.91 2.68
O MSE D 60 -16.83 -10.72 3.52
CB MSE D 60 -14.22 -10.22 1.54
CG MSE D 60 -12.72 -9.99 1.59
SE MSE D 60 -11.82 -10.60 -0.06
CE MSE D 60 -12.44 -9.08 -1.21
N THR D 61 -17.18 -9.32 1.76
CA THR D 61 -18.60 -9.59 1.60
C THR D 61 -18.90 -9.98 0.14
N THR D 62 -19.65 -11.07 -0.04
CA THR D 62 -20.13 -11.48 -1.37
C THR D 62 -21.54 -10.96 -1.55
N SER D 63 -21.91 -10.64 -2.79
CA SER D 63 -23.24 -10.18 -3.10
C SER D 63 -23.75 -10.75 -4.43
N GLY D 64 -25.04 -10.58 -4.69
CA GLY D 64 -25.65 -10.99 -5.94
C GLY D 64 -25.60 -12.49 -6.08
N ASN D 65 -25.14 -12.96 -7.25
CA ASN D 65 -25.05 -14.39 -7.52
C ASN D 65 -23.82 -15.05 -6.94
N ALA D 66 -22.93 -14.27 -6.33
CA ALA D 66 -21.66 -14.83 -5.85
C ALA D 66 -21.90 -15.82 -4.72
N THR D 67 -21.13 -16.91 -4.73
CA THR D 67 -21.14 -17.87 -3.62
C THR D 67 -19.70 -18.24 -3.28
N TYR D 68 -19.50 -18.82 -2.09
CA TYR D 68 -18.13 -19.08 -1.61
C TYR D 68 -17.93 -20.48 -1.07
N ASP D 69 -16.85 -21.14 -1.47
CA ASP D 69 -16.51 -22.42 -0.88
C ASP D 69 -15.23 -22.24 -0.09
N GLN D 70 -15.39 -22.17 1.23
CA GLN D 70 -14.27 -21.90 2.11
C GLN D 70 -13.22 -23.03 2.07
N SER D 71 -13.64 -24.25 1.75
CA SER D 71 -12.65 -25.33 1.79
C SER D 71 -11.65 -25.19 0.64
N THR D 72 -12.10 -24.71 -0.52
CA THR D 72 -11.19 -24.46 -1.65
C THR D 72 -10.76 -23.00 -1.84
N GLY D 73 -11.43 -22.09 -1.16
CA GLY D 73 -11.21 -20.66 -1.35
C GLY D 73 -11.76 -20.13 -2.66
N ILE D 74 -12.60 -20.92 -3.33
CA ILE D 74 -13.18 -20.46 -4.59
C ILE D 74 -14.41 -19.57 -4.39
N VAL D 75 -14.31 -18.34 -4.86
CA VAL D 75 -15.47 -17.46 -4.96
C VAL D 75 -16.08 -17.69 -6.35
N THR D 76 -17.31 -18.18 -6.42
CA THR D 76 -17.97 -18.29 -7.72
C THR D 76 -18.76 -16.99 -7.93
N LEU D 77 -18.32 -16.16 -8.87
CA LEU D 77 -18.98 -14.88 -9.12
C LEU D 77 -20.26 -15.04 -9.96
N THR D 78 -20.15 -15.81 -11.05
CA THR D 78 -21.31 -16.22 -11.84
C THR D 78 -21.13 -17.65 -12.30
N GLN D 79 -22.26 -18.33 -12.48
CA GLN D 79 -22.29 -19.64 -13.10
C GLN D 79 -22.37 -19.39 -14.61
N ASP D 80 -22.31 -20.44 -15.41
CA ASP D 80 -22.36 -20.23 -16.85
C ASP D 80 -23.84 -20.26 -17.17
N ALA D 81 -24.46 -19.08 -17.09
CA ALA D 81 -25.91 -18.95 -17.16
C ALA D 81 -26.27 -17.51 -17.50
N TYR D 82 -27.46 -17.31 -18.05
CA TYR D 82 -27.86 -15.95 -18.45
C TYR D 82 -28.07 -15.00 -17.30
N SER D 83 -27.71 -13.73 -17.54
CA SER D 83 -28.17 -12.65 -16.70
C SER D 83 -27.72 -12.73 -15.24
N GLN D 84 -26.51 -13.19 -15.01
CA GLN D 84 -25.98 -13.25 -13.64
C GLN D 84 -25.10 -12.06 -13.35
N LYS D 85 -25.04 -11.66 -12.08
CA LYS D 85 -24.00 -10.74 -11.64
C LYS D 85 -23.61 -11.10 -10.23
N GLY D 86 -22.31 -11.11 -9.96
CA GLY D 86 -21.89 -11.38 -8.60
C GLY D 86 -20.63 -10.61 -8.28
N ALA D 87 -20.43 -10.35 -7.00
CA ALA D 87 -19.27 -9.57 -6.57
C ALA D 87 -18.82 -9.99 -5.21
N ILE D 88 -17.54 -9.72 -4.97
CA ILE D 88 -17.02 -9.74 -3.61
C ILE D 88 -16.28 -8.44 -3.38
N THR D 89 -16.48 -7.85 -2.20
CA THR D 89 -15.85 -6.56 -1.88
C THR D 89 -15.11 -6.65 -0.56
N LEU D 90 -14.08 -5.82 -0.41
CA LEU D 90 -13.26 -5.80 0.79
C LEU D 90 -13.79 -4.73 1.75
N GLY D 91 -14.08 -5.14 2.99
CA GLY D 91 -14.81 -4.28 3.91
C GLY D 91 -13.94 -3.24 4.60
N THR D 92 -12.69 -3.08 4.18
CA THR D 92 -11.85 -2.04 4.77
C THR D 92 -11.14 -1.31 3.64
N ARG D 93 -11.00 0.00 3.74
CA ARG D 93 -10.24 0.74 2.72
C ARG D 93 -8.74 0.37 2.72
N ILE D 94 -8.16 0.30 1.53
CA ILE D 94 -6.75 -0.03 1.37
C ILE D 94 -5.94 1.26 1.25
N ASP D 95 -4.85 1.34 1.99
CA ASP D 95 -3.97 2.50 1.91
C ASP D 95 -2.96 2.33 0.77
N SER D 96 -3.04 3.20 -0.23
CA SER D 96 -2.14 3.11 -1.39
C SER D 96 -0.81 3.81 -1.14
N ASN D 97 -0.64 4.35 0.06
CA ASN D 97 0.67 4.78 0.48
C ASN D 97 1.53 3.56 0.90
N LYS D 98 0.91 2.40 0.99
CA LYS D 98 1.62 1.13 1.29
C LYS D 98 1.34 0.16 0.17
N SER D 99 2.12 -0.92 0.12
CA SER D 99 1.92 -1.95 -0.87
C SER D 99 0.67 -2.78 -0.65
N PHE D 100 0.22 -3.46 -1.71
CA PHE D 100 -0.81 -4.49 -1.54
C PHE D 100 -0.64 -5.53 -2.61
N HIS D 101 -1.15 -6.72 -2.35
CA HIS D 101 -0.85 -7.85 -3.20
C HIS D 101 -2.00 -8.86 -3.19
N PHE D 102 -2.57 -9.14 -4.36
CA PHE D 102 -3.43 -10.30 -4.52
C PHE D 102 -2.66 -11.41 -5.20
N SER D 103 -2.71 -12.60 -4.64
CA SER D 103 -2.08 -13.74 -5.28
C SER D 103 -3.06 -14.91 -5.22
N GLY D 104 -3.44 -15.46 -6.36
CA GLY D 104 -4.50 -16.46 -6.37
C GLY D 104 -4.70 -17.01 -7.75
N LYS D 105 -5.91 -17.48 -8.02
CA LYS D 105 -6.20 -18.01 -9.37
C LYS D 105 -7.52 -17.48 -9.87
N VAL D 106 -7.71 -17.54 -11.20
CA VAL D 106 -8.96 -17.10 -11.81
C VAL D 106 -9.39 -18.07 -12.89
N ASN D 107 -10.66 -18.47 -12.83
CA ASN D 107 -11.33 -19.14 -13.94
C ASN D 107 -12.17 -18.14 -14.71
N LEU D 108 -11.75 -17.88 -15.95
CA LEU D 108 -12.42 -16.95 -16.83
C LEU D 108 -13.58 -17.60 -17.60
N GLY D 109 -13.66 -18.93 -17.54
CA GLY D 109 -14.69 -19.64 -18.30
C GLY D 109 -14.21 -20.47 -19.48
N ASN D 110 -15.15 -20.93 -20.30
CA ASN D 110 -14.84 -21.73 -21.47
C ASN D 110 -15.14 -21.12 -22.86
N LYS D 111 -15.62 -19.88 -22.90
CA LYS D 111 -16.05 -19.25 -24.15
C LYS D 111 -15.46 -17.83 -24.24
N TYR D 112 -15.22 -17.35 -25.44
CA TYR D 112 -14.72 -15.99 -25.59
C TYR D 112 -14.85 -15.53 -27.02
N GLU D 113 -14.48 -14.27 -27.27
CA GLU D 113 -14.79 -13.63 -28.55
C GLU D 113 -14.31 -14.51 -29.69
N GLY D 114 -15.22 -14.87 -30.59
CA GLY D 114 -14.85 -15.70 -31.73
C GLY D 114 -14.81 -17.19 -31.43
N HIS D 115 -15.05 -17.59 -30.17
CA HIS D 115 -15.14 -19.00 -29.82
C HIS D 115 -16.23 -19.15 -28.78
N GLY D 116 -17.47 -19.42 -29.21
CA GLY D 116 -18.60 -19.41 -28.30
C GLY D 116 -19.04 -18.01 -27.88
N ASN D 117 -20.23 -17.89 -27.28
CA ASN D 117 -20.68 -16.56 -26.94
C ASN D 117 -20.32 -16.39 -25.46
N GLY D 118 -19.10 -15.89 -25.22
CA GLY D 118 -18.61 -15.74 -23.87
C GLY D 118 -18.66 -14.33 -23.36
N GLY D 119 -18.91 -14.19 -22.06
CA GLY D 119 -18.85 -12.90 -21.40
C GLY D 119 -19.43 -12.99 -20.00
N ASP D 120 -19.53 -11.87 -19.29
CA ASP D 120 -19.04 -10.57 -19.76
C ASP D 120 -17.57 -10.32 -19.43
N GLY D 121 -17.03 -11.10 -18.49
CA GLY D 121 -15.68 -10.92 -17.98
C GLY D 121 -15.61 -10.46 -16.52
N ILE D 122 -14.39 -10.31 -16.01
CA ILE D 122 -14.23 -10.07 -14.56
C ILE D 122 -13.38 -8.84 -14.33
N GLY D 123 -13.91 -7.89 -13.56
CA GLY D 123 -13.14 -6.71 -13.22
C GLY D 123 -12.67 -6.64 -11.78
N PHE D 124 -11.50 -6.02 -11.58
CA PHE D 124 -10.93 -5.80 -10.25
C PHE D 124 -10.81 -4.31 -10.17
N ALA D 125 -11.62 -3.72 -9.30
CA ALA D 125 -11.76 -2.27 -9.28
C ALA D 125 -11.28 -1.64 -7.96
N PHE D 126 -10.65 -0.47 -8.10
CA PHE D 126 -10.19 0.31 -6.94
C PHE D 126 -10.89 1.65 -6.96
N SER D 127 -11.75 1.91 -5.98
CA SER D 127 -12.64 3.08 -6.08
C SER D 127 -12.38 4.07 -4.95
N PRO D 128 -12.39 5.39 -5.25
CA PRO D 128 -12.35 6.48 -4.26
C PRO D 128 -13.70 6.56 -3.55
N GLY D 129 -14.70 5.88 -4.08
CA GLY D 129 -16.05 5.96 -3.50
C GLY D 129 -16.25 5.01 -2.31
N VAL D 130 -17.46 4.93 -1.78
CA VAL D 130 -17.69 4.23 -0.51
C VAL D 130 -17.42 2.71 -0.54
N LEU D 131 -17.10 2.15 0.61
CA LEU D 131 -16.94 0.70 0.71
C LEU D 131 -18.21 -0.05 0.29
N GLY D 132 -18.04 -1.25 -0.25
CA GLY D 132 -19.16 -2.14 -0.51
C GLY D 132 -19.83 -1.94 -1.87
N GLU D 133 -19.56 -0.80 -2.49
CA GLU D 133 -20.16 -0.46 -3.79
C GLU D 133 -19.49 -1.29 -4.91
N THR D 134 -20.24 -1.68 -5.94
CA THR D 134 -19.65 -2.42 -7.05
C THR D 134 -19.96 -1.79 -8.41
N GLY D 135 -19.19 -2.15 -9.43
CA GLY D 135 -19.48 -1.65 -10.76
C GLY D 135 -20.64 -2.39 -11.41
N LEU D 136 -21.01 -1.97 -12.62
CA LEU D 136 -22.12 -2.55 -13.38
C LEU D 136 -21.81 -3.86 -14.09
N ASN D 137 -22.87 -4.61 -14.44
CA ASN D 137 -22.75 -5.77 -15.34
C ASN D 137 -22.48 -5.32 -16.77
N GLY D 138 -22.24 -6.27 -17.68
CA GLY D 138 -22.09 -5.91 -19.08
C GLY D 138 -20.73 -5.32 -19.49
N ALA D 139 -20.75 -4.39 -20.42
CA ALA D 139 -19.52 -3.80 -20.97
C ALA D 139 -18.72 -3.03 -19.91
N ALA D 140 -19.36 -2.63 -18.81
CA ALA D 140 -18.65 -2.02 -17.65
C ALA D 140 -17.66 -2.98 -17.02
N VAL D 141 -17.93 -4.28 -17.17
CA VAL D 141 -17.12 -5.35 -16.56
C VAL D 141 -16.80 -5.05 -15.10
N GLY D 142 -17.80 -4.56 -14.36
CA GLY D 142 -17.69 -4.40 -12.93
C GLY D 142 -16.78 -3.26 -12.50
N ILE D 143 -16.38 -2.43 -13.47
CA ILE D 143 -15.57 -1.24 -13.20
C ILE D 143 -16.40 0.02 -13.54
N GLY D 144 -16.89 0.11 -14.77
CA GLY D 144 -17.84 1.17 -15.11
C GLY D 144 -18.94 1.17 -14.08
N GLY D 145 -19.46 2.36 -13.78
CA GLY D 145 -20.49 2.49 -12.76
C GLY D 145 -19.87 3.06 -11.47
N LEU D 146 -18.56 2.91 -11.33
CA LEU D 146 -17.81 3.50 -10.20
C LEU D 146 -17.12 4.76 -10.69
N SER D 147 -17.25 5.86 -9.96
CA SER D 147 -16.72 7.14 -10.41
C SER D 147 -15.24 7.31 -10.11
N ASN D 148 -14.50 7.82 -11.10
CA ASN D 148 -13.09 8.15 -10.92
C ASN D 148 -12.30 6.97 -10.39
N ALA D 149 -12.68 5.79 -10.87
CA ALA D 149 -12.05 4.57 -10.36
C ALA D 149 -11.00 4.07 -11.33
N PHE D 150 -10.29 3.01 -10.96
CA PHE D 150 -9.36 2.40 -11.89
C PHE D 150 -9.23 0.96 -11.50
N GLY D 151 -8.74 0.14 -12.43
CA GLY D 151 -8.59 -1.27 -12.17
C GLY D 151 -8.15 -2.06 -13.39
N PHE D 152 -8.41 -3.35 -13.34
CA PHE D 152 -7.97 -4.25 -14.38
C PHE D 152 -9.13 -5.20 -14.69
N LYS D 153 -9.35 -5.48 -15.97
CA LYS D 153 -10.35 -6.47 -16.33
C LYS D 153 -9.79 -7.59 -17.17
N LEU D 154 -10.42 -8.74 -17.05
CA LEU D 154 -10.25 -9.82 -18.02
C LEU D 154 -11.55 -9.89 -18.80
N ASP D 155 -11.48 -9.58 -20.09
CA ASP D 155 -12.68 -9.26 -20.87
C ASP D 155 -12.87 -10.25 -22.03
N THR D 156 -13.91 -11.07 -21.96
CA THR D 156 -14.11 -12.14 -22.95
C THR D 156 -15.05 -11.80 -24.10
N TYR D 157 -15.67 -10.62 -24.03
CA TYR D 157 -16.69 -10.25 -24.98
C TYR D 157 -16.31 -8.90 -25.60
N HIS D 158 -15.98 -8.83 -26.89
CA HIS D 158 -15.43 -7.58 -27.38
C HIS D 158 -16.61 -6.65 -27.68
N ASN D 159 -16.71 -5.53 -26.96
CA ASN D 159 -17.83 -4.64 -27.28
C ASN D 159 -17.33 -3.68 -28.34
N THR D 160 -17.69 -4.00 -29.58
CA THR D 160 -17.08 -3.34 -30.73
C THR D 160 -17.71 -1.96 -30.92
N SER D 161 -18.99 -1.86 -30.62
CA SER D 161 -19.71 -0.58 -30.68
C SER D 161 -19.82 -0.04 -29.27
N LYS D 162 -19.82 1.28 -29.14
CA LYS D 162 -20.04 1.85 -27.82
C LYS D 162 -21.41 1.41 -27.36
N PRO D 163 -21.51 0.93 -26.13
CA PRO D 163 -22.72 0.51 -25.44
C PRO D 163 -23.61 1.72 -25.14
N ASN D 164 -24.86 1.48 -24.78
CA ASN D 164 -25.75 2.59 -24.48
C ASN D 164 -25.37 3.30 -23.18
N SER D 165 -26.11 4.32 -22.81
CA SER D 165 -25.69 5.21 -21.72
C SER D 165 -25.64 4.53 -20.35
N ALA D 166 -26.66 3.75 -20.06
CA ALA D 166 -26.76 3.09 -18.77
C ALA D 166 -25.68 2.00 -18.60
N ALA D 167 -25.00 1.65 -19.69
CA ALA D 167 -23.93 0.64 -19.60
C ALA D 167 -22.64 1.23 -19.00
N LYS D 168 -22.47 2.54 -19.15
CA LYS D 168 -21.29 3.21 -18.59
C LYS D 168 -19.97 2.62 -19.10
N ALA D 169 -19.87 2.42 -20.41
CA ALA D 169 -18.60 2.02 -20.98
C ALA D 169 -18.42 2.63 -22.37
N ASN D 170 -17.19 2.94 -22.76
CA ASN D 170 -16.90 3.21 -24.15
C ASN D 170 -16.64 1.87 -24.85
N ALA D 171 -16.48 1.88 -26.17
CA ALA D 171 -16.27 0.63 -26.92
C ALA D 171 -14.95 -0.02 -26.49
N ASP D 172 -14.84 -1.34 -26.59
CA ASP D 172 -13.54 -1.99 -26.39
C ASP D 172 -12.62 -1.63 -27.55
N PRO D 173 -11.30 -1.69 -27.35
CA PRO D 173 -10.41 -1.09 -28.36
C PRO D 173 -10.25 -1.93 -29.62
N SER D 174 -10.01 -1.26 -30.73
CA SER D 174 -9.83 -1.98 -31.99
C SER D 174 -8.57 -2.84 -31.92
N ASN D 175 -7.60 -2.46 -31.09
CA ASN D 175 -6.32 -3.17 -31.12
C ASN D 175 -6.45 -4.54 -30.41
N VAL D 176 -7.54 -4.74 -29.67
CA VAL D 176 -7.91 -6.08 -29.18
C VAL D 176 -9.09 -6.80 -29.88
N ALA D 177 -9.63 -6.23 -30.97
CA ALA D 177 -10.76 -6.89 -31.68
C ALA D 177 -10.31 -8.08 -32.53
N GLY D 178 -11.28 -8.82 -33.09
CA GLY D 178 -10.96 -9.84 -34.08
C GLY D 178 -10.87 -11.26 -33.55
N GLY D 179 -11.19 -11.42 -32.27
CA GLY D 179 -11.15 -12.69 -31.57
C GLY D 179 -10.11 -12.83 -30.48
N GLY D 180 -10.54 -13.54 -29.44
CA GLY D 180 -9.77 -13.74 -28.23
C GLY D 180 -10.25 -12.83 -27.11
N ALA D 181 -10.19 -13.33 -25.89
CA ALA D 181 -10.38 -12.51 -24.69
C ALA D 181 -9.14 -11.65 -24.56
N PHE D 182 -9.24 -10.54 -23.83
CA PHE D 182 -8.07 -9.70 -23.58
C PHE D 182 -8.05 -9.20 -22.16
N GLY D 183 -6.87 -8.82 -21.70
CA GLY D 183 -6.70 -8.12 -20.42
C GLY D 183 -6.42 -6.65 -20.63
N ALA D 184 -6.85 -5.80 -19.70
CA ALA D 184 -6.50 -4.39 -19.85
C ALA D 184 -6.73 -3.63 -18.56
N PHE D 185 -5.98 -2.55 -18.38
CA PHE D 185 -6.32 -1.63 -17.31
C PHE D 185 -7.57 -0.88 -17.77
N VAL D 186 -8.34 -0.34 -16.83
CA VAL D 186 -9.44 0.57 -17.16
C VAL D 186 -9.56 1.70 -16.14
N THR D 187 -10.09 2.84 -16.59
CA THR D 187 -10.35 3.98 -15.71
C THR D 187 -11.75 4.46 -16.03
N THR D 188 -12.39 5.09 -15.05
CA THR D 188 -13.73 5.64 -15.28
C THR D 188 -13.69 7.15 -15.05
N ASP D 189 -14.62 7.85 -15.68
CA ASP D 189 -14.73 9.30 -15.51
C ASP D 189 -15.60 9.62 -14.30
N SER D 190 -15.91 10.89 -14.08
CA SER D 190 -16.56 11.27 -12.83
C SER D 190 -17.98 10.77 -12.78
N TYR D 191 -18.50 10.37 -13.95
CA TYR D 191 -19.83 9.77 -14.05
C TYR D 191 -19.81 8.25 -14.11
N GLY D 192 -18.64 7.62 -13.96
CA GLY D 192 -18.61 6.17 -13.96
C GLY D 192 -18.45 5.48 -15.30
N VAL D 193 -18.23 6.24 -16.37
CA VAL D 193 -18.06 5.63 -17.69
C VAL D 193 -16.66 5.03 -17.80
N ALA D 194 -16.59 3.74 -18.11
CA ALA D 194 -15.32 3.02 -18.19
C ALA D 194 -14.68 3.16 -19.56
N THR D 195 -13.42 3.56 -19.57
CA THR D 195 -12.63 3.57 -20.80
C THR D 195 -11.52 2.52 -20.67
N THR D 196 -11.39 1.65 -21.65
CA THR D 196 -10.34 0.62 -21.58
C THR D 196 -9.05 1.31 -21.96
N TYR D 197 -8.02 1.15 -21.14
CA TYR D 197 -6.79 1.85 -21.36
C TYR D 197 -5.99 1.24 -22.51
N THR D 198 -5.49 2.08 -23.42
CA THR D 198 -4.53 1.63 -24.42
C THR D 198 -3.28 2.50 -24.47
N SER D 199 -2.22 2.00 -25.10
CA SER D 199 -1.06 2.84 -25.38
C SER D 199 -0.19 2.13 -26.37
N SER D 200 0.91 2.76 -26.75
CA SER D 200 1.83 2.16 -27.72
C SER D 200 2.77 1.17 -27.01
N SER D 201 2.63 1.03 -25.69
CA SER D 201 3.56 0.24 -24.87
C SER D 201 3.11 -1.18 -24.58
N THR D 202 3.99 -2.16 -24.81
CA THR D 202 3.64 -3.54 -24.47
C THR D 202 3.51 -3.70 -22.95
N ALA D 203 4.05 -2.77 -22.17
CA ALA D 203 4.00 -2.95 -20.74
C ALA D 203 2.57 -2.80 -20.22
N ASP D 204 1.91 -1.72 -20.62
CA ASP D 204 0.52 -1.44 -20.18
C ASP D 204 -0.65 -1.50 -21.20
N ASN D 205 -0.37 -1.71 -22.48
CA ASN D 205 -1.47 -1.70 -23.48
C ASN D 205 -2.44 -2.88 -23.27
N ALA D 206 -3.71 -2.67 -23.61
CA ALA D 206 -4.68 -3.77 -23.64
C ALA D 206 -4.06 -4.83 -24.55
N ALA D 207 -4.22 -6.10 -24.21
CA ALA D 207 -3.60 -7.17 -24.99
C ALA D 207 -4.40 -8.46 -24.89
N LYS D 208 -4.50 -9.17 -26.01
CA LYS D 208 -5.16 -10.47 -26.04
C LYS D 208 -4.41 -11.45 -25.15
N LEU D 209 -5.16 -12.30 -24.47
CA LEU D 209 -4.57 -13.21 -23.50
C LEU D 209 -3.72 -14.22 -24.25
N ASN D 210 -2.49 -14.42 -23.80
CA ASN D 210 -1.68 -15.54 -24.28
C ASN D 210 -2.40 -16.89 -24.08
N VAL D 211 -3.07 -17.04 -22.94
CA VAL D 211 -3.78 -18.28 -22.66
C VAL D 211 -5.28 -18.00 -22.63
N GLN D 212 -5.97 -18.46 -23.68
CA GLN D 212 -7.40 -18.19 -23.83
C GLN D 212 -8.20 -19.19 -22.98
N PRO D 213 -9.35 -18.74 -22.45
CA PRO D 213 -10.24 -19.55 -21.58
C PRO D 213 -11.14 -20.51 -22.37
N THR D 214 -10.57 -21.65 -22.76
CA THR D 214 -11.30 -22.67 -23.50
C THR D 214 -12.09 -23.67 -22.65
N ASN D 215 -11.49 -24.10 -21.56
CA ASN D 215 -11.96 -25.18 -20.67
C ASN D 215 -12.34 -24.97 -19.19
N ASN D 216 -12.53 -23.74 -18.72
CA ASN D 216 -12.82 -23.54 -17.30
C ASN D 216 -11.63 -23.92 -16.42
N THR D 217 -10.44 -23.49 -16.81
CA THR D 217 -9.25 -23.83 -16.05
C THR D 217 -8.82 -22.62 -15.24
N PHE D 218 -8.57 -22.81 -13.95
CA PHE D 218 -8.01 -21.75 -13.11
C PHE D 218 -6.59 -21.39 -13.55
N GLN D 219 -6.36 -20.12 -13.83
CA GLN D 219 -5.02 -19.69 -14.24
C GLN D 219 -4.45 -18.85 -13.08
N ASP D 220 -3.12 -18.84 -12.90
CA ASP D 220 -2.53 -17.99 -11.86
C ASP D 220 -2.91 -16.53 -12.14
N PHE D 221 -3.27 -15.81 -11.09
CA PHE D 221 -3.59 -14.40 -11.23
C PHE D 221 -2.98 -13.61 -10.09
N ASP D 222 -2.30 -12.53 -10.41
CA ASP D 222 -1.61 -11.77 -9.37
C ASP D 222 -1.78 -10.26 -9.63
N ILE D 223 -2.05 -9.50 -8.58
CA ILE D 223 -2.04 -8.07 -8.67
C ILE D 223 -1.11 -7.60 -7.56
N ASN D 224 -0.03 -6.94 -7.96
CA ASN D 224 0.95 -6.46 -7.00
C ASN D 224 1.08 -4.96 -7.09
N TYR D 225 1.08 -4.27 -5.97
CA TYR D 225 1.16 -2.81 -5.99
C TYR D 225 2.22 -2.35 -5.00
N ASN D 226 3.09 -1.46 -5.47
CA ASN D 226 4.21 -0.97 -4.67
C ASN D 226 3.86 0.41 -4.16
N GLY D 227 3.76 0.57 -2.84
CA GLY D 227 3.35 1.84 -2.26
C GLY D 227 4.27 3.03 -2.47
N ASP D 228 5.57 2.78 -2.67
CA ASP D 228 6.51 3.86 -2.96
C ASP D 228 6.54 4.30 -4.42
N THR D 229 6.64 3.33 -5.33
CA THR D 229 6.77 3.67 -6.75
C THR D 229 5.41 3.90 -7.40
N LYS D 230 4.35 3.47 -6.72
CA LYS D 230 2.98 3.53 -7.23
C LYS D 230 2.79 2.62 -8.44
N VAL D 231 3.63 1.61 -8.57
CA VAL D 231 3.54 0.73 -9.72
C VAL D 231 2.65 -0.48 -9.45
N MSE D 232 1.67 -0.70 -10.33
CA MSE D 232 0.77 -1.84 -10.24
C MSE D 232 1.14 -2.82 -11.31
O MSE D 232 1.23 -2.47 -12.48
CB MSE D 232 -0.70 -1.40 -10.42
CG MSE D 232 -1.65 -2.55 -10.71
SE MSE D 232 -3.55 -2.04 -10.46
CE MSE D 232 -3.45 -1.53 -8.55
N THR D 233 1.35 -4.06 -10.90
CA THR D 233 1.73 -5.11 -11.82
C THR D 233 0.70 -6.21 -11.73
N VAL D 234 0.14 -6.58 -12.88
CA VAL D 234 -0.89 -7.60 -12.94
C VAL D 234 -0.36 -8.73 -13.80
N LYS D 235 -0.56 -9.96 -13.36
CA LYS D 235 -0.10 -11.09 -14.13
C LYS D 235 -1.19 -12.16 -14.17
N TYR D 236 -1.47 -12.61 -15.39
CA TYR D 236 -2.48 -13.66 -15.66
C TYR D 236 -1.83 -14.74 -16.51
N ALA D 237 -1.76 -15.96 -15.97
CA ALA D 237 -1.20 -17.09 -16.72
C ALA D 237 0.09 -16.74 -17.45
N GLY D 238 1.04 -16.15 -16.76
CA GLY D 238 2.34 -15.90 -17.36
C GLY D 238 2.45 -14.57 -18.11
N GLN D 239 1.32 -13.88 -18.26
CA GLN D 239 1.30 -12.61 -18.99
C GLN D 239 1.25 -11.40 -18.06
N THR D 240 2.01 -10.36 -18.38
CA THR D 240 2.17 -9.22 -17.46
C THR D 240 1.71 -7.87 -18.02
N TRP D 241 1.04 -7.08 -17.17
CA TRP D 241 0.76 -5.68 -17.45
C TRP D 241 1.32 -4.89 -16.28
N THR D 242 1.97 -3.78 -16.57
CA THR D 242 2.65 -3.02 -15.51
C THR D 242 2.51 -1.55 -15.79
N ARG D 243 2.09 -0.81 -14.78
CA ARG D 243 1.96 0.61 -15.01
C ARG D 243 2.15 1.40 -13.72
N ASN D 244 2.80 2.54 -13.83
CA ASN D 244 2.89 3.48 -12.71
C ASN D 244 1.56 4.21 -12.66
N ILE D 245 0.79 4.00 -11.60
CA ILE D 245 -0.56 4.53 -11.50
C ILE D 245 -0.71 5.83 -10.69
N SER D 246 0.41 6.48 -10.37
CA SER D 246 0.39 7.70 -9.58
C SER D 246 -0.64 8.68 -10.18
N ASP D 247 -0.81 8.67 -11.50
CA ASP D 247 -1.73 9.64 -12.12
C ASP D 247 -3.20 9.32 -11.86
N TRP D 248 -3.58 8.06 -11.99
CA TRP D 248 -4.94 7.64 -11.66
C TRP D 248 -5.27 7.83 -10.17
N ILE D 249 -4.29 7.57 -9.33
CA ILE D 249 -4.47 7.84 -7.91
C ILE D 249 -4.76 9.31 -7.66
N ALA D 250 -3.99 10.19 -8.29
CA ALA D 250 -4.21 11.62 -8.11
C ALA D 250 -5.58 12.02 -8.62
N LYS D 251 -5.94 11.48 -9.79
CA LYS D 251 -7.20 11.83 -10.41
C LYS D 251 -8.37 11.40 -9.52
N SER D 252 -8.19 10.32 -8.76
CA SER D 252 -9.28 9.82 -7.92
C SER D 252 -9.55 10.74 -6.74
N GLY D 253 -8.60 11.61 -6.41
CA GLY D 253 -8.79 12.55 -5.32
C GLY D 253 -8.54 12.01 -3.91
N THR D 254 -8.06 10.78 -3.81
CA THR D 254 -7.77 10.18 -2.50
C THR D 254 -6.62 9.21 -2.64
N THR D 255 -6.03 8.79 -1.53
CA THR D 255 -5.02 7.74 -1.54
C THR D 255 -5.50 6.40 -0.99
N ASN D 256 -6.76 6.33 -0.54
CA ASN D 256 -7.27 5.04 -0.05
C ASN D 256 -8.51 4.56 -0.81
N PHE D 257 -8.63 3.26 -0.98
CA PHE D 257 -9.52 2.77 -2.01
C PHE D 257 -10.37 1.62 -1.55
N SER D 258 -11.53 1.51 -2.17
CA SER D 258 -12.42 0.40 -1.94
C SER D 258 -12.23 -0.60 -3.07
N LEU D 259 -11.89 -1.84 -2.70
CA LEU D 259 -11.64 -2.91 -3.64
C LEU D 259 -12.88 -3.76 -3.85
N SER D 260 -13.17 -4.04 -5.12
CA SER D 260 -14.25 -4.94 -5.51
C SER D 260 -13.78 -5.86 -6.62
N MSE D 261 -14.38 -7.03 -6.67
CA MSE D 261 -14.08 -7.96 -7.74
C MSE D 261 -15.44 -8.43 -8.19
O MSE D 261 -16.20 -9.01 -7.40
CB MSE D 261 -13.24 -9.13 -7.23
CG MSE D 261 -12.05 -8.73 -6.35
SE MSE D 261 -11.09 -10.41 -5.85
CE MSE D 261 -9.59 -9.61 -4.83
N THR D 262 -15.73 -8.21 -9.46
CA THR D 262 -17.10 -8.29 -9.93
C THR D 262 -17.18 -8.94 -11.28
N ALA D 263 -18.14 -9.81 -11.47
CA ALA D 263 -18.34 -10.39 -12.81
C ALA D 263 -19.80 -10.47 -13.12
N SER D 264 -20.13 -10.58 -14.40
CA SER D 264 -21.50 -10.70 -14.80
C SER D 264 -21.60 -11.50 -16.08
N THR D 265 -22.82 -11.91 -16.36
CA THR D 265 -23.19 -12.44 -17.67
C THR D 265 -24.43 -11.73 -18.17
N GLY D 266 -24.53 -11.69 -19.49
CA GLY D 266 -25.68 -11.31 -20.28
C GLY D 266 -26.32 -12.48 -21.01
N GLY D 267 -26.55 -12.23 -22.30
CA GLY D 267 -26.78 -13.31 -23.24
C GLY D 267 -25.47 -14.05 -23.41
N ALA D 268 -24.36 -13.32 -23.27
CA ALA D 268 -23.04 -13.95 -23.29
C ALA D 268 -22.69 -14.37 -21.87
N THR D 269 -22.08 -15.56 -21.72
CA THR D 269 -21.94 -16.14 -20.41
C THR D 269 -20.65 -16.93 -20.23
N ASN D 270 -20.37 -17.26 -18.97
CA ASN D 270 -19.23 -18.07 -18.57
C ASN D 270 -19.33 -18.33 -17.07
N LEU D 271 -18.71 -19.41 -16.64
CA LEU D 271 -18.50 -19.67 -15.24
C LEU D 271 -17.32 -18.80 -14.91
N GLN D 272 -17.46 -17.94 -13.90
CA GLN D 272 -16.44 -16.95 -13.60
C GLN D 272 -16.13 -16.96 -12.11
N GLN D 273 -14.88 -17.27 -11.79
CA GLN D 273 -14.50 -17.57 -10.42
C GLN D 273 -13.14 -16.99 -10.05
N VAL D 274 -13.00 -16.61 -8.79
CA VAL D 274 -11.72 -16.17 -8.26
C VAL D 274 -11.37 -17.07 -7.07
N GLN D 275 -10.17 -17.64 -7.09
CA GLN D 275 -9.74 -18.51 -6.00
C GLN D 275 -8.70 -17.86 -5.07
N PHE D 276 -9.02 -17.80 -3.77
CA PHE D 276 -8.04 -17.38 -2.72
C PHE D 276 -7.25 -18.59 -2.24
N GLY D 277 -5.92 -18.52 -2.21
CA GLY D 277 -5.19 -17.31 -2.52
C GLY D 277 -5.16 -16.37 -1.32
N THR D 278 -4.48 -15.25 -1.48
CA THR D 278 -4.39 -14.28 -0.39
C THR D 278 -4.52 -12.85 -0.90
N PHE D 279 -4.97 -11.95 -0.04
CA PHE D 279 -4.86 -10.56 -0.39
C PHE D 279 -4.28 -9.82 0.79
N GLU D 280 -3.15 -9.17 0.59
CA GLU D 280 -2.47 -8.45 1.66
C GLU D 280 -2.52 -6.93 1.41
N TYR D 281 -2.88 -6.18 2.44
CA TYR D 281 -2.99 -4.74 2.32
C TYR D 281 -2.78 -4.09 3.67
N THR D 282 -2.55 -2.78 3.68
CA THR D 282 -2.52 -2.05 4.93
C THR D 282 -3.80 -1.23 5.03
N GLU D 283 -4.45 -1.25 6.20
CA GLU D 283 -5.74 -0.60 6.42
C GLU D 283 -5.67 0.92 6.34
N SER D 284 -6.78 1.52 5.94
CA SER D 284 -6.95 2.95 6.08
C SER D 284 -8.36 3.16 6.64
N ALA D 285 -8.60 4.30 7.28
CA ALA D 285 -9.95 4.62 7.74
C ALA D 285 -10.49 3.54 8.68
N VAL D 286 -9.69 3.19 9.68
CA VAL D 286 -10.07 2.24 10.70
C VAL D 286 -9.84 2.82 12.08
N THR D 287 -10.51 2.25 13.07
CA THR D 287 -10.12 2.41 14.48
C THR D 287 -9.91 1.05 15.13
N GLN D 288 -8.79 0.89 15.84
CA GLN D 288 -8.54 -0.32 16.61
C GLN D 288 -9.13 -0.07 18.00
N VAL D 289 -9.78 -1.06 18.59
CA VAL D 289 -10.29 -0.89 19.93
C VAL D 289 -9.72 -2.03 20.75
N ARG D 290 -8.99 -1.67 21.80
CA ARG D 290 -8.37 -2.66 22.67
C ARG D 290 -9.07 -2.73 24.03
N TYR D 291 -9.09 -3.92 24.62
CA TYR D 291 -9.67 -4.09 25.94
C TYR D 291 -8.59 -4.67 26.87
N VAL D 292 -8.11 -3.84 27.80
CA VAL D 292 -6.86 -4.14 28.47
C VAL D 292 -6.98 -4.23 30.00
N ASP D 293 -6.30 -5.22 30.57
CA ASP D 293 -6.29 -5.44 32.01
C ASP D 293 -5.31 -4.41 32.56
N VAL D 294 -5.81 -3.49 33.36
CA VAL D 294 -4.98 -2.36 33.77
C VAL D 294 -3.73 -2.84 34.51
N THR D 295 -3.84 -3.99 35.15
CA THR D 295 -2.74 -4.60 35.89
C THR D 295 -1.66 -5.18 34.97
N THR D 296 -2.01 -6.20 34.20
CA THR D 296 -1.05 -6.93 33.39
C THR D 296 -0.66 -6.22 32.10
N GLY D 297 -1.52 -5.32 31.64
CA GLY D 297 -1.32 -4.68 30.35
C GLY D 297 -1.70 -5.61 29.20
N LYS D 298 -2.22 -6.78 29.52
CA LYS D 298 -2.61 -7.76 28.50
C LYS D 298 -4.05 -7.58 28.01
N ASP D 299 -4.27 -7.84 26.72
CA ASP D 299 -5.62 -7.86 26.18
C ASP D 299 -6.46 -8.84 26.98
N ILE D 300 -7.64 -8.42 27.41
CA ILE D 300 -8.60 -9.30 28.05
C ILE D 300 -9.36 -10.12 27.02
N ILE D 301 -9.72 -9.45 25.93
CA ILE D 301 -10.29 -10.10 24.76
C ILE D 301 -9.51 -9.56 23.56
N PRO D 302 -9.63 -10.21 22.40
CA PRO D 302 -8.80 -9.73 21.29
C PRO D 302 -9.27 -8.35 20.84
N PRO D 303 -8.37 -7.59 20.24
CA PRO D 303 -8.73 -6.23 19.81
C PRO D 303 -9.76 -6.28 18.69
N LYS D 304 -10.60 -5.25 18.60
CA LYS D 304 -11.60 -5.17 17.55
C LYS D 304 -11.24 -4.03 16.58
N THR D 305 -11.44 -4.26 15.29
CA THR D 305 -11.19 -3.25 14.28
C THR D 305 -12.49 -2.80 13.66
N TYR D 306 -12.73 -1.50 13.70
CA TYR D 306 -13.88 -0.91 13.03
C TYR D 306 -13.38 -0.24 11.75
N SER D 307 -14.10 -0.47 10.64
CA SER D 307 -13.77 0.10 9.33
C SER D 307 -14.89 1.00 8.86
N GLY D 308 -14.54 1.99 8.04
CA GLY D 308 -15.52 2.93 7.53
C GLY D 308 -14.95 3.72 6.37
N ASN D 309 -15.75 4.62 5.81
CA ASN D 309 -15.25 5.61 4.87
C ASN D 309 -14.62 6.79 5.58
N VAL D 310 -13.76 7.51 4.88
CA VAL D 310 -13.19 8.69 5.48
C VAL D 310 -14.34 9.64 5.82
N ASP D 311 -14.31 10.19 7.04
CA ASP D 311 -15.35 11.09 7.57
C ASP D 311 -16.59 10.36 8.07
N GLN D 312 -16.62 9.04 7.97
CA GLN D 312 -17.78 8.33 8.50
C GLN D 312 -17.69 8.26 10.03
N VAL D 313 -18.77 8.65 10.72
CA VAL D 313 -18.82 8.48 12.19
C VAL D 313 -19.37 7.10 12.48
N VAL D 314 -18.69 6.37 13.34
CA VAL D 314 -19.01 4.99 13.61
C VAL D 314 -19.10 4.84 15.14
N THR D 315 -20.08 4.09 15.61
CA THR D 315 -20.19 3.82 17.05
C THR D 315 -19.34 2.62 17.40
N ILE D 316 -18.57 2.70 18.48
CA ILE D 316 -17.72 1.57 18.87
C ILE D 316 -18.19 0.99 20.22
N ASP D 317 -17.80 -0.24 20.52
CA ASP D 317 -18.32 -0.92 21.69
C ASP D 317 -17.23 -1.11 22.74
N ASN D 318 -17.41 -0.55 23.94
CA ASN D 318 -16.44 -0.76 25.03
C ASN D 318 -16.56 -2.16 25.70
N GLN D 319 -17.59 -2.90 25.33
CA GLN D 319 -17.82 -4.24 25.87
C GLN D 319 -17.88 -4.33 27.41
N GLN D 320 -18.44 -3.30 28.05
CA GLN D 320 -18.60 -3.29 29.51
C GLN D 320 -19.30 -4.57 30.00
N SER D 321 -20.47 -4.84 29.46
CA SER D 321 -21.25 -6.00 29.88
C SER D 321 -20.45 -7.28 29.72
N ALA D 322 -19.97 -7.53 28.51
CA ALA D 322 -19.30 -8.78 28.25
C ALA D 322 -18.16 -8.97 29.25
N LEU D 323 -17.40 -7.92 29.52
CA LEU D 323 -16.28 -8.04 30.46
C LEU D 323 -16.74 -8.13 31.92
N THR D 324 -17.84 -7.44 32.24
CA THR D 324 -18.38 -7.44 33.60
C THR D 324 -19.19 -8.68 33.85
N ALA D 325 -19.52 -9.40 32.78
CA ALA D 325 -20.07 -10.74 32.89
C ALA D 325 -18.90 -11.68 33.24
N LYS D 326 -17.70 -11.13 33.16
CA LYS D 326 -16.49 -11.88 33.46
C LYS D 326 -15.87 -11.16 34.67
N GLY D 327 -14.63 -11.53 35.03
CA GLY D 327 -13.95 -11.00 36.21
C GLY D 327 -13.43 -9.55 36.22
N TYR D 328 -13.78 -8.76 35.19
CA TYR D 328 -13.31 -7.37 35.06
C TYR D 328 -14.38 -6.29 35.12
N ASN D 329 -14.01 -5.12 35.65
CA ASN D 329 -14.85 -3.90 35.57
C ASN D 329 -14.05 -2.73 34.99
N TYR D 330 -14.78 -1.74 34.47
CA TYR D 330 -14.24 -0.56 33.80
C TYR D 330 -13.47 0.39 34.71
N THR D 331 -12.26 0.75 34.29
CA THR D 331 -11.45 1.77 34.99
C THR D 331 -11.30 3.08 34.19
N SER D 332 -10.73 3.01 33.00
CA SER D 332 -10.60 4.23 32.20
C SER D 332 -10.53 3.98 30.69
N VAL D 333 -10.50 5.07 29.93
CA VAL D 333 -10.28 5.02 28.49
C VAL D 333 -9.10 5.89 28.10
N ASP D 334 -8.26 5.38 27.21
CA ASP D 334 -7.19 6.16 26.62
C ASP D 334 -7.47 6.33 25.10
N SER D 335 -7.87 7.54 24.73
CA SER D 335 -8.11 7.93 23.35
C SER D 335 -6.98 8.75 22.72
N SER D 336 -5.81 8.78 23.35
CA SER D 336 -4.75 9.65 22.84
C SER D 336 -4.41 9.38 21.36
N TYR D 337 -4.57 8.12 20.94
CA TYR D 337 -4.41 7.75 19.52
C TYR D 337 -5.70 7.80 18.69
N ALA D 338 -6.76 8.37 19.25
CA ALA D 338 -7.90 8.70 18.43
C ALA D 338 -8.38 10.12 18.72
N SER D 339 -7.99 11.09 17.90
CA SER D 339 -8.31 12.47 18.24
C SER D 339 -9.78 12.76 18.05
N THR D 340 -10.46 11.91 17.27
CA THR D 340 -11.87 12.13 16.97
C THR D 340 -12.81 11.49 18.00
N TYR D 341 -12.25 10.74 18.95
CA TYR D 341 -13.08 9.96 19.86
C TYR D 341 -14.02 10.82 20.71
N ASN D 342 -15.28 10.45 20.71
CA ASN D 342 -16.26 11.10 21.57
C ASN D 342 -16.76 10.06 22.57
N ASP D 343 -16.38 10.24 23.83
CA ASP D 343 -16.69 9.25 24.86
C ASP D 343 -18.16 9.30 25.30
N THR D 344 -18.81 10.43 25.07
CA THR D 344 -20.22 10.54 25.41
C THR D 344 -21.05 9.64 24.50
N ASN D 345 -20.80 9.72 23.19
CA ASN D 345 -21.51 8.87 22.22
C ASN D 345 -20.82 7.57 21.86
N LYS D 346 -19.61 7.38 22.38
CA LYS D 346 -18.80 6.22 22.00
C LYS D 346 -18.60 6.20 20.48
N THR D 347 -18.25 7.34 19.89
CA THR D 347 -18.01 7.38 18.45
C THR D 347 -16.59 7.78 18.10
N VAL D 348 -16.21 7.44 16.87
CA VAL D 348 -15.02 7.98 16.23
C VAL D 348 -15.41 8.40 14.83
N LYS D 349 -14.61 9.30 14.26
CA LYS D 349 -14.79 9.73 12.88
C LYS D 349 -13.57 9.28 12.09
N MSE D 350 -13.78 8.45 11.06
CA MSE D 350 -12.65 7.81 10.40
C MSE D 350 -11.85 8.88 9.65
O MSE D 350 -12.42 9.84 9.13
CB MSE D 350 -13.13 6.76 9.40
CG MSE D 350 -13.91 5.60 10.04
SE MSE D 350 -12.92 4.73 11.49
CE MSE D 350 -14.20 3.32 11.97
N THR D 351 -10.54 8.67 9.58
CA THR D 351 -9.66 9.55 8.82
C THR D 351 -8.89 8.69 7.84
N ASN D 352 -8.07 9.30 6.99
CA ASN D 352 -7.21 8.53 6.11
C ASN D 352 -6.35 7.53 6.90
N ALA D 353 -5.69 8.03 7.95
CA ALA D 353 -4.87 7.21 8.84
C ALA D 353 -5.72 6.50 9.88
N GLY D 354 -5.18 5.38 10.40
CA GLY D 354 -5.86 4.65 11.45
C GLY D 354 -5.89 5.37 12.80
N GLN D 355 -6.79 4.93 13.66
CA GLN D 355 -6.91 5.47 15.02
C GLN D 355 -6.98 4.30 15.99
N SER D 356 -6.74 4.57 17.27
CA SER D 356 -6.79 3.52 18.26
C SER D 356 -7.38 4.05 19.53
N VAL D 357 -8.26 3.25 20.15
CA VAL D 357 -8.85 3.56 21.45
C VAL D 357 -8.59 2.36 22.36
N THR D 358 -8.08 2.60 23.57
CA THR D 358 -7.92 1.52 24.53
C THR D 358 -8.83 1.71 25.74
N TYR D 359 -9.64 0.70 26.02
CA TYR D 359 -10.47 0.67 27.21
C TYR D 359 -9.81 -0.21 28.27
N TYR D 360 -9.68 0.33 29.49
CA TYR D 360 -8.99 -0.32 30.60
C TYR D 360 -9.95 -0.90 31.65
N PHE D 361 -9.64 -2.10 32.10
CA PHE D 361 -10.46 -2.81 33.09
C PHE D 361 -9.59 -3.40 34.19
N THR D 362 -10.21 -3.73 35.32
CA THR D 362 -9.43 -4.31 36.41
C THR D 362 -10.04 -5.58 37.01
N ASP D 363 -9.20 -6.60 37.22
CA ASP D 363 -9.64 -7.81 37.95
C ASP D 363 -9.23 -7.87 39.42
N VAL D 364 -8.61 -6.81 39.94
CA VAL D 364 -8.19 -6.79 41.34
C VAL D 364 -9.36 -6.96 42.31
CA CA E . 32.95 -10.55 6.51
C1 GOL F . 28.05 -18.07 6.00
O1 GOL F . 27.97 -16.98 5.12
C2 GOL F . 27.41 -17.55 7.27
O2 GOL F . 26.57 -18.52 7.83
C3 GOL F . 28.47 -17.02 8.23
O3 GOL F . 28.00 -17.14 9.56
C1 GOL G . 34.06 -17.91 2.29
O1 GOL G . 34.41 -17.41 1.01
C2 GOL G . 35.29 -18.01 3.19
O2 GOL G . 36.34 -17.14 2.80
C3 GOL G . 34.88 -17.69 4.63
O3 GOL G . 35.49 -18.61 5.50
CA CA H . 18.56 24.52 -12.58
C1 GOL I . 23.71 30.48 -13.62
O1 GOL I . 24.93 30.19 -14.30
C2 GOL I . 23.48 32.00 -13.51
O2 GOL I . 24.29 32.69 -14.44
C3 GOL I . 22.05 32.29 -13.95
O3 GOL I . 21.15 31.93 -12.94
C1 GOL J . 21.24 29.76 -6.68
O1 GOL J . 21.88 28.66 -6.07
C2 GOL J . 19.72 29.63 -6.66
O2 GOL J . 19.16 28.97 -5.53
C3 GOL J . 19.09 31.02 -6.88
O3 GOL J . 17.69 30.96 -6.73
CA CA K . -32.70 -30.18 22.13
C1 GOL L . -23.56 -33.40 18.84
O1 GOL L . -24.12 -34.59 18.35
C2 GOL L . -24.70 -32.66 19.49
O2 GOL L . -24.73 -33.04 20.84
C3 GOL L . -25.99 -33.09 18.75
O3 GOL L . -25.90 -32.67 17.40
CA CA M . -16.15 -6.23 -23.23
C1 GOL N . -25.87 -9.57 -23.81
O1 GOL N . -25.43 -10.73 -24.47
C2 GOL N . -24.66 -8.70 -23.68
O2 GOL N . -24.91 -7.76 -22.66
C3 GOL N . -23.41 -9.57 -23.39
O3 GOL N . -23.61 -10.48 -22.31
#